data_2EF2
# 
_entry.id   2EF2 
# 
_audit_conform.dict_name       mmcif_pdbx.dic 
_audit_conform.dict_version    5.380 
_audit_conform.dict_location   http://mmcif.pdb.org/dictionaries/ascii/mmcif_pdbx.dic 
# 
loop_
_database_2.database_id 
_database_2.database_code 
_database_2.pdbx_database_accession 
_database_2.pdbx_DOI 
PDB   2EF2         pdb_00002ef2 10.2210/pdb2ef2/pdb 
RCSB  RCSB026585   ?            ?                   
WWPDB D_1000026585 ?            ?                   
# 
_pdbx_database_status.status_code                     REL 
_pdbx_database_status.entry_id                        2EF2 
_pdbx_database_status.recvd_initial_deposition_date   2007-02-20 
_pdbx_database_status.deposit_site                    PDBJ 
_pdbx_database_status.process_site                    PDBJ 
_pdbx_database_status.status_code_sf                  REL 
_pdbx_database_status.status_code_mr                  ? 
_pdbx_database_status.SG_entry                        ? 
_pdbx_database_status.pdb_format_compatible           Y 
_pdbx_database_status.status_code_cs                  ? 
_pdbx_database_status.status_code_nmr_data            ? 
_pdbx_database_status.methods_development_category    ? 
# 
loop_
_audit_author.name 
_audit_author.pdbx_ordinal 
'Abe, S.'      1 
'Satake, Y.'   2 
'Okazaki, S.'  3 
'Ueno, T.'     4 
'Hikage, T.'   5 
'Suzuki, A.'   6 
'Yamane, T.'   7 
'Nakajima, H.' 8 
'Watanabe, Y.' 9 
# 
_citation.id                        primary 
_citation.title                     
;Incorporation of a Phebox Rhodium Complex into apo-Myoglobin Affords a Stable Organometallic Protein Showing Unprecedented Arrangement of the Complex in the Cavity
;
_citation.journal_abbrev            ORGANOMETALLICS 
_citation.journal_volume            26 
_citation.page_first                4904 
_citation.page_last                 4908 
_citation.year                      2007 
_citation.journal_id_ASTM           ? 
_citation.country                   US 
_citation.journal_id_ISSN           0276-7333 
_citation.journal_id_CSD            ? 
_citation.book_publisher            ? 
_citation.pdbx_database_id_PubMed   -1 
_citation.pdbx_database_id_DOI      10.1021/om700471a 
# 
loop_
_citation_author.citation_id 
_citation_author.name 
_citation_author.ordinal 
_citation_author.identifier_ORCID 
primary 'Satake, Y.'    1  ? 
primary 'Abe, S.'       2  ? 
primary 'Okazaki, S.'   3  ? 
primary 'Ban, N.'       4  ? 
primary 'Hikage, T.'    5  ? 
primary 'Ueno, T.'      6  ? 
primary 'Nakajima, H.'  7  ? 
primary 'Suzuki, A.'    8  ? 
primary 'Yamane, T.'    9  ? 
primary 'Nishiyama, H.' 10 ? 
primary 'Watanabe, Y.'  11 ? 
# 
_cell.entry_id           2EF2 
_cell.length_a           33.046 
_cell.length_b           57.820 
_cell.length_c           75.426 
_cell.angle_alpha        90.00 
_cell.angle_beta         90.00 
_cell.angle_gamma        90.00 
_cell.Z_PDB              4 
_cell.pdbx_unique_axis   ? 
_cell.length_a_esd       ? 
_cell.length_b_esd       ? 
_cell.length_c_esd       ? 
_cell.angle_alpha_esd    ? 
_cell.angle_beta_esd     ? 
_cell.angle_gamma_esd    ? 
# 
_symmetry.entry_id                         2EF2 
_symmetry.space_group_name_H-M             'P 21 21 21' 
_symmetry.pdbx_full_space_group_name_H-M   ? 
_symmetry.cell_setting                     ? 
_symmetry.Int_Tables_number                19 
_symmetry.space_group_name_Hall            ? 
# 
loop_
_entity.id 
_entity.type 
_entity.src_method 
_entity.pdbx_description 
_entity.formula_weight 
_entity.pdbx_number_of_molecules 
_entity.pdbx_ec 
_entity.pdbx_mutation 
_entity.pdbx_fragment 
_entity.details 
1 polymer     man Myoglobin                                           17352.123 1   ? A71G ? ? 
2 non-polymer syn 'PHOSPHATE ION'                                     94.971    3   ? ?    ? ? 
3 non-polymer syn '[2,6-BIS(4-PHENYL)-1,3-OXAZOLIN-2-YL]RHODIUM(III)' 470.325   1   ? ?    ? ? 
4 water       nat water                                               18.015    113 ? ?    ? ? 
# 
_entity_poly.entity_id                      1 
_entity_poly.type                           'polypeptide(L)' 
_entity_poly.nstd_linkage                   no 
_entity_poly.nstd_monomer                   no 
_entity_poly.pdbx_seq_one_letter_code       
;MVLSEGEWQLVLHVWAKVEADVAGHGQDILIRLFKSHPETLEKFDRFKHLKTEAEMKASEDLKKHGVTVLTGLGAILKKK
GHHEAELKPLAQSHATKHKIPIKYLEFISEAIIHVLHSRHPGDFGADAQGAMNKALELFRKDIAAKYKELGYQG
;
_entity_poly.pdbx_seq_one_letter_code_can   
;MVLSEGEWQLVLHVWAKVEADVAGHGQDILIRLFKSHPETLEKFDRFKHLKTEAEMKASEDLKKHGVTVLTGLGAILKKK
GHHEAELKPLAQSHATKHKIPIKYLEFISEAIIHVLHSRHPGDFGADAQGAMNKALELFRKDIAAKYKELGYQG
;
_entity_poly.pdbx_strand_id                 A 
_entity_poly.pdbx_target_identifier         ? 
# 
loop_
_entity_poly_seq.entity_id 
_entity_poly_seq.num 
_entity_poly_seq.mon_id 
_entity_poly_seq.hetero 
1 1   MET n 
1 2   VAL n 
1 3   LEU n 
1 4   SER n 
1 5   GLU n 
1 6   GLY n 
1 7   GLU n 
1 8   TRP n 
1 9   GLN n 
1 10  LEU n 
1 11  VAL n 
1 12  LEU n 
1 13  HIS n 
1 14  VAL n 
1 15  TRP n 
1 16  ALA n 
1 17  LYS n 
1 18  VAL n 
1 19  GLU n 
1 20  ALA n 
1 21  ASP n 
1 22  VAL n 
1 23  ALA n 
1 24  GLY n 
1 25  HIS n 
1 26  GLY n 
1 27  GLN n 
1 28  ASP n 
1 29  ILE n 
1 30  LEU n 
1 31  ILE n 
1 32  ARG n 
1 33  LEU n 
1 34  PHE n 
1 35  LYS n 
1 36  SER n 
1 37  HIS n 
1 38  PRO n 
1 39  GLU n 
1 40  THR n 
1 41  LEU n 
1 42  GLU n 
1 43  LYS n 
1 44  PHE n 
1 45  ASP n 
1 46  ARG n 
1 47  PHE n 
1 48  LYS n 
1 49  HIS n 
1 50  LEU n 
1 51  LYS n 
1 52  THR n 
1 53  GLU n 
1 54  ALA n 
1 55  GLU n 
1 56  MET n 
1 57  LYS n 
1 58  ALA n 
1 59  SER n 
1 60  GLU n 
1 61  ASP n 
1 62  LEU n 
1 63  LYS n 
1 64  LYS n 
1 65  HIS n 
1 66  GLY n 
1 67  VAL n 
1 68  THR n 
1 69  VAL n 
1 70  LEU n 
1 71  THR n 
1 72  GLY n 
1 73  LEU n 
1 74  GLY n 
1 75  ALA n 
1 76  ILE n 
1 77  LEU n 
1 78  LYS n 
1 79  LYS n 
1 80  LYS n 
1 81  GLY n 
1 82  HIS n 
1 83  HIS n 
1 84  GLU n 
1 85  ALA n 
1 86  GLU n 
1 87  LEU n 
1 88  LYS n 
1 89  PRO n 
1 90  LEU n 
1 91  ALA n 
1 92  GLN n 
1 93  SER n 
1 94  HIS n 
1 95  ALA n 
1 96  THR n 
1 97  LYS n 
1 98  HIS n 
1 99  LYS n 
1 100 ILE n 
1 101 PRO n 
1 102 ILE n 
1 103 LYS n 
1 104 TYR n 
1 105 LEU n 
1 106 GLU n 
1 107 PHE n 
1 108 ILE n 
1 109 SER n 
1 110 GLU n 
1 111 ALA n 
1 112 ILE n 
1 113 ILE n 
1 114 HIS n 
1 115 VAL n 
1 116 LEU n 
1 117 HIS n 
1 118 SER n 
1 119 ARG n 
1 120 HIS n 
1 121 PRO n 
1 122 GLY n 
1 123 ASP n 
1 124 PHE n 
1 125 GLY n 
1 126 ALA n 
1 127 ASP n 
1 128 ALA n 
1 129 GLN n 
1 130 GLY n 
1 131 ALA n 
1 132 MET n 
1 133 ASN n 
1 134 LYS n 
1 135 ALA n 
1 136 LEU n 
1 137 GLU n 
1 138 LEU n 
1 139 PHE n 
1 140 ARG n 
1 141 LYS n 
1 142 ASP n 
1 143 ILE n 
1 144 ALA n 
1 145 ALA n 
1 146 LYS n 
1 147 TYR n 
1 148 LYS n 
1 149 GLU n 
1 150 LEU n 
1 151 GLY n 
1 152 TYR n 
1 153 GLN n 
1 154 GLY n 
# 
_entity_src_gen.entity_id                          1 
_entity_src_gen.pdbx_src_id                        1 
_entity_src_gen.pdbx_alt_source_flag               sample 
_entity_src_gen.pdbx_seq_type                      ? 
_entity_src_gen.pdbx_beg_seq_num                   ? 
_entity_src_gen.pdbx_end_seq_num                   ? 
_entity_src_gen.gene_src_common_name               'sperm whale' 
_entity_src_gen.gene_src_genus                     Physeter 
_entity_src_gen.pdbx_gene_src_gene                 ? 
_entity_src_gen.gene_src_species                   ? 
_entity_src_gen.gene_src_strain                    ? 
_entity_src_gen.gene_src_tissue                    ? 
_entity_src_gen.gene_src_tissue_fraction           ? 
_entity_src_gen.gene_src_details                   ? 
_entity_src_gen.pdbx_gene_src_fragment             ? 
_entity_src_gen.pdbx_gene_src_scientific_name      'Physeter catodon' 
_entity_src_gen.pdbx_gene_src_ncbi_taxonomy_id     9755 
_entity_src_gen.pdbx_gene_src_variant              ? 
_entity_src_gen.pdbx_gene_src_cell_line            ? 
_entity_src_gen.pdbx_gene_src_atcc                 ? 
_entity_src_gen.pdbx_gene_src_organ                ? 
_entity_src_gen.pdbx_gene_src_organelle            ? 
_entity_src_gen.pdbx_gene_src_cell                 ? 
_entity_src_gen.pdbx_gene_src_cellular_location    ? 
_entity_src_gen.host_org_common_name               ? 
_entity_src_gen.pdbx_host_org_scientific_name      'Escherichia coli' 
_entity_src_gen.pdbx_host_org_ncbi_taxonomy_id     562 
_entity_src_gen.host_org_genus                     Escherichia 
_entity_src_gen.pdbx_host_org_gene                 ? 
_entity_src_gen.pdbx_host_org_organ                ? 
_entity_src_gen.host_org_species                   ? 
_entity_src_gen.pdbx_host_org_tissue               ? 
_entity_src_gen.pdbx_host_org_tissue_fraction      ? 
_entity_src_gen.pdbx_host_org_strain               TB-1 
_entity_src_gen.pdbx_host_org_variant              ? 
_entity_src_gen.pdbx_host_org_cell_line            ? 
_entity_src_gen.pdbx_host_org_atcc                 ? 
_entity_src_gen.pdbx_host_org_culture_collection   ? 
_entity_src_gen.pdbx_host_org_cell                 ? 
_entity_src_gen.pdbx_host_org_organelle            ? 
_entity_src_gen.pdbx_host_org_cellular_location    ? 
_entity_src_gen.pdbx_host_org_vector_type          PLASMID 
_entity_src_gen.pdbx_host_org_vector               ? 
_entity_src_gen.host_org_details                   ? 
_entity_src_gen.expression_system_id               ? 
_entity_src_gen.plasmid_name                       PUC19 
_entity_src_gen.plasmid_details                    ? 
_entity_src_gen.pdbx_description                   ? 
# 
_struct_ref.id                         1 
_struct_ref.db_name                    UNP 
_struct_ref.db_code                    MYG_PHYCA 
_struct_ref.pdbx_db_accession          P02185 
_struct_ref.entity_id                  1 
_struct_ref.pdbx_seq_one_letter_code   
;MVLSEGEWQLVLHVWAKVEADVAGHGQDILIRLFKSHPETLEKFDRFKHLKTEAEMKASEDLKKHGVTVLTALGAILKKK
GHHEAELKPLAQSHATKHKIPIKYLEFISEAIIHVLHSRHPGDFGADAQGAMNKALELFRKDIAAKYKELGYQG
;
_struct_ref.pdbx_align_begin           1 
_struct_ref.pdbx_db_isoform            ? 
# 
_struct_ref_seq.align_id                      1 
_struct_ref_seq.ref_id                        1 
_struct_ref_seq.pdbx_PDB_id_code              2EF2 
_struct_ref_seq.pdbx_strand_id                A 
_struct_ref_seq.seq_align_beg                 1 
_struct_ref_seq.pdbx_seq_align_beg_ins_code   ? 
_struct_ref_seq.seq_align_end                 154 
_struct_ref_seq.pdbx_seq_align_end_ins_code   ? 
_struct_ref_seq.pdbx_db_accession             P02185 
_struct_ref_seq.db_align_beg                  1 
_struct_ref_seq.pdbx_db_align_beg_ins_code    ? 
_struct_ref_seq.db_align_end                  154 
_struct_ref_seq.pdbx_db_align_end_ins_code    ? 
_struct_ref_seq.pdbx_auth_seq_align_beg       0 
_struct_ref_seq.pdbx_auth_seq_align_end       153 
# 
_struct_ref_seq_dif.align_id                     1 
_struct_ref_seq_dif.pdbx_pdb_id_code             2EF2 
_struct_ref_seq_dif.mon_id                       GLY 
_struct_ref_seq_dif.pdbx_pdb_strand_id           A 
_struct_ref_seq_dif.seq_num                      72 
_struct_ref_seq_dif.pdbx_pdb_ins_code            ? 
_struct_ref_seq_dif.pdbx_seq_db_name             UNP 
_struct_ref_seq_dif.pdbx_seq_db_accession_code   P02185 
_struct_ref_seq_dif.db_mon_id                    ALA 
_struct_ref_seq_dif.pdbx_seq_db_seq_num          72 
_struct_ref_seq_dif.details                      'engineered mutation' 
_struct_ref_seq_dif.pdbx_auth_seq_num            71 
_struct_ref_seq_dif.pdbx_ordinal                 1 
# 
loop_
_chem_comp.id 
_chem_comp.type 
_chem_comp.mon_nstd_flag 
_chem_comp.name 
_chem_comp.pdbx_synonyms 
_chem_comp.formula 
_chem_comp.formula_weight 
ALA 'L-peptide linking' y ALANINE                                             ? 'C3 H7 N O2'       89.093  
ARG 'L-peptide linking' y ARGININE                                            ? 'C6 H15 N4 O2 1'   175.209 
ASN 'L-peptide linking' y ASPARAGINE                                          ? 'C4 H8 N2 O3'      132.118 
ASP 'L-peptide linking' y 'ASPARTIC ACID'                                     ? 'C4 H7 N O4'       133.103 
GLN 'L-peptide linking' y GLUTAMINE                                           ? 'C5 H10 N2 O3'     146.144 
GLU 'L-peptide linking' y 'GLUTAMIC ACID'                                     ? 'C5 H9 N O4'       147.129 
GLY 'peptide linking'   y GLYCINE                                             ? 'C2 H5 N O2'       75.067  
HIS 'L-peptide linking' y HISTIDINE                                           ? 'C6 H10 N3 O2 1'   156.162 
HOH non-polymer         . WATER                                               ? 'H2 O'             18.015  
ILE 'L-peptide linking' y ISOLEUCINE                                          ? 'C6 H13 N O2'      131.173 
LEU 'L-peptide linking' y LEUCINE                                             ? 'C6 H13 N O2'      131.173 
LYS 'L-peptide linking' y LYSINE                                              ? 'C6 H15 N2 O2 1'   147.195 
MET 'L-peptide linking' y METHIONINE                                          ? 'C5 H11 N O2 S'    149.211 
PHE 'L-peptide linking' y PHENYLALANINE                                       ? 'C9 H11 N O2'      165.189 
PO4 non-polymer         . 'PHOSPHATE ION'                                     ? 'O4 P -3'          94.971  
PRO 'L-peptide linking' y PROLINE                                             ? 'C5 H9 N O2'       115.130 
RHX non-polymer         . '[2,6-BIS(4-PHENYL)-1,3-OXAZOLIN-2-YL]RHODIUM(III)' 
'[2,6-BIS(4-PHENYL-4,5-DIHYDRO-1,3-OXAZOL-2-YL-KAPPAN)PHENYL-KAPPAC~1~]RHODIUM(3+)' 'C24 H19 N2 O2 Rh' 470.325 
SER 'L-peptide linking' y SERINE                                              ? 'C3 H7 N O3'       105.093 
THR 'L-peptide linking' y THREONINE                                           ? 'C4 H9 N O3'       119.119 
TRP 'L-peptide linking' y TRYPTOPHAN                                          ? 'C11 H12 N2 O2'    204.225 
TYR 'L-peptide linking' y TYROSINE                                            ? 'C9 H11 N O3'      181.189 
VAL 'L-peptide linking' y VALINE                                              ? 'C5 H11 N O2'      117.146 
# 
_exptl.entry_id          2EF2 
_exptl.method            'X-RAY DIFFRACTION' 
_exptl.crystals_number   1 
# 
_exptl_crystal.id                    1 
_exptl_crystal.density_meas          ? 
_exptl_crystal.density_Matthews      2.08 
_exptl_crystal.density_percent_sol   40.75 
_exptl_crystal.description           ? 
_exptl_crystal.F_000                 ? 
_exptl_crystal.preparation           ? 
# 
_exptl_crystal_grow.crystal_id      1 
_exptl_crystal_grow.method          'VAPOR DIFFUSION, HANGING DROP' 
_exptl_crystal_grow.temp            277 
_exptl_crystal_grow.temp_details    ? 
_exptl_crystal_grow.pH              6.8 
_exptl_crystal_grow.pdbx_details    '1.35M Sodium, Pottasium Phosphate, pH 6.8, VAPOR DIFFUSION, HANGING DROP, temperature 277K' 
_exptl_crystal_grow.pdbx_pH_range   . 
# 
_diffrn.id                     1 
_diffrn.ambient_temp           100 
_diffrn.ambient_temp_details   ? 
_diffrn.crystal_id             1 
# 
_diffrn_detector.diffrn_id              1 
_diffrn_detector.detector               'IMAGE PLATE' 
_diffrn_detector.type                   'RIGAKU RAXIS VII' 
_diffrn_detector.pdbx_collection_date   2006-06-26 
_diffrn_detector.details                ? 
# 
_diffrn_radiation.diffrn_id                        1 
_diffrn_radiation.wavelength_id                    1 
_diffrn_radiation.pdbx_monochromatic_or_laue_m_l   M 
_diffrn_radiation.monochromator                    'CONFOCAL MIRRORS' 
_diffrn_radiation.pdbx_diffrn_protocol             'SINGLE WAVELENGTH' 
_diffrn_radiation.pdbx_scattering_type             x-ray 
# 
_diffrn_radiation_wavelength.id           1 
_diffrn_radiation_wavelength.wavelength   1.5418 
_diffrn_radiation_wavelength.wt           1.0 
# 
_diffrn_source.diffrn_id                   1 
_diffrn_source.source                      'ROTATING ANODE' 
_diffrn_source.type                        RIGAKU 
_diffrn_source.pdbx_synchrotron_site       ? 
_diffrn_source.pdbx_synchrotron_beamline   ? 
_diffrn_source.pdbx_wavelength             ? 
_diffrn_source.pdbx_wavelength_list        1.5418 
# 
_reflns.entry_id                     2EF2 
_reflns.observed_criterion_sigma_F   ? 
_reflns.observed_criterion_sigma_I   0.0 
_reflns.d_resolution_high            1.80 
_reflns.d_resolution_low             80 
_reflns.number_all                   ? 
_reflns.number_obs                   13570 
_reflns.percent_possible_obs         97.1 
_reflns.pdbx_Rmerge_I_obs            0.057 
_reflns.pdbx_Rsym_value              ? 
_reflns.pdbx_netI_over_sigmaI        ? 
_reflns.B_iso_Wilson_estimate        22.865 
_reflns.pdbx_redundancy              10.9 
_reflns.R_free_details               ? 
_reflns.limit_h_max                  ? 
_reflns.limit_h_min                  ? 
_reflns.limit_k_max                  ? 
_reflns.limit_k_min                  ? 
_reflns.limit_l_max                  ? 
_reflns.limit_l_min                  ? 
_reflns.observed_criterion_F_max     ? 
_reflns.observed_criterion_F_min     ? 
_reflns.pdbx_chi_squared             ? 
_reflns.pdbx_scaling_rejects         ? 
_reflns.pdbx_diffrn_id               1 
_reflns.pdbx_ordinal                 1 
# 
_reflns_shell.d_res_high             1.80 
_reflns_shell.d_res_low              1.86 
_reflns_shell.percent_possible_all   94.6 
_reflns_shell.Rmerge_I_obs           0.293 
_reflns_shell.pdbx_Rsym_value        ? 
_reflns_shell.meanI_over_sigI_obs    ? 
_reflns_shell.pdbx_redundancy        8.1 
_reflns_shell.percent_possible_obs   ? 
_reflns_shell.number_unique_all      ? 
_reflns_shell.number_measured_all    ? 
_reflns_shell.number_measured_obs    ? 
_reflns_shell.number_unique_obs      ? 
_reflns_shell.pdbx_chi_squared       ? 
_reflns_shell.pdbx_diffrn_id         ? 
_reflns_shell.pdbx_ordinal           1 
# 
_refine.entry_id                                 2EF2 
_refine.ls_number_reflns_obs                     12868 
_refine.ls_number_reflns_all                     ? 
_refine.pdbx_ls_sigma_I                          ? 
_refine.pdbx_ls_sigma_F                          ? 
_refine.pdbx_data_cutoff_high_absF               ? 
_refine.pdbx_data_cutoff_low_absF                ? 
_refine.pdbx_data_cutoff_high_rms_absF           ? 
_refine.ls_d_res_low                             21.76 
_refine.ls_d_res_high                            1.80 
_refine.ls_percent_reflns_obs                    97.11 
_refine.ls_R_factor_obs                          0.20313 
_refine.ls_R_factor_all                          ? 
_refine.ls_R_factor_R_work                       0.1999 
_refine.ls_R_factor_R_free                       0.26421 
_refine.ls_R_factor_R_free_error                 ? 
_refine.ls_R_factor_R_free_error_details         ? 
_refine.ls_percent_reflns_R_free                 5.1 
_refine.ls_number_reflns_R_free                  685 
_refine.ls_number_parameters                     ? 
_refine.ls_number_restraints                     ? 
_refine.occupancy_min                            ? 
_refine.occupancy_max                            ? 
_refine.correlation_coeff_Fo_to_Fc               0.950 
_refine.correlation_coeff_Fo_to_Fc_free          0.918 
_refine.B_iso_mean                               26.000 
_refine.aniso_B[1][1]                            0.00 
_refine.aniso_B[2][2]                            0.00 
_refine.aniso_B[3][3]                            0.00 
_refine.aniso_B[1][2]                            0.00 
_refine.aniso_B[1][3]                            0.00 
_refine.aniso_B[2][3]                            0.00 
_refine.solvent_model_details                    MASK 
_refine.solvent_model_param_ksol                 ? 
_refine.solvent_model_param_bsol                 ? 
_refine.pdbx_solvent_vdw_probe_radii             1.20 
_refine.pdbx_solvent_ion_probe_radii             0.80 
_refine.pdbx_solvent_shrinkage_radii             0.80 
_refine.pdbx_ls_cross_valid_method               THROUGHOUT 
_refine.details                                  ? 
_refine.pdbx_starting_model                      1VFJ 
_refine.pdbx_method_to_determine_struct          'MOLECULAR REPLACEMENT' 
_refine.pdbx_isotropic_thermal_model             ? 
_refine.pdbx_stereochemistry_target_values       'MAXIMUM LIKELIHOOD' 
_refine.pdbx_stereochem_target_val_spec_case     ? 
_refine.pdbx_R_Free_selection_details            RANDOM 
_refine.pdbx_overall_ESU_R                       0.159 
_refine.pdbx_overall_ESU_R_Free                  0.160 
_refine.overall_SU_ML                            0.107 
_refine.overall_SU_B                             6.709 
_refine.ls_redundancy_reflns_obs                 ? 
_refine.B_iso_min                                ? 
_refine.B_iso_max                                ? 
_refine.overall_SU_R_Cruickshank_DPI             ? 
_refine.overall_SU_R_free                        ? 
_refine.ls_wR_factor_R_free                      ? 
_refine.ls_wR_factor_R_work                      ? 
_refine.overall_FOM_free_R_set                   ? 
_refine.overall_FOM_work_R_set                   ? 
_refine.pdbx_refine_id                           'X-RAY DIFFRACTION' 
_refine.pdbx_diffrn_id                           1 
_refine.pdbx_TLS_residual_ADP_flag               ? 
_refine.pdbx_overall_phase_error                 ? 
_refine.pdbx_overall_SU_R_free_Cruickshank_DPI   ? 
_refine.pdbx_overall_SU_R_Blow_DPI               ? 
_refine.pdbx_overall_SU_R_free_Blow_DPI          ? 
# 
_refine_hist.pdbx_refine_id                   'X-RAY DIFFRACTION' 
_refine_hist.cycle_id                         LAST 
_refine_hist.pdbx_number_atoms_protein        1215 
_refine_hist.pdbx_number_atoms_nucleic_acid   0 
_refine_hist.pdbx_number_atoms_ligand         44 
_refine_hist.number_atoms_solvent             113 
_refine_hist.number_atoms_total               1372 
_refine_hist.d_res_high                       1.80 
_refine_hist.d_res_low                        21.76 
# 
loop_
_refine_ls_restr.type 
_refine_ls_restr.dev_ideal 
_refine_ls_restr.dev_ideal_target 
_refine_ls_restr.weight 
_refine_ls_restr.number 
_refine_ls_restr.pdbx_refine_id 
_refine_ls_restr.pdbx_restraint_function 
r_bond_refined_d         0.015  0.021  ? 1290 'X-RAY DIFFRACTION' ? 
r_angle_refined_deg      1.830  1.995  ? 1743 'X-RAY DIFFRACTION' ? 
r_dihedral_angle_1_deg   5.430  5.000  ? 157  'X-RAY DIFFRACTION' ? 
r_dihedral_angle_2_deg   36.159 24.528 ? 53   'X-RAY DIFFRACTION' ? 
r_dihedral_angle_3_deg   18.069 15.000 ? 238  'X-RAY DIFFRACTION' ? 
r_dihedral_angle_4_deg   20.139 15.000 ? 4    'X-RAY DIFFRACTION' ? 
r_chiral_restr           0.093  0.200  ? 186  'X-RAY DIFFRACTION' ? 
r_gen_planes_refined     0.006  0.020  ? 947  'X-RAY DIFFRACTION' ? 
r_nbd_refined            0.220  0.200  ? 679  'X-RAY DIFFRACTION' ? 
r_nbtor_refined          0.309  0.200  ? 867  'X-RAY DIFFRACTION' ? 
r_xyhbond_nbd_refined    0.179  0.200  ? 82   'X-RAY DIFFRACTION' ? 
r_symmetry_vdw_refined   0.194  0.200  ? 32   'X-RAY DIFFRACTION' ? 
r_symmetry_hbond_refined 0.186  0.200  ? 16   'X-RAY DIFFRACTION' ? 
r_mcbond_it              1.050  1.500  ? 786  'X-RAY DIFFRACTION' ? 
r_mcangle_it             1.656  2.000  ? 1216 'X-RAY DIFFRACTION' ? 
r_scbond_it              2.566  3.000  ? 564  'X-RAY DIFFRACTION' ? 
r_scangle_it             3.964  4.500  ? 524  'X-RAY DIFFRACTION' ? 
# 
_refine_ls_shell.pdbx_total_number_of_bins_used   20 
_refine_ls_shell.d_res_high                       1.800 
_refine_ls_shell.d_res_low                        1.846 
_refine_ls_shell.number_reflns_R_work             865 
_refine_ls_shell.R_factor_R_work                  0.223 
_refine_ls_shell.percent_reflns_obs               92.13 
_refine_ls_shell.R_factor_R_free                  0.377 
_refine_ls_shell.R_factor_R_free_error            ? 
_refine_ls_shell.percent_reflns_R_free            ? 
_refine_ls_shell.number_reflns_R_free             48 
_refine_ls_shell.number_reflns_all                ? 
_refine_ls_shell.R_factor_all                     ? 
_refine_ls_shell.number_reflns_obs                ? 
_refine_ls_shell.redundancy_reflns_obs            ? 
_refine_ls_shell.pdbx_refine_id                   'X-RAY DIFFRACTION' 
# 
_struct.entry_id                  2EF2 
_struct.title                     'Crystal Structure of an Artificial Metalloprotein:Rh(Phebox-Ph)/apo-A71G Myoglobin' 
_struct.pdbx_model_details        ? 
_struct.pdbx_CASP_flag            ? 
_struct.pdbx_model_type_details   ? 
# 
_struct_keywords.entry_id        2EF2 
_struct_keywords.pdbx_keywords   'OXYGEN STORAGE/TRANSPORT' 
_struct_keywords.text            'OXYGEN STORAGE/TRANSPORT, OXYGEN STORAGE-TRANSPORT complex' 
# 
loop_
_struct_asym.id 
_struct_asym.pdbx_blank_PDB_chainid_flag 
_struct_asym.pdbx_modified 
_struct_asym.entity_id 
_struct_asym.details 
A N N 1 ? 
B N N 2 ? 
C N N 2 ? 
D N N 2 ? 
E N N 3 ? 
F N N 4 ? 
# 
_struct_biol.id        1 
_struct_biol.details   ? 
# 
loop_
_struct_conf.conf_type_id 
_struct_conf.id 
_struct_conf.pdbx_PDB_helix_id 
_struct_conf.beg_label_comp_id 
_struct_conf.beg_label_asym_id 
_struct_conf.beg_label_seq_id 
_struct_conf.pdbx_beg_PDB_ins_code 
_struct_conf.end_label_comp_id 
_struct_conf.end_label_asym_id 
_struct_conf.end_label_seq_id 
_struct_conf.pdbx_end_PDB_ins_code 
_struct_conf.beg_auth_comp_id 
_struct_conf.beg_auth_asym_id 
_struct_conf.beg_auth_seq_id 
_struct_conf.end_auth_comp_id 
_struct_conf.end_auth_asym_id 
_struct_conf.end_auth_seq_id 
_struct_conf.pdbx_PDB_helix_class 
_struct_conf.details 
_struct_conf.pdbx_PDB_helix_length 
HELX_P HELX_P1 1 SER A 4   ? GLU A 19  ? SER A 3   GLU A 18  1 ? 16 
HELX_P HELX_P2 2 ASP A 21  ? SER A 36  ? ASP A 20  SER A 35  1 ? 16 
HELX_P HELX_P3 3 PRO A 38  ? PHE A 44  ? PRO A 37  PHE A 43  5 ? 7  
HELX_P HELX_P4 4 THR A 52  ? ALA A 58  ? THR A 51  ALA A 57  1 ? 7  
HELX_P HELX_P5 5 GLU A 60  ? LYS A 79  ? GLU A 59  LYS A 78  1 ? 20 
HELX_P HELX_P6 6 HIS A 83  ? LYS A 97  ? HIS A 82  LYS A 96  1 ? 15 
HELX_P HELX_P7 7 ILE A 102 ? HIS A 120 ? ILE A 101 HIS A 119 1 ? 19 
HELX_P HELX_P8 8 GLY A 125 ? LEU A 150 ? GLY A 124 LEU A 149 1 ? 26 
# 
_struct_conf_type.id          HELX_P 
_struct_conf_type.criteria    ? 
_struct_conf_type.reference   ? 
# 
_struct_mon_prot_cis.pdbx_id                1 
_struct_mon_prot_cis.label_comp_id          TYR 
_struct_mon_prot_cis.label_seq_id           152 
_struct_mon_prot_cis.label_asym_id          A 
_struct_mon_prot_cis.label_alt_id           . 
_struct_mon_prot_cis.pdbx_PDB_ins_code      ? 
_struct_mon_prot_cis.auth_comp_id           TYR 
_struct_mon_prot_cis.auth_seq_id            151 
_struct_mon_prot_cis.auth_asym_id           A 
_struct_mon_prot_cis.pdbx_label_comp_id_2   GLN 
_struct_mon_prot_cis.pdbx_label_seq_id_2    153 
_struct_mon_prot_cis.pdbx_label_asym_id_2   A 
_struct_mon_prot_cis.pdbx_PDB_ins_code_2    ? 
_struct_mon_prot_cis.pdbx_auth_comp_id_2    GLN 
_struct_mon_prot_cis.pdbx_auth_seq_id_2     152 
_struct_mon_prot_cis.pdbx_auth_asym_id_2    A 
_struct_mon_prot_cis.pdbx_PDB_model_num     1 
_struct_mon_prot_cis.pdbx_omega_angle       24.66 
# 
loop_
_struct_site.id 
_struct_site.pdbx_evidence_code 
_struct_site.pdbx_auth_asym_id 
_struct_site.pdbx_auth_comp_id 
_struct_site.pdbx_auth_seq_id 
_struct_site.pdbx_auth_ins_code 
_struct_site.pdbx_num_residues 
_struct_site.details 
AC1 Software A PO4 2001 ? 4  'BINDING SITE FOR RESIDUE PO4 A 2001' 
AC2 Software A PO4 2002 ? 2  'BINDING SITE FOR RESIDUE PO4 A 2002' 
AC3 Software A PO4 2003 ? 5  'BINDING SITE FOR RESIDUE PO4 A 2003' 
AC4 Software A RHX 1001 ? 12 'BINDING SITE FOR RESIDUE RHX A 1001' 
# 
loop_
_struct_site_gen.id 
_struct_site_gen.site_id 
_struct_site_gen.pdbx_num_res 
_struct_site_gen.label_comp_id 
_struct_site_gen.label_asym_id 
_struct_site_gen.label_seq_id 
_struct_site_gen.pdbx_auth_ins_code 
_struct_site_gen.auth_comp_id 
_struct_site_gen.auth_asym_id 
_struct_site_gen.auth_seq_id 
_struct_site_gen.label_atom_id 
_struct_site_gen.label_alt_id 
_struct_site_gen.symmetry 
_struct_site_gen.details 
1  AC1 4  MET A 1   ? MET A 0    . ? 3_545 ? 
2  AC1 4  HIS A 114 ? HIS A 113  . ? 1_555 ? 
3  AC1 4  SER A 118 ? SER A 117  . ? 1_555 ? 
4  AC1 4  HOH F .   ? HOH A 2019 . ? 1_555 ? 
5  AC2 2  LYS A 17  ? LYS A 16   . ? 1_555 ? 
6  AC2 2  HIS A 120 ? HIS A 119  . ? 1_555 ? 
7  AC3 5  ILE A 113 ? ILE A 112  . ? 3_555 ? 
8  AC3 5  HIS A 114 ? HIS A 113  . ? 3_555 ? 
9  AC3 5  HOH F .   ? HOH A 2011 . ? 3_555 ? 
10 AC3 5  HOH F .   ? HOH A 2013 . ? 3_555 ? 
11 AC3 5  HOH F .   ? HOH A 2029 . ? 1_555 ? 
12 AC4 12 LEU A 30  ? LEU A 29   . ? 1_555 ? 
13 AC4 12 PHE A 44  ? PHE A 43   . ? 1_555 ? 
14 AC4 12 HIS A 65  ? HIS A 64   . ? 1_555 ? 
15 AC4 12 VAL A 69  ? VAL A 68   . ? 1_555 ? 
16 AC4 12 LEU A 90  ? LEU A 89   . ? 1_555 ? 
17 AC4 12 SER A 93  ? SER A 92   . ? 1_555 ? 
18 AC4 12 HIS A 94  ? HIS A 93   . ? 1_555 ? 
19 AC4 12 LEU A 105 ? LEU A 104  . ? 1_555 ? 
20 AC4 12 ILE A 108 ? ILE A 107  . ? 1_555 ? 
21 AC4 12 GLU A 149 ? GLU A 148  . ? 4_555 ? 
22 AC4 12 HOH F .   ? HOH A 2092 . ? 1_555 ? 
23 AC4 12 HOH F .   ? HOH A 2093 . ? 1_555 ? 
# 
_atom_sites.entry_id                    2EF2 
_atom_sites.fract_transf_matrix[1][1]   0.01415223 
_atom_sites.fract_transf_matrix[1][2]   -0.00977698 
_atom_sites.fract_transf_matrix[1][3]   -0.02489685 
_atom_sites.fract_transf_matrix[2][1]   -0.01443804 
_atom_sites.fract_transf_matrix[2][2]   -0.00808261 
_atom_sites.fract_transf_matrix[2][3]   -0.00503304 
_atom_sites.fract_transf_matrix[3][1]   -0.00385110 
_atom_sites.fract_transf_matrix[3][2]   0.01091037 
_atom_sites.fract_transf_matrix[3][3]   -0.00647359 
_atom_sites.fract_transf_vector[1]      0.095455 
_atom_sites.fract_transf_vector[2]      0.076666 
_atom_sites.fract_transf_vector[3]      0.137450 
# 
loop_
_atom_type.symbol 
C  
N  
O  
P  
RH 
S  
# 
loop_
_atom_site.group_PDB 
_atom_site.id 
_atom_site.type_symbol 
_atom_site.label_atom_id 
_atom_site.label_alt_id 
_atom_site.label_comp_id 
_atom_site.label_asym_id 
_atom_site.label_entity_id 
_atom_site.label_seq_id 
_atom_site.pdbx_PDB_ins_code 
_atom_site.Cartn_x 
_atom_site.Cartn_y 
_atom_site.Cartn_z 
_atom_site.occupancy 
_atom_site.B_iso_or_equiv 
_atom_site.pdbx_formal_charge 
_atom_site.auth_seq_id 
_atom_site.auth_comp_id 
_atom_site.auth_asym_id 
_atom_site.auth_atom_id 
_atom_site.pdbx_PDB_model_num 
ATOM   1    N  N   . MET A 1 1   ? -16.386 7.890   -0.468  1.00 34.32 ? 0    MET A N   1 
ATOM   2    C  CA  . MET A 1 1   ? -15.294 8.145   -1.446  1.00 34.02 ? 0    MET A CA  1 
ATOM   3    C  C   . MET A 1 1   ? -15.752 7.634   -2.810  1.00 32.18 ? 0    MET A C   1 
ATOM   4    O  O   . MET A 1 1   ? -16.237 6.493   -2.922  1.00 32.85 ? 0    MET A O   1 
ATOM   5    C  CB  . MET A 1 1   ? -14.009 7.405   -1.017  1.00 35.11 ? 0    MET A CB  1 
ATOM   6    C  CG  . MET A 1 1   ? -12.706 8.187   -1.206  1.00 37.47 ? 0    MET A CG  1 
ATOM   7    S  SD  . MET A 1 1   ? -12.719 9.470   -2.492  1.00 42.20 ? 0    MET A SD  1 
ATOM   8    C  CE  . MET A 1 1   ? -11.750 10.691  -1.595  1.00 39.66 ? 0    MET A CE  1 
ATOM   9    N  N   . VAL A 1 2   ? -15.601 8.467   -3.845  1.00 29.56 ? 1    VAL A N   1 
ATOM   10   C  CA  . VAL A 1 2   ? -15.991 8.092   -5.211  1.00 26.72 ? 1    VAL A CA  1 
ATOM   11   C  C   . VAL A 1 2   ? -14.993 8.623   -6.254  1.00 23.94 ? 1    VAL A C   1 
ATOM   12   O  O   . VAL A 1 2   ? -14.665 9.809   -6.257  1.00 23.97 ? 1    VAL A O   1 
ATOM   13   C  CB  . VAL A 1 2   ? -17.476 8.520   -5.549  1.00 26.59 ? 1    VAL A CB  1 
ATOM   14   C  CG1 . VAL A 1 2   ? -17.715 10.024  -5.328  1.00 28.11 ? 1    VAL A CG1 1 
ATOM   15   C  CG2 . VAL A 1 2   ? -17.871 8.123   -6.972  1.00 27.44 ? 1    VAL A CG2 1 
ATOM   16   N  N   . LEU A 1 3   ? -14.532 7.732   -7.130  1.00 21.11 ? 2    LEU A N   1 
ATOM   17   C  CA  . LEU A 1 3   ? -13.644 8.090   -8.238  1.00 18.76 ? 2    LEU A CA  1 
ATOM   18   C  C   . LEU A 1 3   ? -14.423 7.992   -9.527  1.00 17.86 ? 2    LEU A C   1 
ATOM   19   O  O   . LEU A 1 3   ? -15.283 7.132   -9.672  1.00 16.27 ? 2    LEU A O   1 
ATOM   20   C  CB  . LEU A 1 3   ? -12.450 7.110   -8.321  1.00 19.53 ? 2    LEU A CB  1 
ATOM   21   C  CG  . LEU A 1 3   ? -11.323 7.232   -7.296  1.00 18.20 ? 2    LEU A CG  1 
ATOM   22   C  CD1 . LEU A 1 3   ? -11.754 6.634   -5.958  1.00 19.19 ? 2    LEU A CD1 1 
ATOM   23   C  CD2 . LEU A 1 3   ? -10.083 6.451   -7.818  1.00 16.73 ? 2    LEU A CD2 1 
ATOM   24   N  N   . SER A 1 4   ? -14.122 8.871   -10.469 1.00 16.10 ? 3    SER A N   1 
ATOM   25   C  CA  . SER A 1 4   ? -14.733 8.771   -11.780 1.00 16.66 ? 3    SER A CA  1 
ATOM   26   C  C   . SER A 1 4   ? -14.022 7.645   -12.520 1.00 15.95 ? 3    SER A C   1 
ATOM   27   O  O   . SER A 1 4   ? -12.884 7.254   -12.134 1.00 15.39 ? 3    SER A O   1 
ATOM   28   C  CB  . SER A 1 4   ? -14.566 10.086  -12.529 1.00 15.62 ? 3    SER A CB  1 
ATOM   29   O  OG  . SER A 1 4   ? -13.167 10.309  -12.769 1.00 16.63 ? 3    SER A OG  1 
ATOM   30   N  N   . GLU A 1 5   ? -14.636 7.149   -13.595 1.00 16.00 ? 4    GLU A N   1 
ATOM   31   C  CA  . GLU A 1 5   ? -13.966 6.136   -14.451 1.00 16.55 ? 4    GLU A CA  1 
ATOM   32   C  C   . GLU A 1 5   ? -12.614 6.614   -14.975 1.00 16.84 ? 4    GLU A C   1 
ATOM   33   O  O   . GLU A 1 5   ? -11.640 5.853   -14.994 1.00 16.26 ? 4    GLU A O   1 
ATOM   34   C  CB  . GLU A 1 5   ? -14.879 5.680   -15.609 1.00 15.43 ? 4    GLU A CB  1 
ATOM   35   C  CG  . GLU A 1 5   ? -14.217 4.757   -16.705 1.00 18.57 ? 4    GLU A CG  1 
ATOM   36   C  CD  . GLU A 1 5   ? -13.780 3.332   -16.231 1.00 22.74 ? 4    GLU A CD  1 
ATOM   37   O  OE1 . GLU A 1 5   ? -14.229 2.815   -15.174 1.00 24.37 ? 4    GLU A OE1 1 
ATOM   38   O  OE2 . GLU A 1 5   ? -13.016 2.689   -16.991 1.00 25.69 ? 4    GLU A OE2 1 
ATOM   39   N  N   . GLY A 1 6   ? -12.572 7.867   -15.418 1.00 16.92 ? 5    GLY A N   1 
ATOM   40   C  CA  . GLY A 1 6   ? -11.309 8.525   -15.766 1.00 17.27 ? 5    GLY A CA  1 
ATOM   41   C  C   . GLY A 1 6   ? -10.241 8.403   -14.710 1.00 17.28 ? 5    GLY A C   1 
ATOM   42   O  O   . GLY A 1 6   ? -9.074  8.056   -15.001 1.00 18.69 ? 5    GLY A O   1 
ATOM   43   N  N   . GLU A 1 7   ? -10.614 8.681   -13.464 1.00 16.33 ? 6    GLU A N   1 
ATOM   44   C  CA  . GLU A 1 7   ? -9.684  8.578   -12.345 1.00 16.84 ? 6    GLU A CA  1 
ATOM   45   C  C   . GLU A 1 7   ? -9.265  7.121   -12.100 1.00 14.77 ? 6    GLU A C   1 
ATOM   46   O  O   . GLU A 1 7   ? -8.053  6.825   -11.843 1.00 13.58 ? 6    GLU A O   1 
ATOM   47   C  CB  . GLU A 1 7   ? -10.313 9.190   -11.092 1.00 16.91 ? 6    GLU A CB  1 
ATOM   48   C  CG  . GLU A 1 7   ? -10.168 10.710  -10.960 1.00 19.14 ? 6    GLU A CG  1 
ATOM   49   C  CD  . GLU A 1 7   ? -11.142 11.340  -9.910  1.00 21.40 ? 6    GLU A CD  1 
ATOM   50   O  OE1 . GLU A 1 7   ? -12.104 10.681  -9.470  1.00 21.05 ? 6    GLU A OE1 1 
ATOM   51   O  OE2 . GLU A 1 7   ? -10.949 12.523  -9.545  1.00 27.53 ? 6    GLU A OE2 1 
ATOM   52   N  N   . TRP A 1 8   ? -10.220 6.189   -12.199 1.00 14.04 ? 7    TRP A N   1 
ATOM   53   C  CA  . TRP A 1 8   ? -9.820  4.789   -12.077 1.00 14.53 ? 7    TRP A CA  1 
ATOM   54   C  C   . TRP A 1 8   ? -8.821  4.423   -13.125 1.00 14.56 ? 7    TRP A C   1 
ATOM   55   O  O   . TRP A 1 8   ? -7.883  3.683   -12.866 1.00 14.64 ? 7    TRP A O   1 
ATOM   56   C  CB  . TRP A 1 8   ? -11.017 3.815   -12.132 1.00 13.59 ? 7    TRP A CB  1 
ATOM   57   C  CG  . TRP A 1 8   ? -11.741 3.720   -10.838 1.00 15.62 ? 7    TRP A CG  1 
ATOM   58   C  CD1 . TRP A 1 8   ? -13.051 4.038   -10.617 1.00 16.41 ? 7    TRP A CD1 1 
ATOM   59   C  CD2 . TRP A 1 8   ? -11.212 3.251   -9.577  1.00 13.61 ? 7    TRP A CD2 1 
ATOM   60   N  NE1 . TRP A 1 8   ? -13.373 3.806   -9.292  1.00 16.13 ? 7    TRP A NE1 1 
ATOM   61   C  CE2 . TRP A 1 8   ? -12.264 3.322   -8.633  1.00 15.52 ? 7    TRP A CE2 1 
ATOM   62   C  CE3 . TRP A 1 8   ? -9.958  2.766   -9.157  1.00 15.78 ? 7    TRP A CE3 1 
ATOM   63   C  CZ2 . TRP A 1 8   ? -12.091 2.945   -7.267  1.00 15.54 ? 7    TRP A CZ2 1 
ATOM   64   C  CZ3 . TRP A 1 8   ? -9.790  2.387   -7.794  1.00 16.00 ? 7    TRP A CZ3 1 
ATOM   65   C  CH2 . TRP A 1 8   ? -10.846 2.495   -6.875  1.00 14.32 ? 7    TRP A CH2 1 
ATOM   66   N  N   . GLN A 1 9   ? -9.048  4.888   -14.344 1.00 15.26 ? 8    GLN A N   1 
ATOM   67   C  CA  . GLN A 1 9   ? -8.109  4.544   -15.448 1.00 14.50 ? 8    GLN A CA  1 
ATOM   68   C  C   . GLN A 1 9   ? -6.693  5.124   -15.196 1.00 14.71 ? 8    GLN A C   1 
ATOM   69   O  O   . GLN A 1 9   ? -5.671  4.488   -15.547 1.00 14.93 ? 8    GLN A O   1 
ATOM   70   C  CB  . GLN A 1 9   ? -8.672  4.980   -16.815 1.00 15.70 ? 8    GLN A CB  1 
ATOM   71   C  CG  . GLN A 1 9   ? -9.752  4.041   -17.424 1.00 16.43 ? 8    GLN A CG  1 
ATOM   72   C  CD  . GLN A 1 9   ? -9.475  2.528   -17.273 1.00 24.60 ? 8    GLN A CD  1 
ATOM   73   O  OE1 . GLN A 1 9   ? -8.366  2.055   -17.503 1.00 28.16 ? 8    GLN A OE1 1 
ATOM   74   N  NE2 . GLN A 1 9   ? -10.492 1.773   -16.871 1.00 22.41 ? 8    GLN A NE2 1 
ATOM   75   N  N   . LEU A 1 10  ? -6.610  6.277   -14.538 1.00 13.65 ? 9    LEU A N   1 
ATOM   76   C  CA  . LEU A 1 10  ? -5.299  6.830   -14.119 1.00 15.10 ? 9    LEU A CA  1 
ATOM   77   C  C   . LEU A 1 10  ? -4.578  5.923   -13.113 1.00 14.33 ? 9    LEU A C   1 
ATOM   78   O  O   . LEU A 1 10  ? -3.369  5.671   -13.200 1.00 13.80 ? 9    LEU A O   1 
ATOM   79   C  CB  . LEU A 1 10  ? -5.459  8.228   -13.535 1.00 14.43 ? 9    LEU A CB  1 
ATOM   80   C  CG  . LEU A 1 10  ? -5.846  9.379   -14.482 1.00 16.37 ? 9    LEU A CG  1 
ATOM   81   C  CD1 . LEU A 1 10  ? -6.127  10.677  -13.677 1.00 13.29 ? 9    LEU A CD1 1 
ATOM   82   C  CD2 . LEU A 1 10  ? -4.729  9.637   -15.501 1.00 20.10 ? 9    LEU A CD2 1 
ATOM   83   N  N   . VAL A 1 11  ? -5.344  5.430   -12.159 1.00 14.31 ? 10   VAL A N   1 
ATOM   84   C  CA  . VAL A 1 11  ? -4.818  4.510   -11.170 1.00 13.98 ? 10   VAL A CA  1 
ATOM   85   C  C   . VAL A 1 11  ? -4.309  3.252   -11.871 1.00 14.12 ? 10   VAL A C   1 
ATOM   86   O  O   . VAL A 1 11  ? -3.189  2.775   -11.585 1.00 15.77 ? 10   VAL A O   1 
ATOM   87   C  CB  . VAL A 1 11  ? -5.937  4.214   -10.145 1.00 14.87 ? 10   VAL A CB  1 
ATOM   88   C  CG1 . VAL A 1 11  ? -5.644  2.955   -9.308  1.00 14.37 ? 10   VAL A CG1 1 
ATOM   89   C  CG2 . VAL A 1 11  ? -6.130  5.497   -9.268  1.00 12.96 ? 10   VAL A CG2 1 
ATOM   90   N  N   . LEU A 1 12  ? -5.091  2.742   -12.819 1.00 13.73 ? 11   LEU A N   1 
ATOM   91   C  CA  . LEU A 1 12  ? -4.776  1.470   -13.441 1.00 15.87 ? 11   LEU A CA  1 
ATOM   92   C  C   . LEU A 1 12  ? -3.620  1.590   -14.411 1.00 16.06 ? 11   LEU A C   1 
ATOM   93   O  O   . LEU A 1 12  ? -2.834  0.658   -14.552 1.00 16.79 ? 11   LEU A O   1 
ATOM   94   C  CB  . LEU A 1 12  ? -5.986  0.844   -14.131 1.00 15.45 ? 11   LEU A CB  1 
ATOM   95   C  CG  . LEU A 1 12  ? -7.109  0.375   -13.157 1.00 17.56 ? 11   LEU A CG  1 
ATOM   96   C  CD1 . LEU A 1 12  ? -8.248  -0.250  -13.871 1.00 21.40 ? 11   LEU A CD1 1 
ATOM   97   C  CD2 . LEU A 1 12  ? -6.572  -0.513  -12.034 1.00 19.43 ? 11   LEU A CD2 1 
ATOM   98   N  N   . HIS A 1 13  ? -3.525  2.737   -15.062 1.00 17.06 ? 12   HIS A N   1 
ATOM   99   C  CA  . HIS A 1 13  ? -2.400  3.011   -15.966 1.00 18.27 ? 12   HIS A CA  1 
ATOM   100  C  C   . HIS A 1 13  ? -1.085  3.041   -15.184 1.00 17.88 ? 12   HIS A C   1 
ATOM   101  O  O   . HIS A 1 13  ? -0.100  2.431   -15.586 1.00 16.25 ? 12   HIS A O   1 
ATOM   102  C  CB  . HIS A 1 13  ? -2.618  4.329   -16.684 1.00 18.90 ? 12   HIS A CB  1 
ATOM   103  C  CG  . HIS A 1 13  ? -1.558  4.654   -17.695 1.00 23.01 ? 12   HIS A CG  1 
ATOM   104  N  ND1 . HIS A 1 13  ? -1.643  4.252   -19.014 1.00 27.56 ? 12   HIS A ND1 1 
ATOM   105  C  CD2 . HIS A 1 13  ? -0.409  5.368   -17.594 1.00 24.72 ? 12   HIS A CD2 1 
ATOM   106  C  CE1 . HIS A 1 13  ? -0.578  4.680   -19.676 1.00 25.70 ? 12   HIS A CE1 1 
ATOM   107  N  NE2 . HIS A 1 13  ? 0.185   5.363   -18.841 1.00 24.54 ? 12   HIS A NE2 1 
ATOM   108  N  N   . VAL A 1 14  ? -1.050  3.754   -14.068 1.00 17.33 ? 13   VAL A N   1 
ATOM   109  C  CA  . VAL A 1 14  ? 0.193   3.734   -13.285 1.00 17.78 ? 13   VAL A CA  1 
ATOM   110  C  C   . VAL A 1 14  ? 0.477   2.374   -12.629 1.00 16.86 ? 13   VAL A C   1 
ATOM   111  O  O   . VAL A 1 14  ? 1.656   2.019   -12.458 1.00 18.00 ? 13   VAL A O   1 
ATOM   112  C  CB  . VAL A 1 14  ? 0.330   4.926   -12.294 1.00 18.49 ? 13   VAL A CB  1 
ATOM   113  C  CG1 . VAL A 1 14  ? -0.563  4.744   -11.090 1.00 18.81 ? 13   VAL A CG1 1 
ATOM   114  C  CG2 . VAL A 1 14  ? 1.821   5.081   -11.853 1.00 18.54 ? 13   VAL A CG2 1 
ATOM   115  N  N   . TRP A 1 15  ? -0.574  1.608   -12.303 1.00 16.68 ? 14   TRP A N   1 
ATOM   116  C  CA  . TRP A 1 15  ? -0.382  0.311   -11.682 1.00 16.70 ? 14   TRP A CA  1 
ATOM   117  C  C   . TRP A 1 15  ? 0.277   -0.599  -12.686 1.00 17.17 ? 14   TRP A C   1 
ATOM   118  O  O   . TRP A 1 15  ? 1.122   -1.448  -12.325 1.00 15.27 ? 14   TRP A O   1 
ATOM   119  C  CB  . TRP A 1 15  ? -1.681  -0.359  -11.146 1.00 16.87 ? 14   TRP A CB  1 
ATOM   120  C  CG  . TRP A 1 15  ? -1.268  -1.265  -10.019 1.00 16.74 ? 14   TRP A CG  1 
ATOM   121  C  CD1 . TRP A 1 15  ? -1.124  -2.619  -10.045 1.00 19.01 ? 14   TRP A CD1 1 
ATOM   122  C  CD2 . TRP A 1 15  ? -0.823  -0.834  -8.726  1.00 19.75 ? 14   TRP A CD2 1 
ATOM   123  N  NE1 . TRP A 1 15  ? -0.637  -3.061  -8.837  1.00 18.62 ? 14   TRP A NE1 1 
ATOM   124  C  CE2 . TRP A 1 15  ? -0.441  -1.991  -8.007  1.00 19.47 ? 14   TRP A CE2 1 
ATOM   125  C  CE3 . TRP A 1 15  ? -0.714  0.434   -8.100  1.00 18.84 ? 14   TRP A CE3 1 
ATOM   126  C  CZ2 . TRP A 1 15  ? 0.018   -1.937  -6.675  1.00 18.83 ? 14   TRP A CZ2 1 
ATOM   127  C  CZ3 . TRP A 1 15  ? -0.239  0.498   -6.784  1.00 19.00 ? 14   TRP A CZ3 1 
ATOM   128  C  CH2 . TRP A 1 15  ? 0.120   -0.697  -6.087  1.00 17.85 ? 14   TRP A CH2 1 
ATOM   129  N  N   . ALA A 1 16  ? -0.113  -0.434  -13.969 1.00 17.37 ? 15   ALA A N   1 
ATOM   130  C  CA  . ALA A 1 16  ? 0.579   -1.208  -15.013 1.00 17.99 ? 15   ALA A CA  1 
ATOM   131  C  C   . ALA A 1 16  ? 2.089   -0.991  -14.988 1.00 19.03 ? 15   ALA A C   1 
ATOM   132  O  O   . ALA A 1 16  ? 2.860   -1.943  -15.219 1.00 20.75 ? 15   ALA A O   1 
ATOM   133  C  CB  . ALA A 1 16  ? -0.037  -0.923  -16.412 1.00 17.70 ? 15   ALA A CB  1 
ATOM   134  N  N   . LYS A 1 17  ? 2.539   0.224   -14.670 1.00 18.47 ? 16   LYS A N   1 
ATOM   135  C  CA  . LYS A 1 17  ? 3.977   0.492   -14.500 1.00 19.27 ? 16   LYS A CA  1 
ATOM   136  C  C   . LYS A 1 17  ? 4.583   -0.198  -13.297 1.00 18.16 ? 16   LYS A C   1 
ATOM   137  O  O   . LYS A 1 17  ? 5.743   -0.659  -13.320 1.00 17.52 ? 16   LYS A O   1 
ATOM   138  C  CB  . LYS A 1 17  ? 4.259   2.002   -14.445 1.00 18.87 ? 16   LYS A CB  1 
ATOM   139  C  CG  . LYS A 1 17  ? 3.798   2.710   -15.747 1.00 21.00 ? 16   LYS A CG  1 
ATOM   140  C  CD  . LYS A 1 17  ? 4.129   4.179   -15.774 1.00 22.58 ? 16   LYS A CD  1 
ATOM   141  C  CE  . LYS A 1 17  ? 3.382   4.837   -16.940 1.00 26.47 ? 16   LYS A CE  1 
ATOM   142  N  NZ  . LYS A 1 17  ? 4.053   4.537   -18.250 1.00 27.18 ? 16   LYS A NZ  1 
ATOM   143  N  N   . VAL A 1 18  ? 3.830   -0.220  -12.215 1.00 17.69 ? 17   VAL A N   1 
ATOM   144  C  CA  . VAL A 1 18  ? 4.260   -0.914  -11.027 1.00 16.58 ? 17   VAL A CA  1 
ATOM   145  C  C   . VAL A 1 18  ? 4.536   -2.344  -11.407 1.00 16.82 ? 17   VAL A C   1 
ATOM   146  O  O   . VAL A 1 18  ? 5.526   -2.922  -10.964 1.00 16.63 ? 17   VAL A O   1 
ATOM   147  C  CB  . VAL A 1 18  ? 3.192   -0.839  -9.908  1.00 17.22 ? 17   VAL A CB  1 
ATOM   148  C  CG1 . VAL A 1 18  ? 3.596   -1.663  -8.697  1.00 17.82 ? 17   VAL A CG1 1 
ATOM   149  C  CG2 . VAL A 1 18  ? 3.016   0.615   -9.513  1.00 16.26 ? 17   VAL A CG2 1 
ATOM   150  N  N   . GLU A 1 19  ? 3.665   -2.922  -12.227 1.00 17.40 ? 18   GLU A N   1 
ATOM   151  C  CA  . GLU A 1 19  ? 3.689   -4.359  -12.457 1.00 17.32 ? 18   GLU A CA  1 
ATOM   152  C  C   . GLU A 1 19  ? 4.841   -4.741  -13.333 1.00 18.04 ? 18   GLU A C   1 
ATOM   153  O  O   . GLU A 1 19  ? 5.135   -5.939  -13.479 1.00 17.11 ? 18   GLU A O   1 
ATOM   154  C  CB  . GLU A 1 19  ? 2.376   -4.853  -13.066 1.00 18.84 ? 18   GLU A CB  1 
ATOM   155  C  CG  . GLU A 1 19  ? 1.219   -4.828  -12.058 1.00 20.09 ? 18   GLU A CG  1 
ATOM   156  C  CD  . GLU A 1 19  ? -0.057  -5.376  -12.621 1.00 24.29 ? 18   GLU A CD  1 
ATOM   157  O  OE1 . GLU A 1 19  ? -0.949  -5.719  -11.810 1.00 26.21 ? 18   GLU A OE1 1 
ATOM   158  O  OE2 . GLU A 1 19  ? -0.169  -5.446  -13.874 1.00 24.33 ? 18   GLU A OE2 1 
ATOM   159  N  N   . ALA A 1 20  ? 5.521   -3.729  -13.885 1.00 17.79 ? 19   ALA A N   1 
ATOM   160  C  CA  . ALA A 1 20  ? 6.693   -3.982  -14.764 1.00 17.34 ? 19   ALA A CA  1 
ATOM   161  C  C   . ALA A 1 20  ? 7.901   -4.278  -13.896 1.00 17.64 ? 19   ALA A C   1 
ATOM   162  O  O   . ALA A 1 20  ? 8.875   -4.839  -14.346 1.00 14.65 ? 19   ALA A O   1 
ATOM   163  C  CB  . ALA A 1 20  ? 6.965   -2.802  -15.653 1.00 18.62 ? 19   ALA A CB  1 
ATOM   164  N  N   . ASP A 1 21  ? 7.826   -3.892  -12.616 1.00 16.05 ? 20   ASP A N   1 
ATOM   165  C  CA  . ASP A 1 21  ? 8.921   -4.177  -11.696 1.00 15.92 ? 20   ASP A CA  1 
ATOM   166  C  C   . ASP A 1 21  ? 8.324   -4.173  -10.291 1.00 15.88 ? 20   ASP A C   1 
ATOM   167  O  O   . ASP A 1 21  ? 8.588   -3.283  -9.481  1.00 15.30 ? 20   ASP A O   1 
ATOM   168  C  CB  . ASP A 1 21  ? 10.051  -3.139  -11.832 1.00 16.42 ? 20   ASP A CB  1 
ATOM   169  C  CG  . ASP A 1 21  ? 11.191  -3.357  -10.831 1.00 17.74 ? 20   ASP A CG  1 
ATOM   170  O  OD1 . ASP A 1 21  ? 11.313  -4.438  -10.186 1.00 16.80 ? 20   ASP A OD1 1 
ATOM   171  O  OD2 . ASP A 1 21  ? 11.969  -2.402  -10.667 1.00 20.90 ? 20   ASP A OD2 1 
ATOM   172  N  N   . VAL A 1 22  ? 7.592   -5.233  -9.997  1.00 15.97 ? 21   VAL A N   1 
ATOM   173  C  CA  . VAL A 1 22  ? 6.805   -5.281  -8.722  1.00 16.89 ? 21   VAL A CA  1 
ATOM   174  C  C   . VAL A 1 22  ? 7.785   -5.288  -7.580  1.00 15.94 ? 21   VAL A C   1 
ATOM   175  O  O   . VAL A 1 22  ? 7.665   -4.486  -6.672  1.00 17.42 ? 21   VAL A O   1 
ATOM   176  C  CB  . VAL A 1 22  ? 5.895   -6.540  -8.662  1.00 17.02 ? 21   VAL A CB  1 
ATOM   177  C  CG1 . VAL A 1 22  ? 5.227   -6.707  -7.241  1.00 20.32 ? 21   VAL A CG1 1 
ATOM   178  C  CG2 . VAL A 1 22  ? 4.863   -6.493  -9.773  1.00 18.88 ? 21   VAL A CG2 1 
ATOM   179  N  N   . ALA A 1 23  ? 8.773   -6.189  -7.620  1.00 16.12 ? 22   ALA A N   1 
ATOM   180  C  CA  . ALA A 1 23  ? 9.748   -6.301  -6.493  1.00 15.34 ? 22   ALA A CA  1 
ATOM   181  C  C   . ALA A 1 23  ? 10.510  -5.001  -6.203  1.00 15.12 ? 22   ALA A C   1 
ATOM   182  O  O   . ALA A 1 23  ? 10.708  -4.630  -5.045  1.00 15.55 ? 22   ALA A O   1 
ATOM   183  C  CB  . ALA A 1 23  ? 10.731  -7.484  -6.730  1.00 16.34 ? 22   ALA A CB  1 
ATOM   184  N  N   . GLY A 1 24  ? 10.927  -4.280  -7.246  1.00 14.86 ? 23   GLY A N   1 
ATOM   185  C  CA  . GLY A 1 24  ? 11.654  -3.019  -7.036  1.00 14.52 ? 23   GLY A CA  1 
ATOM   186  C  C   . GLY A 1 24  ? 10.775  -1.934  -6.411  1.00 14.79 ? 23   GLY A C   1 
ATOM   187  O  O   . GLY A 1 24  ? 11.214  -1.219  -5.517  1.00 15.53 ? 23   GLY A O   1 
ATOM   188  N  N   . HIS A 1 25  ? 9.575   -1.772  -6.939  1.00 13.72 ? 24   HIS A N   1 
ATOM   189  C  CA  . HIS A 1 25  ? 8.578   -0.865  -6.334  1.00 14.11 ? 24   HIS A CA  1 
ATOM   190  C  C   . HIS A 1 25  ? 8.338   -1.254  -4.865  1.00 14.11 ? 24   HIS A C   1 
ATOM   191  O  O   . HIS A 1 25  ? 8.338   -0.366  -3.993  1.00 14.26 ? 24   HIS A O   1 
ATOM   192  C  CB  . HIS A 1 25  ? 7.261   -0.896  -7.091  1.00 14.25 ? 24   HIS A CB  1 
ATOM   193  C  CG  . HIS A 1 25  ? 7.261   -0.065  -8.346  1.00 13.54 ? 24   HIS A CG  1 
ATOM   194  N  ND1 . HIS A 1 25  ? 7.757   -0.554  -9.547  1.00 16.73 ? 24   HIS A ND1 1 
ATOM   195  C  CD2 . HIS A 1 25  ? 6.819   1.201   -8.598  1.00 13.61 ? 24   HIS A CD2 1 
ATOM   196  C  CE1 . HIS A 1 25  ? 7.653   0.387   -10.476 1.00 17.72 ? 24   HIS A CE1 1 
ATOM   197  N  NE2 . HIS A 1 25  ? 7.095   1.460   -9.933  1.00 14.15 ? 24   HIS A NE2 1 
ATOM   198  N  N   . GLY A 1 26  ? 8.181   -2.552  -4.597  1.00 13.34 ? 25   GLY A N   1 
ATOM   199  C  CA  . GLY A 1 26  ? 7.871   -3.058  -3.209  1.00 13.04 ? 25   GLY A CA  1 
ATOM   200  C  C   . GLY A 1 26  ? 9.021   -2.719  -2.265  1.00 14.65 ? 25   GLY A C   1 
ATOM   201  O  O   . GLY A 1 26  ? 8.798   -2.278  -1.133  1.00 14.05 ? 25   GLY A O   1 
ATOM   202  N  N   . GLN A 1 27  ? 10.263  -2.868  -2.738  1.00 14.86 ? 26   GLN A N   1 
ATOM   203  C  CA  . GLN A 1 27  ? 11.403  -2.558  -1.880  1.00 15.24 ? 26   GLN A CA  1 
ATOM   204  C  C   . GLN A 1 27  ? 11.442  -1.065  -1.589  1.00 15.18 ? 26   GLN A C   1 
ATOM   205  O  O   . GLN A 1 27  ? 11.642  -0.657  -0.447  1.00 15.29 ? 26   GLN A O   1 
ATOM   206  C  CB  . GLN A 1 27  ? 12.739  -2.957  -2.507  1.00 16.44 ? 26   GLN A CB  1 
ATOM   207  C  CG  . GLN A 1 27  ? 13.014  -4.458  -2.450  1.00 18.07 ? 26   GLN A CG  1 
ATOM   208  C  CD  . GLN A 1 27  ? 14.100  -4.865  -3.409  1.00 23.66 ? 26   GLN A CD  1 
ATOM   209  O  OE1 . GLN A 1 27  ? 14.029  -4.566  -4.615  1.00 20.79 ? 26   GLN A OE1 1 
ATOM   210  N  NE2 . GLN A 1 27  ? 15.103  -5.561  -2.895  1.00 23.52 ? 26   GLN A NE2 1 
ATOM   211  N  N   . ASP A 1 28  ? 11.335  -0.255  -2.639  1.00 15.29 ? 27   ASP A N   1 
ATOM   212  C  CA  . ASP A 1 28  ? 11.305  1.202   -2.479  1.00 14.72 ? 27   ASP A CA  1 
ATOM   213  C  C   . ASP A 1 28  ? 10.211  1.633   -1.493  1.00 13.95 ? 27   ASP A C   1 
ATOM   214  O  O   . ASP A 1 28  ? 10.472  2.482   -0.652  1.00 14.56 ? 27   ASP A O   1 
ATOM   215  C  CB  . ASP A 1 28  ? 11.084  1.886   -3.837  1.00 14.14 ? 27   ASP A CB  1 
ATOM   216  C  CG  . ASP A 1 28  ? 12.342  1.864   -4.740  1.00 17.73 ? 27   ASP A CG  1 
ATOM   217  O  OD1 . ASP A 1 28  ? 12.302  2.418   -5.845  1.00 19.68 ? 27   ASP A OD1 1 
ATOM   218  O  OD2 . ASP A 1 28  ? 13.362  1.353   -4.328  1.00 17.28 ? 27   ASP A OD2 1 
ATOM   219  N  N   . ILE A 1 29  ? 9.001   1.073   -1.608  1.00 13.06 ? 28   ILE A N   1 
ATOM   220  C  CA  . ILE A 1 29  ? 7.887   1.479   -0.736  1.00 12.53 ? 28   ILE A CA  1 
ATOM   221  C  C   . ILE A 1 29  ? 8.104   1.068   0.715   1.00 12.92 ? 28   ILE A C   1 
ATOM   222  O  O   . ILE A 1 29  ? 7.901   1.878   1.634   1.00 13.05 ? 28   ILE A O   1 
ATOM   223  C  CB  . ILE A 1 29  ? 6.541   0.935   -1.310  1.00 12.59 ? 28   ILE A CB  1 
ATOM   224  C  CG1 . ILE A 1 29  ? 6.190   1.700   -2.609  1.00 12.15 ? 28   ILE A CG1 1 
ATOM   225  C  CG2 . ILE A 1 29  ? 5.392   1.075   -0.355  1.00 14.24 ? 28   ILE A CG2 1 
ATOM   226  C  CD1 . ILE A 1 29  ? 5.117   0.982   -3.405  1.00 15.36 ? 28   ILE A CD1 1 
ATOM   227  N  N   . LEU A 1 30  ? 8.497   -0.187  0.937   1.00 12.99 ? 29   LEU A N   1 
ATOM   228  C  CA  . LEU A 1 30  ? 8.784   -0.635  2.310   1.00 13.63 ? 29   LEU A CA  1 
ATOM   229  C  C   . LEU A 1 30  ? 9.943   0.103   2.972   1.00 14.40 ? 29   LEU A C   1 
ATOM   230  O  O   . LEU A 1 30  ? 9.846   0.522   4.142   1.00 15.09 ? 29   LEU A O   1 
ATOM   231  C  CB  . LEU A 1 30  ? 8.991   -2.161  2.355   1.00 12.34 ? 29   LEU A CB  1 
ATOM   232  C  CG  . LEU A 1 30  ? 7.744   -3.020  2.209   1.00 17.75 ? 29   LEU A CG  1 
ATOM   233  C  CD1 . LEU A 1 30  ? 8.055   -4.478  2.537   1.00 18.39 ? 29   LEU A CD1 1 
ATOM   234  C  CD2 . LEU A 1 30  ? 6.624   -2.504  3.106   1.00 21.25 ? 29   LEU A CD2 1 
ATOM   235  N  N   . ILE A 1 31  ? 11.041  0.300   2.246   1.00 13.77 ? 30   ILE A N   1 
ATOM   236  C  CA  . ILE A 1 31  ? 12.127  1.141   2.752   1.00 15.28 ? 30   ILE A CA  1 
ATOM   237  C  C   . ILE A 1 31  ? 11.665  2.562   3.105   1.00 15.03 ? 30   ILE A C   1 
ATOM   238  O  O   . ILE A 1 31  ? 11.963  3.066   4.187   1.00 16.16 ? 30   ILE A O   1 
ATOM   239  C  CB  . ILE A 1 31  ? 13.300  1.218   1.748   1.00 15.87 ? 30   ILE A CB  1 
ATOM   240  C  CG1 . ILE A 1 31  ? 14.009  -0.136  1.698   1.00 16.66 ? 30   ILE A CG1 1 
ATOM   241  C  CG2 . ILE A 1 31  ? 14.330  2.299   2.163   1.00 15.28 ? 30   ILE A CG2 1 
ATOM   242  C  CD1 . ILE A 1 31  ? 14.920  -0.299  0.498   1.00 21.36 ? 30   ILE A CD1 1 
ATOM   243  N  N   . ARG A 1 32  ? 10.921  3.187   2.203   1.00 15.23 ? 31   ARG A N   1 
ATOM   244  C  CA  . ARG A 1 32  ? 10.345  4.506   2.487   1.00 15.99 ? 31   ARG A CA  1 
ATOM   245  C  C   . ARG A 1 32  ? 9.485   4.496   3.753   1.00 16.23 ? 31   ARG A C   1 
ATOM   246  O  O   . ARG A 1 32  ? 9.565   5.422   4.586   1.00 17.65 ? 31   ARG A O   1 
ATOM   247  C  CB  . ARG A 1 32  ? 9.487   4.944   1.301   1.00 16.44 ? 31   ARG A CB  1 
ATOM   248  C  CG  . ARG A 1 32  ? 8.716   6.267   1.493   1.00 19.55 ? 31   ARG A CG  1 
ATOM   249  C  CD  . ARG A 1 32  ? 9.611   7.443   1.398   1.00 22.54 ? 31   ARG A CD  1 
ATOM   250  N  NE  . ARG A 1 32  ? 8.859   8.682   1.642   1.00 25.96 ? 31   ARG A NE  1 
ATOM   251  C  CZ  . ARG A 1 32  ? 9.383   9.899   1.574   1.00 22.29 ? 31   ARG A CZ  1 
ATOM   252  N  NH1 . ARG A 1 32  ? 8.618   10.950  1.812   1.00 21.51 ? 31   ARG A NH1 1 
ATOM   253  N  NH2 . ARG A 1 32  ? 10.660  10.054  1.247   1.00 25.14 ? 31   ARG A NH2 1 
ATOM   254  N  N   . LEU A 1 33  ? 8.599   3.510   3.863   1.00 16.76 ? 32   LEU A N   1 
ATOM   255  C  CA  . LEU A 1 33  ? 7.778   3.343   5.062   1.00 16.23 ? 32   LEU A CA  1 
ATOM   256  C  C   . LEU A 1 33  ? 8.621   3.238   6.334   1.00 17.22 ? 32   LEU A C   1 
ATOM   257  O  O   . LEU A 1 33  ? 8.417   3.985   7.293   1.00 16.23 ? 32   LEU A O   1 
ATOM   258  C  CB  . LEU A 1 33  ? 6.875   2.114   4.908   1.00 15.98 ? 32   LEU A CB  1 
ATOM   259  C  CG  . LEU A 1 33  ? 6.132   1.654   6.179   1.00 15.97 ? 32   LEU A CG  1 
ATOM   260  C  CD1 . LEU A 1 33  ? 5.086   2.679   6.636   1.00 16.67 ? 32   LEU A CD1 1 
ATOM   261  C  CD2 . LEU A 1 33  ? 5.501   0.314   5.898   1.00 12.57 ? 32   LEU A CD2 1 
ATOM   262  N  N   . PHE A 1 34  ? 9.569   2.305   6.330   1.00 17.16 ? 33   PHE A N   1 
ATOM   263  C  CA  . PHE A 1 34  ? 10.365  2.023   7.530   1.00 17.16 ? 33   PHE A CA  1 
ATOM   264  C  C   . PHE A 1 34  ? 11.304  3.211   7.865   1.00 18.85 ? 33   PHE A C   1 
ATOM   265  O  O   . PHE A 1 34  ? 11.600  3.436   9.036   1.00 20.04 ? 33   PHE A O   1 
ATOM   266  C  CB  . PHE A 1 34  ? 11.171  0.695   7.382   1.00 18.24 ? 33   PHE A CB  1 
ATOM   267  C  CG  . PHE A 1 34  ? 10.321  -0.556  7.135   1.00 19.12 ? 33   PHE A CG  1 
ATOM   268  C  CD1 . PHE A 1 34  ? 9.059   -0.715  7.720   1.00 23.30 ? 33   PHE A CD1 1 
ATOM   269  C  CD2 . PHE A 1 34  ? 10.826  -1.610  6.356   1.00 21.65 ? 33   PHE A CD2 1 
ATOM   270  C  CE1 . PHE A 1 34  ? 8.292   -1.887  7.483   1.00 17.13 ? 33   PHE A CE1 1 
ATOM   271  C  CE2 . PHE A 1 34  ? 10.060  -2.797  6.113   1.00 19.47 ? 33   PHE A CE2 1 
ATOM   272  C  CZ  . PHE A 1 34  ? 8.788   -2.915  6.705   1.00 21.90 ? 33   PHE A CZ  1 
ATOM   273  N  N   . LYS A 1 35  ? 11.776  3.965   6.868   1.00 18.91 ? 34   LYS A N   1 
ATOM   274  C  CA  . LYS A 1 35  ? 12.596  5.185   7.158   1.00 19.84 ? 34   LYS A CA  1 
ATOM   275  C  C   . LYS A 1 35  ? 11.759  6.376   7.629   1.00 19.91 ? 34   LYS A C   1 
ATOM   276  O  O   . LYS A 1 35  ? 12.219  7.140   8.514   1.00 19.90 ? 34   LYS A O   1 
ATOM   277  C  CB  . LYS A 1 35  ? 13.455  5.606   5.960   1.00 20.13 ? 34   LYS A CB  1 
ATOM   278  C  CG  . LYS A 1 35  ? 14.414  4.496   5.479   1.00 24.22 ? 34   LYS A CG  1 
ATOM   279  C  CD  . LYS A 1 35  ? 15.777  4.580   6.086   1.00 32.73 ? 34   LYS A CD  1 
ATOM   280  C  CE  . LYS A 1 35  ? 16.798  5.005   5.036   1.00 36.19 ? 34   LYS A CE  1 
ATOM   281  N  NZ  . LYS A 1 35  ? 18.123  5.177   5.667   1.00 39.22 ? 34   LYS A NZ  1 
ATOM   282  N  N   . SER A 1 36  ? 10.561  6.532   7.040   1.00 19.01 ? 35   SER A N   1 
ATOM   283  C  CA  . SER A 1 36  ? 9.580   7.571   7.417   1.00 19.00 ? 35   SER A CA  1 
ATOM   284  C  C   . SER A 1 36  ? 9.023   7.301   8.789   1.00 19.34 ? 35   SER A C   1 
ATOM   285  O  O   . SER A 1 36  ? 8.783   8.230   9.566   1.00 18.30 ? 35   SER A O   1 
ATOM   286  C  CB  . SER A 1 36  ? 8.410   7.601   6.416   1.00 18.31 ? 35   SER A CB  1 
ATOM   287  O  OG  . SER A 1 36  ? 8.925   8.088   5.186   1.00 22.24 ? 35   SER A OG  1 
ATOM   288  N  N   . HIS A 1 37  ? 8.809   6.018   9.072   1.00 19.13 ? 36   HIS A N   1 
ATOM   289  C  CA  . HIS A 1 37  ? 8.107   5.570   10.257  1.00 20.20 ? 36   HIS A CA  1 
ATOM   290  C  C   . HIS A 1 37  ? 8.839   4.361   10.891  1.00 21.69 ? 36   HIS A C   1 
ATOM   291  O  O   . HIS A 1 37  ? 8.307   3.239   10.891  1.00 20.70 ? 36   HIS A O   1 
ATOM   292  C  CB  . HIS A 1 37  ? 6.635   5.273   9.912   1.00 19.97 ? 36   HIS A CB  1 
ATOM   293  C  CG  . HIS A 1 37  ? 5.863   6.503   9.541   1.00 20.39 ? 36   HIS A CG  1 
ATOM   294  N  ND1 . HIS A 1 37  ? 5.525   7.460   10.470  1.00 21.07 ? 36   HIS A ND1 1 
ATOM   295  C  CD2 . HIS A 1 37  ? 5.462   6.984   8.344   1.00 22.18 ? 36   HIS A CD2 1 
ATOM   296  C  CE1 . HIS A 1 37  ? 4.892   8.453   9.873   1.00 20.41 ? 36   HIS A CE1 1 
ATOM   297  N  NE2 . HIS A 1 37  ? 4.848   8.193   8.580   1.00 23.47 ? 36   HIS A NE2 1 
ATOM   298  N  N   . PRO A 1 38  ? 10.062  4.594   11.422  1.00 24.10 ? 37   PRO A N   1 
ATOM   299  C  CA  . PRO A 1 38  ? 10.885  3.466   11.919  1.00 25.87 ? 37   PRO A CA  1 
ATOM   300  C  C   . PRO A 1 38  ? 10.147  2.806   13.062  1.00 27.71 ? 37   PRO A C   1 
ATOM   301  O  O   . PRO A 1 38  ? 10.375  1.653   13.407  1.00 27.84 ? 37   PRO A O   1 
ATOM   302  C  CB  . PRO A 1 38  ? 12.173  4.147   12.414  1.00 26.07 ? 37   PRO A CB  1 
ATOM   303  C  CG  . PRO A 1 38  ? 11.872  5.594   12.565  1.00 24.84 ? 37   PRO A CG  1 
ATOM   304  C  CD  . PRO A 1 38  ? 10.728  5.904   11.624  1.00 24.42 ? 37   PRO A CD  1 
ATOM   305  N  N   . GLU A 1 39  ? 9.225   3.560   13.631  1.00 30.07 ? 38   GLU A N   1 
ATOM   306  C  CA  . GLU A 1 39  ? 8.393   3.077   14.714  1.00 31.70 ? 38   GLU A CA  1 
ATOM   307  C  C   . GLU A 1 39  ? 7.517   1.889   14.302  1.00 32.35 ? 38   GLU A C   1 
ATOM   308  O  O   . GLU A 1 39  ? 7.129   1.100   15.138  1.00 33.00 ? 38   GLU A O   1 
ATOM   309  C  CB  . GLU A 1 39  ? 7.523   4.244   15.239  1.00 32.15 ? 38   GLU A CB  1 
ATOM   310  C  CG  . GLU A 1 39  ? 6.412   4.693   14.279  1.00 30.64 ? 38   GLU A CG  1 
ATOM   311  C  CD  . GLU A 1 39  ? 6.789   5.903   13.464  1.00 33.71 ? 38   GLU A CD  1 
ATOM   312  O  OE1 . GLU A 1 39  ? 5.869   6.590   12.965  1.00 35.28 ? 38   GLU A OE1 1 
ATOM   313  O  OE2 . GLU A 1 39  ? 8.002   6.178   13.296  1.00 32.69 ? 38   GLU A OE2 1 
ATOM   314  N  N   . THR A 1 40  ? 7.206   1.765   13.010  1.00 33.55 ? 39   THR A N   1 
ATOM   315  C  CA  . THR A 1 40  ? 6.419   0.639   12.505  1.00 33.85 ? 39   THR A CA  1 
ATOM   316  C  C   . THR A 1 40  ? 7.174   -0.689  12.545  1.00 35.86 ? 39   THR A C   1 
ATOM   317  O  O   . THR A 1 40  ? 6.550   -1.731  12.686  1.00 36.16 ? 39   THR A O   1 
ATOM   318  C  CB  . THR A 1 40  ? 5.905   0.851   11.052  1.00 34.03 ? 39   THR A CB  1 
ATOM   319  O  OG1 . THR A 1 40  ? 7.001   0.931   10.128  1.00 30.03 ? 39   THR A OG1 1 
ATOM   320  C  CG2 . THR A 1 40  ? 5.064   2.120   10.969  1.00 31.98 ? 39   THR A CG2 1 
ATOM   321  N  N   . LEU A 1 41  ? 8.507   -0.628  12.429  1.00 37.18 ? 40   LEU A N   1 
ATOM   322  C  CA  . LEU A 1 41  ? 9.374   -1.814  12.322  1.00 38.92 ? 40   LEU A CA  1 
ATOM   323  C  C   . LEU A 1 41  ? 9.301   -2.732  13.518  1.00 39.87 ? 40   LEU A C   1 
ATOM   324  O  O   . LEU A 1 41  ? 9.401   -3.948  13.367  1.00 40.68 ? 40   LEU A O   1 
ATOM   325  C  CB  . LEU A 1 41  ? 10.839  -1.401  12.171  1.00 38.55 ? 40   LEU A CB  1 
ATOM   326  C  CG  . LEU A 1 41  ? 11.487  -1.242  10.813  1.00 38.98 ? 40   LEU A CG  1 
ATOM   327  C  CD1 . LEU A 1 41  ? 12.790  -0.508  10.994  1.00 38.56 ? 40   LEU A CD1 1 
ATOM   328  C  CD2 . LEU A 1 41  ? 11.738  -2.608  10.194  1.00 37.67 ? 40   LEU A CD2 1 
ATOM   329  N  N   . GLU A 1 42  ? 9.191   -2.150  14.706  1.00 41.13 ? 41   GLU A N   1 
ATOM   330  C  CA  . GLU A 1 42  ? 9.214   -2.923  15.934  1.00 43.05 ? 41   GLU A CA  1 
ATOM   331  C  C   . GLU A 1 42  ? 7.987   -3.822  16.022  1.00 43.65 ? 41   GLU A C   1 
ATOM   332  O  O   . GLU A 1 42  ? 8.065   -4.932  16.558  1.00 44.01 ? 41   GLU A O   1 
ATOM   333  C  CB  . GLU A 1 42  ? 9.370   -2.019  17.173  1.00 43.07 ? 41   GLU A CB  1 
ATOM   334  C  CG  . GLU A 1 42  ? 8.713   -0.645  17.040  1.00 44.58 ? 41   GLU A CG  1 
ATOM   335  C  CD  . GLU A 1 42  ? 9.392   0.448   17.868  1.00 46.84 ? 41   GLU A CD  1 
ATOM   336  O  OE1 . GLU A 1 42  ? 10.503  0.927   17.506  1.00 47.11 ? 41   GLU A OE1 1 
ATOM   337  O  OE2 . GLU A 1 42  ? 8.785   0.844   18.879  1.00 45.81 ? 41   GLU A OE2 1 
ATOM   338  N  N   . LYS A 1 43  ? 6.876   -3.361  15.446  1.00 44.11 ? 42   LYS A N   1 
ATOM   339  C  CA  . LYS A 1 43  ? 5.653   -4.162  15.372  1.00 44.54 ? 42   LYS A CA  1 
ATOM   340  C  C   . LYS A 1 43  ? 5.732   -5.295  14.332  1.00 44.97 ? 42   LYS A C   1 
ATOM   341  O  O   . LYS A 1 43  ? 4.752   -6.009  14.120  1.00 44.84 ? 42   LYS A O   1 
ATOM   342  C  CB  . LYS A 1 43  ? 4.428   -3.270  15.137  1.00 44.52 ? 42   LYS A CB  1 
ATOM   343  C  CG  . LYS A 1 43  ? 4.044   -2.414  16.360  1.00 46.10 ? 42   LYS A CG  1 
ATOM   344  C  CD  . LYS A 1 43  ? 2.526   -2.247  16.508  1.00 46.85 ? 42   LYS A CD  1 
ATOM   345  C  CE  . LYS A 1 43  ? 2.132   -2.088  17.977  1.00 47.89 ? 42   LYS A CE  1 
ATOM   346  N  NZ  . LYS A 1 43  ? 0.719   -1.582  18.151  1.00 49.17 ? 42   LYS A NZ  1 
ATOM   347  N  N   . PHE A 1 44  ? 6.903   -5.475  13.709  1.00 45.01 ? 43   PHE A N   1 
ATOM   348  C  CA  . PHE A 1 44  ? 7.081   -6.484  12.671  1.00 45.32 ? 43   PHE A CA  1 
ATOM   349  C  C   . PHE A 1 44  ? 8.116   -7.553  13.001  1.00 45.36 ? 43   PHE A C   1 
ATOM   350  O  O   . PHE A 1 44  ? 9.319   -7.391  12.757  1.00 45.81 ? 43   PHE A O   1 
ATOM   351  C  CB  . PHE A 1 44  ? 7.405   -5.819  11.325  1.00 45.97 ? 43   PHE A CB  1 
ATOM   352  C  CG  . PHE A 1 44  ? 6.303   -4.919  10.796  1.00 45.98 ? 43   PHE A CG  1 
ATOM   353  C  CD1 . PHE A 1 44  ? 6.573   -3.612  10.431  1.00 46.52 ? 43   PHE A CD1 1 
ATOM   354  C  CD2 . PHE A 1 44  ? 4.999   -5.383  10.669  1.00 48.13 ? 43   PHE A CD2 1 
ATOM   355  C  CE1 . PHE A 1 44  ? 5.563   -2.781  9.941   1.00 48.10 ? 43   PHE A CE1 1 
ATOM   356  C  CE2 . PHE A 1 44  ? 3.983   -4.554  10.184  1.00 48.84 ? 43   PHE A CE2 1 
ATOM   357  C  CZ  . PHE A 1 44  ? 4.268   -3.260  9.812   1.00 47.94 ? 43   PHE A CZ  1 
ATOM   358  N  N   . ASP A 1 45  ? 7.640   -8.676  13.521  1.00 45.30 ? 44   ASP A N   1 
ATOM   359  C  CA  . ASP A 1 45  ? 8.513   -9.809  13.848  1.00 45.05 ? 44   ASP A CA  1 
ATOM   360  C  C   . ASP A 1 45  ? 9.595   -10.109 12.803  1.00 44.41 ? 44   ASP A C   1 
ATOM   361  O  O   . ASP A 1 45  ? 10.730  -10.468 13.163  1.00 44.49 ? 44   ASP A O   1 
ATOM   362  C  CB  . ASP A 1 45  ? 7.687   -11.075 14.104  1.00 45.73 ? 44   ASP A CB  1 
ATOM   363  C  CG  . ASP A 1 45  ? 7.019   -11.075 15.466  1.00 47.06 ? 44   ASP A CG  1 
ATOM   364  O  OD1 . ASP A 1 45  ? 7.364   -11.952 16.285  1.00 47.52 ? 44   ASP A OD1 1 
ATOM   365  O  OD2 . ASP A 1 45  ? 6.154   -10.203 15.719  1.00 48.66 ? 44   ASP A OD2 1 
ATOM   366  N  N   . ARG A 1 46  ? 9.254   -9.991  11.519  1.00 42.60 ? 45   ARG A N   1 
ATOM   367  C  CA  . ARG A 1 46  ? 10.195  -10.430 10.487  1.00 41.53 ? 45   ARG A CA  1 
ATOM   368  C  C   . ARG A 1 46  ? 11.120  -9.336  9.934   1.00 39.75 ? 45   ARG A C   1 
ATOM   369  O  O   . ARG A 1 46  ? 12.006  -9.636  9.134   1.00 39.63 ? 45   ARG A O   1 
ATOM   370  C  CB  . ARG A 1 46  ? 9.474   -11.148 9.339   1.00 41.68 ? 45   ARG A CB  1 
ATOM   371  C  CG  . ARG A 1 46  ? 10.171  -12.450 8.953   1.00 43.58 ? 45   ARG A CG  1 
ATOM   372  C  CD  . ARG A 1 46  ? 9.350   -13.695 9.243   1.00 44.74 ? 45   ARG A CD  1 
ATOM   373  N  NE  . ARG A 1 46  ? 8.896   -14.275 7.988   1.00 48.24 ? 45   ARG A NE  1 
ATOM   374  C  CZ  . ARG A 1 46  ? 8.425   -15.508 7.820   1.00 48.99 ? 45   ARG A CZ  1 
ATOM   375  N  NH1 . ARG A 1 46  ? 8.328   -16.361 8.833   1.00 50.14 ? 45   ARG A NH1 1 
ATOM   376  N  NH2 . ARG A 1 46  ? 8.052   -15.891 6.612   1.00 49.97 ? 45   ARG A NH2 1 
ATOM   377  N  N   . PHE A 1 47  ? 10.911  -8.085  10.347  1.00 37.67 ? 46   PHE A N   1 
ATOM   378  C  CA  . PHE A 1 47  ? 11.661  -6.952  9.783   1.00 36.55 ? 46   PHE A CA  1 
ATOM   379  C  C   . PHE A 1 47  ? 12.498  -6.226  10.817  1.00 35.92 ? 46   PHE A C   1 
ATOM   380  O  O   . PHE A 1 47  ? 13.359  -5.401  10.487  1.00 35.69 ? 46   PHE A O   1 
ATOM   381  C  CB  . PHE A 1 47  ? 10.711  -5.925  9.139   1.00 36.28 ? 46   PHE A CB  1 
ATOM   382  C  CG  . PHE A 1 47  ? 9.850   -6.488  8.053   1.00 36.58 ? 46   PHE A CG  1 
ATOM   383  C  CD1 . PHE A 1 47  ? 10.412  -7.214  7.011   1.00 35.55 ? 46   PHE A CD1 1 
ATOM   384  C  CD2 . PHE A 1 47  ? 8.472   -6.281  8.068   1.00 36.87 ? 46   PHE A CD2 1 
ATOM   385  C  CE1 . PHE A 1 47  ? 9.612   -7.734  6.014   1.00 35.31 ? 46   PHE A CE1 1 
ATOM   386  C  CE2 . PHE A 1 47  ? 7.666   -6.797  7.068   1.00 36.86 ? 46   PHE A CE2 1 
ATOM   387  C  CZ  . PHE A 1 47  ? 8.246   -7.525  6.036   1.00 35.96 ? 46   PHE A CZ  1 
ATOM   388  N  N   . LYS A 1 48  ? 12.223  -6.520  12.072  1.00 35.25 ? 47   LYS A N   1 
ATOM   389  C  CA  . LYS A 1 48  ? 12.753  -5.744  13.165  1.00 35.51 ? 47   LYS A CA  1 
ATOM   390  C  C   . LYS A 1 48  ? 14.286  -5.755  13.217  1.00 34.97 ? 47   LYS A C   1 
ATOM   391  O  O   . LYS A 1 48  ? 14.891  -4.932  13.901  1.00 35.23 ? 47   LYS A O   1 
ATOM   392  C  CB  . LYS A 1 48  ? 12.125  -6.218  14.471  1.00 35.48 ? 47   LYS A CB  1 
ATOM   393  C  CG  . LYS A 1 48  ? 12.598  -7.568  14.973  1.00 37.74 ? 47   LYS A CG  1 
ATOM   394  C  CD  . LYS A 1 48  ? 12.087  -7.803  16.406  1.00 41.87 ? 47   LYS A CD  1 
ATOM   395  C  CE  . LYS A 1 48  ? 10.676  -8.395  16.413  1.00 42.43 ? 47   LYS A CE  1 
ATOM   396  N  NZ  . LYS A 1 48  ? 10.012  -8.294  17.755  1.00 44.09 ? 47   LYS A NZ  1 
ATOM   397  N  N   . HIS A 1 49  ? 14.896  -6.680  12.478  1.00 34.13 ? 48   HIS A N   1 
ATOM   398  C  CA  . HIS A 1 49  ? 16.337  -6.832  12.460  1.00 33.47 ? 48   HIS A CA  1 
ATOM   399  C  C   . HIS A 1 49  ? 17.037  -5.837  11.532  1.00 33.87 ? 48   HIS A C   1 
ATOM   400  O  O   . HIS A 1 49  ? 18.259  -5.643  11.620  1.00 33.77 ? 48   HIS A O   1 
ATOM   401  C  CB  . HIS A 1 49  ? 16.720  -8.290  12.135  1.00 33.28 ? 48   HIS A CB  1 
ATOM   402  C  CG  . HIS A 1 49  ? 16.316  -8.760  10.766  1.00 31.78 ? 48   HIS A CG  1 
ATOM   403  N  ND1 . HIS A 1 49  ? 15.019  -9.102  10.440  1.00 30.97 ? 48   HIS A ND1 1 
ATOM   404  C  CD2 . HIS A 1 49  ? 17.055  -8.999  9.654   1.00 28.13 ? 48   HIS A CD2 1 
ATOM   405  C  CE1 . HIS A 1 49  ? 14.974  -9.501  9.179   1.00 29.71 ? 48   HIS A CE1 1 
ATOM   406  N  NE2 . HIS A 1 49  ? 16.202  -9.476  8.690   1.00 28.39 ? 48   HIS A NE2 1 
ATOM   407  N  N   . LEU A 1 50  ? 16.264  -5.200  10.658  1.00 33.37 ? 49   LEU A N   1 
ATOM   408  C  CA  . LEU A 1 50  ? 16.811  -4.296  9.644   1.00 34.31 ? 49   LEU A CA  1 
ATOM   409  C  C   . LEU A 1 50  ? 16.978  -2.858  10.127  1.00 35.88 ? 49   LEU A C   1 
ATOM   410  O  O   . LEU A 1 50  ? 15.992  -2.196  10.465  1.00 36.19 ? 49   LEU A O   1 
ATOM   411  C  CB  . LEU A 1 50  ? 15.908  -4.303  8.407   1.00 33.24 ? 49   LEU A CB  1 
ATOM   412  C  CG  . LEU A 1 50  ? 15.560  -5.687  7.869   1.00 31.44 ? 49   LEU A CG  1 
ATOM   413  C  CD1 . LEU A 1 50  ? 14.307  -5.631  6.975   1.00 27.67 ? 49   LEU A CD1 1 
ATOM   414  C  CD2 . LEU A 1 50  ? 16.787  -6.287  7.152   1.00 27.71 ? 49   LEU A CD2 1 
ATOM   415  N  N   . LYS A 1 51  ? 18.221  -2.367  10.090  1.00 37.41 ? 50   LYS A N   1 
ATOM   416  C  CA  . LYS A 1 51  ? 18.544  -1.014  10.582  1.00 38.45 ? 50   LYS A CA  1 
ATOM   417  C  C   . LYS A 1 51  ? 18.881  0.004   9.478   1.00 38.73 ? 50   LYS A C   1 
ATOM   418  O  O   . LYS A 1 51  ? 18.311  1.102   9.426   1.00 39.91 ? 50   LYS A O   1 
ATOM   419  C  CB  . LYS A 1 51  ? 19.699  -1.066  11.594  1.00 38.74 ? 50   LYS A CB  1 
ATOM   420  C  CG  . LYS A 1 51  ? 19.309  -1.520  12.992  1.00 39.34 ? 50   LYS A CG  1 
ATOM   421  C  CD  . LYS A 1 51  ? 19.491  -3.016  13.164  1.00 40.79 ? 50   LYS A CD  1 
ATOM   422  C  CE  . LYS A 1 51  ? 19.095  -3.454  14.582  1.00 41.17 ? 50   LYS A CE  1 
ATOM   423  N  NZ  . LYS A 1 51  ? 19.070  -4.946  14.752  1.00 41.58 ? 50   LYS A NZ  1 
ATOM   424  N  N   . THR A 1 52  ? 19.853  -0.332  8.640   1.00 38.38 ? 51   THR A N   1 
ATOM   425  C  CA  . THR A 1 52  ? 20.285  0.567   7.579   1.00 36.25 ? 51   THR A CA  1 
ATOM   426  C  C   . THR A 1 52  ? 19.481  0.248   6.337   1.00 35.58 ? 51   THR A C   1 
ATOM   427  O  O   . THR A 1 52  ? 18.885  -0.833  6.233   1.00 35.14 ? 51   THR A O   1 
ATOM   428  C  CB  . THR A 1 52  ? 21.816  0.466   7.280   1.00 36.69 ? 51   THR A CB  1 
ATOM   429  O  OG1 . THR A 1 52  ? 22.128  -0.814  6.715   1.00 35.14 ? 51   THR A OG1 1 
ATOM   430  C  CG2 . THR A 1 52  ? 22.647  0.652   8.530   1.00 34.74 ? 51   THR A CG2 1 
ATOM   431  N  N   . GLU A 1 53  ? 19.469  1.199   5.410   1.00 34.25 ? 52   GLU A N   1 
ATOM   432  C  CA  . GLU A 1 53  ? 18.922  1.015   4.079   1.00 32.74 ? 52   GLU A CA  1 
ATOM   433  C  C   . GLU A 1 53  ? 19.662  -0.079  3.312   1.00 30.91 ? 52   GLU A C   1 
ATOM   434  O  O   . GLU A 1 53  ? 19.072  -0.804  2.524   1.00 29.84 ? 52   GLU A O   1 
ATOM   435  C  CB  . GLU A 1 53  ? 19.008  2.336   3.329   1.00 33.76 ? 52   GLU A CB  1 
ATOM   436  C  CG  . GLU A 1 53  ? 18.458  2.303   1.932   1.00 35.75 ? 52   GLU A CG  1 
ATOM   437  C  CD  . GLU A 1 53  ? 18.088  3.688   1.411   1.00 41.13 ? 52   GLU A CD  1 
ATOM   438  O  OE1 . GLU A 1 53  ? 17.460  3.762   0.333   1.00 43.13 ? 52   GLU A OE1 1 
ATOM   439  O  OE2 . GLU A 1 53  ? 18.427  4.703   2.069   1.00 44.61 ? 52   GLU A OE2 1 
ATOM   440  N  N   . ALA A 1 54  ? 20.976  -0.163  3.527   1.00 29.61 ? 53   ALA A N   1 
ATOM   441  C  CA  . ALA A 1 54  ? 21.787  -1.259  2.987   1.00 27.15 ? 53   ALA A CA  1 
ATOM   442  C  C   . ALA A 1 54  ? 21.189  -2.636  3.331   1.00 25.68 ? 53   ALA A C   1 
ATOM   443  O  O   . ALA A 1 54  ? 20.959  -3.457  2.443   1.00 25.54 ? 53   ALA A O   1 
ATOM   444  C  CB  . ALA A 1 54  ? 23.226  -1.155  3.524   1.00 27.17 ? 53   ALA A CB  1 
ATOM   445  N  N   . GLU A 1 55  ? 20.952  -2.850  4.622   1.00 24.40 ? 54   GLU A N   1 
ATOM   446  C  CA  . GLU A 1 55  ? 20.351  -4.063  5.142   1.00 23.96 ? 54   GLU A CA  1 
ATOM   447  C  C   . GLU A 1 55  ? 18.955  -4.275  4.552   1.00 22.78 ? 54   GLU A C   1 
ATOM   448  O  O   . GLU A 1 55  ? 18.598  -5.384  4.189   1.00 20.89 ? 54   GLU A O   1 
ATOM   449  C  CB  . GLU A 1 55  ? 20.252  -4.010  6.650   1.00 25.10 ? 54   GLU A CB  1 
ATOM   450  C  CG  . GLU A 1 55  ? 21.547  -4.407  7.370   1.00 28.98 ? 54   GLU A CG  1 
ATOM   451  C  CD  . GLU A 1 55  ? 21.476  -4.134  8.854   1.00 34.46 ? 54   GLU A CD  1 
ATOM   452  O  OE1 . GLU A 1 55  ? 20.570  -3.375  9.259   1.00 36.71 ? 54   GLU A OE1 1 
ATOM   453  O  OE2 . GLU A 1 55  ? 22.314  -4.676  9.623   1.00 38.30 ? 54   GLU A OE2 1 
ATOM   454  N  N   . MET A 1 56  ? 18.182  -3.199  4.431   1.00 22.12 ? 55   MET A N   1 
ATOM   455  C  CA  . MET A 1 56  ? 16.837  -3.327  3.874   1.00 21.11 ? 55   MET A CA  1 
ATOM   456  C  C   . MET A 1 56  ? 16.882  -3.695  2.417   1.00 21.11 ? 55   MET A C   1 
ATOM   457  O  O   . MET A 1 56  ? 16.079  -4.509  1.980   1.00 20.03 ? 55   MET A O   1 
ATOM   458  C  CB  . MET A 1 56  ? 16.025  -2.048  4.094   1.00 22.30 ? 55   MET A CB  1 
ATOM   459  C  CG  . MET A 1 56  ? 15.788  -1.720  5.551   1.00 19.88 ? 55   MET A CG  1 
ATOM   460  S  SD  . MET A 1 56  ? 14.988  -0.083  5.682   1.00 22.14 ? 55   MET A SD  1 
ATOM   461  C  CE  . MET A 1 56  ? 15.022  0.144   7.460   1.00 23.25 ? 55   MET A CE  1 
ATOM   462  N  N   . LYS A 1 57  ? 17.826  -3.124  1.668   1.00 21.08 ? 56   LYS A N   1 
ATOM   463  C  CA  . LYS A 1 57  ? 17.935  -3.416  0.244   1.00 22.61 ? 56   LYS A CA  1 
ATOM   464  C  C   . LYS A 1 57  ? 18.351  -4.839  -0.001  1.00 22.69 ? 56   LYS A C   1 
ATOM   465  O  O   . LYS A 1 57  ? 17.997  -5.433  -1.034  1.00 25.17 ? 56   LYS A O   1 
ATOM   466  C  CB  . LYS A 1 57  ? 18.933  -2.485  -0.430  1.00 23.33 ? 56   LYS A CB  1 
ATOM   467  C  CG  . LYS A 1 57  ? 18.322  -1.136  -0.833  1.00 25.94 ? 56   LYS A CG  1 
ATOM   468  C  CD  . LYS A 1 57  ? 19.387  -0.075  -0.917  1.00 29.62 ? 56   LYS A CD  1 
ATOM   469  C  CE  . LYS A 1 57  ? 18.851  1.198   -1.563  1.00 33.59 ? 56   LYS A CE  1 
ATOM   470  N  NZ  . LYS A 1 57  ? 19.892  2.282   -1.525  1.00 35.73 ? 56   LYS A NZ  1 
ATOM   471  N  N   . ALA A 1 58  ? 19.097  -5.393  0.955   1.00 22.43 ? 57   ALA A N   1 
ATOM   472  C  CA  . ALA A 1 58  ? 19.630  -6.750  0.833   1.00 21.34 ? 57   ALA A CA  1 
ATOM   473  C  C   . ALA A 1 58  ? 18.665  -7.809  1.336   1.00 20.16 ? 57   ALA A C   1 
ATOM   474  O  O   . ALA A 1 58  ? 18.842  -8.985  1.044   1.00 20.33 ? 57   ALA A O   1 
ATOM   475  C  CB  . ALA A 1 58  ? 20.987  -6.877  1.554   1.00 22.05 ? 57   ALA A CB  1 
ATOM   476  N  N   . SER A 1 59  ? 17.637  -7.396  2.074   1.00 18.43 ? 58   SER A N   1 
ATOM   477  C  CA  . SER A 1 59  ? 16.720  -8.336  2.735   1.00 16.99 ? 58   SER A CA  1 
ATOM   478  C  C   . SER A 1 59  ? 15.796  -9.066  1.767   1.00 16.57 ? 58   SER A C   1 
ATOM   479  O  O   . SER A 1 59  ? 15.058  -8.440  0.992   1.00 15.58 ? 58   SER A O   1 
ATOM   480  C  CB  . SER A 1 59  ? 15.876  -7.597  3.807   1.00 16.30 ? 58   SER A CB  1 
ATOM   481  O  OG  . SER A 1 59  ? 14.885  -8.461  4.361   1.00 15.95 ? 58   SER A OG  1 
ATOM   482  N  N   . GLU A 1 60  ? 15.830  -10.400 1.808   1.00 17.02 ? 59   GLU A N   1 
ATOM   483  C  CA  . GLU A 1 60  ? 14.853  -11.217 1.109   1.00 17.10 ? 59   GLU A CA  1 
ATOM   484  C  C   . GLU A 1 60  ? 13.476  -11.159 1.784   1.00 17.48 ? 59   GLU A C   1 
ATOM   485  O  O   . GLU A 1 60  ? 12.459  -11.164 1.096   1.00 17.07 ? 59   GLU A O   1 
ATOM   486  C  CB  . GLU A 1 60  ? 15.338  -12.682 0.963   1.00 18.21 ? 59   GLU A CB  1 
ATOM   487  C  CG  . GLU A 1 60  ? 14.458  -13.484 0.000   1.00 23.69 ? 59   GLU A CG  1 
ATOM   488  C  CD  . GLU A 1 60  ? 14.592  -13.029 -1.467  1.00 30.18 ? 59   GLU A CD  1 
ATOM   489  O  OE1 . GLU A 1 60  ? 15.653  -12.471 -1.842  1.00 31.21 ? 59   GLU A OE1 1 
ATOM   490  O  OE2 . GLU A 1 60  ? 13.607  -13.221 -2.234  1.00 36.18 ? 59   GLU A OE2 1 
ATOM   491  N  N   . ASP A 1 61  ? 13.415  -11.074 3.108   1.00 16.28 ? 60   ASP A N   1 
ATOM   492  C  CA  . ASP A 1 61  ? 12.103  -10.940 3.746   1.00 17.29 ? 60   ASP A CA  1 
ATOM   493  C  C   . ASP A 1 61  ? 11.401  -9.675  3.243   1.00 16.14 ? 60   ASP A C   1 
ATOM   494  O  O   . ASP A 1 61  ? 10.221  -9.706  2.911   1.00 15.23 ? 60   ASP A O   1 
ATOM   495  C  CB  . ASP A 1 61  ? 12.222  -10.882 5.278   1.00 18.28 ? 60   ASP A CB  1 
ATOM   496  C  CG  . ASP A 1 61  ? 12.432  -12.242 5.904   1.00 21.62 ? 60   ASP A CG  1 
ATOM   497  O  OD1 . ASP A 1 61  ? 11.593  -13.151 5.664   1.00 25.31 ? 60   ASP A OD1 1 
ATOM   498  O  OD2 . ASP A 1 61  ? 13.419  -12.372 6.671   1.00 24.74 ? 60   ASP A OD2 1 
ATOM   499  N  N   . LEU A 1 62  ? 12.145  -8.572  3.190   1.00 15.56 ? 61   LEU A N   1 
ATOM   500  C  CA  . LEU A 1 62  ? 11.533  -7.284  2.822   1.00 14.88 ? 61   LEU A CA  1 
ATOM   501  C  C   . LEU A 1 62  ? 11.117  -7.328  1.360   1.00 15.89 ? 61   LEU A C   1 
ATOM   502  O  O   . LEU A 1 62  ? 10.000  -6.945  1.023   1.00 16.24 ? 61   LEU A O   1 
ATOM   503  C  CB  . LEU A 1 62  ? 12.478  -6.110  3.117   1.00 14.12 ? 61   LEU A CB  1 
ATOM   504  C  CG  . LEU A 1 62  ? 11.971  -4.663  2.899   1.00 13.79 ? 61   LEU A CG  1 
ATOM   505  C  CD1 . LEU A 1 62  ? 12.790  -3.692  3.694   1.00 15.73 ? 61   LEU A CD1 1 
ATOM   506  C  CD2 . LEU A 1 62  ? 12.054  -4.229  1.442   1.00 15.57 ? 61   LEU A CD2 1 
ATOM   507  N  N   . LYS A 1 63  ? 11.984  -7.828  0.483   1.00 15.24 ? 62   LYS A N   1 
ATOM   508  C  CA  . LYS A 1 63  ? 11.630  -7.928  -0.921  1.00 18.48 ? 62   LYS A CA  1 
ATOM   509  C  C   . LYS A 1 63  ? 10.403  -8.786  -1.118  1.00 18.20 ? 62   LYS A C   1 
ATOM   510  O  O   . LYS A 1 63  ? 9.483   -8.379  -1.826  1.00 18.07 ? 62   LYS A O   1 
ATOM   511  C  CB  . LYS A 1 63  ? 12.786  -8.510  -1.739  1.00 17.88 ? 62   LYS A CB  1 
ATOM   512  C  CG  . LYS A 1 63  ? 12.586  -8.508  -3.296  1.00 21.25 ? 62   LYS A CG  1 
ATOM   513  C  CD  . LYS A 1 63  ? 13.893  -9.035  -3.930  1.00 22.50 ? 62   LYS A CD  1 
ATOM   514  C  CE  . LYS A 1 63  ? 13.945  -9.006  -5.480  1.00 24.68 ? 62   LYS A CE  1 
ATOM   515  N  NZ  . LYS A 1 63  ? 15.135  -9.836  -6.005  1.00 26.52 ? 62   LYS A NZ  1 
ATOM   516  N  N   . LYS A 1 64  ? 10.366  -9.962  -0.472  1.00 16.83 ? 63   LYS A N   1 
ATOM   517  C  CA  . LYS A 1 64  ? 9.254   -10.875 -0.668  1.00 17.11 ? 63   LYS A CA  1 
ATOM   518  C  C   . LYS A 1 64  ? 7.952   -10.282 -0.178  1.00 16.87 ? 63   LYS A C   1 
ATOM   519  O  O   . LYS A 1 64  ? 6.876   -10.424 -0.818  1.00 16.28 ? 63   LYS A O   1 
ATOM   520  C  CB  . LYS A 1 64  ? 9.528   -12.211 0.037   1.00 18.80 ? 63   LYS A CB  1 
ATOM   521  C  CG  . LYS A 1 64  ? 10.487  -13.115 -0.706  1.00 20.69 ? 63   LYS A CG  1 
ATOM   522  C  CD  . LYS A 1 64  ? 10.662  -14.430 0.077   1.00 26.86 ? 63   LYS A CD  1 
ATOM   523  C  CE  . LYS A 1 64  ? 9.305   -14.971 0.538   1.00 28.65 ? 63   LYS A CE  1 
ATOM   524  N  NZ  . LYS A 1 64  ? 9.223   -16.457 0.773   1.00 32.18 ? 63   LYS A NZ  1 
ATOM   525  N  N   . HIS A 1 65  ? 8.018   -9.612  0.971   1.00 15.57 ? 64   HIS A N   1 
ATOM   526  C  CA  . HIS A 1 65  ? 6.798   -9.030  1.468   1.00 16.38 ? 64   HIS A CA  1 
ATOM   527  C  C   . HIS A 1 65  ? 6.326   -7.849  0.629   1.00 15.31 ? 64   HIS A C   1 
ATOM   528  O  O   . HIS A 1 65  ? 5.118   -7.679  0.478   1.00 16.92 ? 64   HIS A O   1 
ATOM   529  C  CB  . HIS A 1 65  ? 6.843   -8.637  2.945   1.00 16.81 ? 64   HIS A CB  1 
ATOM   530  C  CG  . HIS A 1 65  ? 5.465   -8.522  3.530   1.00 19.69 ? 64   HIS A CG  1 
ATOM   531  N  ND1 . HIS A 1 65  ? 4.584   -9.588  3.575   1.00 26.06 ? 64   HIS A ND1 1 
ATOM   532  C  CD2 . HIS A 1 65  ? 4.772   -7.446  3.980   1.00 22.98 ? 64   HIS A CD2 1 
ATOM   533  C  CE1 . HIS A 1 65  ? 3.423   -9.183  4.075   1.00 26.80 ? 64   HIS A CE1 1 
ATOM   534  N  NE2 . HIS A 1 65  ? 3.512   -7.889  4.325   1.00 25.96 ? 64   HIS A NE2 1 
ATOM   535  N  N   . GLY A 1 66  ? 7.250   -7.054  0.084   1.00 14.44 ? 65   GLY A N   1 
ATOM   536  C  CA  . GLY A 1 66  ? 6.855   -5.951  -0.831  1.00 15.25 ? 65   GLY A CA  1 
ATOM   537  C  C   . GLY A 1 66  ? 6.077   -6.525  -2.017  1.00 14.02 ? 65   GLY A C   1 
ATOM   538  O  O   . GLY A 1 66  ? 5.116   -5.917  -2.501  1.00 13.76 ? 65   GLY A O   1 
ATOM   539  N  N   . VAL A 1 67  ? 6.477   -7.699  -2.524  1.00 14.11 ? 66   VAL A N   1 
ATOM   540  C  CA  . VAL A 1 67  ? 5.700   -8.329  -3.587  1.00 15.71 ? 66   VAL A CA  1 
ATOM   541  C  C   . VAL A 1 67  ? 4.283   -8.722  -3.156  1.00 16.75 ? 66   VAL A C   1 
ATOM   542  O  O   . VAL A 1 67  ? 3.296   -8.450  -3.863  1.00 16.67 ? 66   VAL A O   1 
ATOM   543  C  CB  . VAL A 1 67  ? 6.479   -9.519  -4.198  1.00 16.21 ? 66   VAL A CB  1 
ATOM   544  C  CG1 . VAL A 1 67  ? 5.577   -10.354 -5.118  1.00 18.93 ? 66   VAL A CG1 1 
ATOM   545  C  CG2 . VAL A 1 67  ? 7.673   -8.983  -4.918  1.00 15.06 ? 66   VAL A CG2 1 
ATOM   546  N  N   . THR A 1 68  ? 4.173   -9.275  -1.959  1.00 17.04 ? 67   THR A N   1 
ATOM   547  C  CA  . THR A 1 68  ? 2.900   -9.699  -1.442  1.00 18.36 ? 67   THR A CA  1 
ATOM   548  C  C   . THR A 1 68  ? 1.976   -8.518  -1.316  1.00 17.68 ? 67   THR A C   1 
ATOM   549  O  O   . THR A 1 68  ? 0.843   -8.558  -1.813  1.00 17.23 ? 67   THR A O   1 
ATOM   550  C  CB  . THR A 1 68  ? 3.039   -10.406 -0.090  1.00 18.40 ? 67   THR A CB  1 
ATOM   551  O  OG1 . THR A 1 68  ? 3.794   -11.596 -0.286  1.00 19.52 ? 67   THR A OG1 1 
ATOM   552  C  CG2 . THR A 1 68  ? 1.646   -10.829 0.407   1.00 20.04 ? 67   THR A CG2 1 
ATOM   553  N  N   . VAL A 1 69  ? 2.469   -7.466  -0.666  1.00 17.65 ? 68   VAL A N   1 
ATOM   554  C  CA  . VAL A 1 69  ? 1.700   -6.251  -0.433  1.00 17.02 ? 68   VAL A CA  1 
ATOM   555  C  C   . VAL A 1 69  ? 1.130   -5.661  -1.750  1.00 17.24 ? 68   VAL A C   1 
ATOM   556  O  O   . VAL A 1 69  ? -0.079  -5.387  -1.859  1.00 17.48 ? 68   VAL A O   1 
ATOM   557  C  CB  . VAL A 1 69  ? 2.579   -5.234  0.344   1.00 15.71 ? 68   VAL A CB  1 
ATOM   558  C  CG1 . VAL A 1 69  ? 1.959   -3.846  0.344   1.00 17.72 ? 68   VAL A CG1 1 
ATOM   559  C  CG2 . VAL A 1 69  ? 2.751   -5.733  1.775   1.00 18.54 ? 68   VAL A CG2 1 
ATOM   560  N  N   . LEU A 1 70  ? 1.988   -5.490  -2.739  1.00 17.06 ? 69   LEU A N   1 
ATOM   561  C  CA  . LEU A 1 70  ? 1.606   -4.829  -3.986  1.00 16.53 ? 69   LEU A CA  1 
ATOM   562  C  C   . LEU A 1 70  ? 0.751   -5.699  -4.867  1.00 17.72 ? 69   LEU A C   1 
ATOM   563  O  O   . LEU A 1 70  ? -0.078  -5.199  -5.640  1.00 17.52 ? 69   LEU A O   1 
ATOM   564  C  CB  . LEU A 1 70  ? 2.851   -4.345  -4.740  1.00 15.87 ? 69   LEU A CB  1 
ATOM   565  C  CG  . LEU A 1 70  ? 3.701   -3.253  -4.090  1.00 15.30 ? 69   LEU A CG  1 
ATOM   566  C  CD1 . LEU A 1 70  ? 4.832   -2.885  -5.046  1.00 16.46 ? 69   LEU A CD1 1 
ATOM   567  C  CD2 . LEU A 1 70  ? 2.848   -2.009  -3.746  1.00 17.28 ? 69   LEU A CD2 1 
ATOM   568  N  N   . THR A 1 71  ? 0.949   -7.005  -4.771  1.00 18.78 ? 70   THR A N   1 
ATOM   569  C  CA  . THR A 1 71  ? 0.123   -7.952  -5.525  1.00 19.90 ? 70   THR A CA  1 
ATOM   570  C  C   . THR A 1 71  ? -1.300  -7.951  -5.004  1.00 20.17 ? 70   THR A C   1 
ATOM   571  O  O   . THR A 1 71  ? -2.242  -7.931  -5.802  1.00 21.00 ? 70   THR A O   1 
ATOM   572  C  CB  . THR A 1 71  ? 0.756   -9.355  -5.481  1.00 20.27 ? 70   THR A CB  1 
ATOM   573  O  OG1 . THR A 1 71  ? 2.042   -9.239  -6.085  1.00 20.11 ? 70   THR A OG1 1 
ATOM   574  C  CG2 . THR A 1 71  ? -0.087  -10.372 -6.285  1.00 21.80 ? 70   THR A CG2 1 
ATOM   575  N  N   . GLY A 1 72  ? -1.442  -7.907  -3.674  1.00 20.38 ? 71   GLY A N   1 
ATOM   576  C  CA  . GLY A 1 72  ? -2.753  -7.865  -3.002  1.00 20.48 ? 71   GLY A CA  1 
ATOM   577  C  C   . GLY A 1 72  ? -3.433  -6.538  -3.292  1.00 20.41 ? 71   GLY A C   1 
ATOM   578  O  O   . GLY A 1 72  ? -4.643  -6.486  -3.579  1.00 19.43 ? 71   GLY A O   1 
ATOM   579  N  N   . LEU A 1 73  ? -2.651  -5.461  -3.257  1.00 20.03 ? 72   LEU A N   1 
ATOM   580  C  CA  . LEU A 1 73  ? -3.195  -4.138  -3.555  1.00 19.42 ? 72   LEU A CA  1 
ATOM   581  C  C   . LEU A 1 73  ? -3.633  -3.962  -4.996  1.00 19.22 ? 72   LEU A C   1 
ATOM   582  O  O   . LEU A 1 73  ? -4.664  -3.368  -5.263  1.00 19.56 ? 72   LEU A O   1 
ATOM   583  C  CB  . LEU A 1 73  ? -2.201  -3.026  -3.170  1.00 19.59 ? 72   LEU A CB  1 
ATOM   584  C  CG  . LEU A 1 73  ? -2.721  -1.597  -3.413  1.00 19.13 ? 72   LEU A CG  1 
ATOM   585  C  CD1 . LEU A 1 73  ? -4.005  -1.394  -2.634  1.00 23.39 ? 72   LEU A CD1 1 
ATOM   586  C  CD2 . LEU A 1 73  ? -1.655  -0.513  -3.011  1.00 20.05 ? 72   LEU A CD2 1 
ATOM   587  N  N   . GLY A 1 74  ? -2.829  -4.419  -5.935  1.00 19.46 ? 73   GLY A N   1 
ATOM   588  C  CA  . GLY A 1 74  ? -3.192  -4.327  -7.332  1.00 18.68 ? 73   GLY A CA  1 
ATOM   589  C  C   . GLY A 1 74  ? -4.474  -5.053  -7.679  1.00 18.71 ? 73   GLY A C   1 
ATOM   590  O  O   . GLY A 1 74  ? -5.248  -4.558  -8.461  1.00 18.12 ? 73   GLY A O   1 
ATOM   591  N  N   . ALA A 1 75  ? -4.693  -6.220  -7.085  1.00 19.00 ? 74   ALA A N   1 
ATOM   592  C  CA  . ALA A 1 75  ? -5.939  -6.975  -7.252  1.00 19.22 ? 74   ALA A CA  1 
ATOM   593  C  C   . ALA A 1 75  ? -7.150  -6.170  -6.792  1.00 19.56 ? 74   ALA A C   1 
ATOM   594  O  O   . ALA A 1 75  ? -8.189  -6.169  -7.466  1.00 19.12 ? 74   ALA A O   1 
ATOM   595  C  CB  . ALA A 1 75  ? -5.862  -8.315  -6.507  1.00 18.64 ? 74   ALA A CB  1 
ATOM   596  N  N   . ILE A 1 76  ? -6.994  -5.462  -5.673  1.00 18.91 ? 75   ILE A N   1 
ATOM   597  C  CA  . ILE A 1 76  ? -8.063  -4.655  -5.111  1.00 18.92 ? 75   ILE A CA  1 
ATOM   598  C  C   . ILE A 1 76  ? -8.321  -3.433  -5.975  1.00 18.71 ? 75   ILE A C   1 
ATOM   599  O  O   . ILE A 1 76  ? -9.480  -3.090  -6.241  1.00 19.40 ? 75   ILE A O   1 
ATOM   600  C  CB  . ILE A 1 76  ? -7.753  -4.245  -3.625  1.00 18.78 ? 75   ILE A CB  1 
ATOM   601  C  CG1 . ILE A 1 76  ? -7.939  -5.459  -2.712  1.00 19.48 ? 75   ILE A CG1 1 
ATOM   602  C  CG2 . ILE A 1 76  ? -8.631  -3.044  -3.167  1.00 18.43 ? 75   ILE A CG2 1 
ATOM   603  C  CD1 . ILE A 1 76  ? -7.278  -5.310  -1.353  1.00 22.61 ? 75   ILE A CD1 1 
ATOM   604  N  N   . LEU A 1 77  ? -7.245  -2.752  -6.377  1.00 18.35 ? 76   LEU A N   1 
ATOM   605  C  CA  . LEU A 1 77  ? -7.334  -1.557  -7.214  1.00 17.78 ? 76   LEU A CA  1 
ATOM   606  C  C   . LEU A 1 77  ? -8.012  -1.868  -8.544  1.00 18.95 ? 76   LEU A C   1 
ATOM   607  O  O   . LEU A 1 77  ? -8.856  -1.096  -9.029  1.00 19.01 ? 76   LEU A O   1 
ATOM   608  C  CB  . LEU A 1 77  ? -5.941  -0.937  -7.421  1.00 18.07 ? 76   LEU A CB  1 
ATOM   609  C  CG  . LEU A 1 77  ? -5.321  -0.277  -6.184  1.00 16.36 ? 76   LEU A CG  1 
ATOM   610  C  CD1 . LEU A 1 77  ? -3.923  0.283   -6.486  1.00 18.83 ? 76   LEU A CD1 1 
ATOM   611  C  CD2 . LEU A 1 77  ? -6.243  0.802   -5.596  1.00 12.08 ? 76   LEU A CD2 1 
ATOM   612  N  N   . LYS A 1 78  ? -7.701  -3.027  -9.109  1.00 18.25 ? 77   LYS A N   1 
ATOM   613  C  CA  . LYS A 1 78  ? -8.379  -3.472  -10.343 1.00 19.47 ? 77   LYS A CA  1 
ATOM   614  C  C   . LYS A 1 78  ? -9.896  -3.682  -10.259 1.00 19.25 ? 77   LYS A C   1 
ATOM   615  O  O   . LYS A 1 78  ? -10.568 -3.647  -11.275 1.00 19.57 ? 77   LYS A O   1 
ATOM   616  C  CB  . LYS A 1 78  ? -7.695  -4.729  -10.894 1.00 19.44 ? 77   LYS A CB  1 
ATOM   617  C  CG  . LYS A 1 78  ? -6.342  -4.385  -11.521 1.00 22.74 ? 77   LYS A CG  1 
ATOM   618  C  CD  . LYS A 1 78  ? -5.484  -5.637  -11.743 1.00 23.55 ? 77   LYS A CD  1 
ATOM   619  C  CE  . LYS A 1 78  ? -4.064  -5.248  -12.175 1.00 25.61 ? 77   LYS A CE  1 
ATOM   620  N  NZ  . LYS A 1 78  ? -3.186  -6.465  -12.168 1.00 25.47 ? 77   LYS A NZ  1 
ATOM   621  N  N   . LYS A 1 79  ? -10.424 -3.902  -9.052  1.00 19.11 ? 78   LYS A N   1 
ATOM   622  C  CA  . LYS A 1 79  ? -11.877 -3.960  -8.825  1.00 18.61 ? 78   LYS A CA  1 
ATOM   623  C  C   . LYS A 1 79  ? -12.544 -2.597  -8.859  1.00 18.50 ? 78   LYS A C   1 
ATOM   624  O  O   . LYS A 1 79  ? -13.773 -2.522  -8.834  1.00 18.35 ? 78   LYS A O   1 
ATOM   625  C  CB  . LYS A 1 79  ? -12.201 -4.605  -7.473  1.00 19.38 ? 78   LYS A CB  1 
ATOM   626  C  CG  . LYS A 1 79  ? -11.620 -5.995  -7.267  1.00 20.73 ? 78   LYS A CG  1 
ATOM   627  C  CD  . LYS A 1 79  ? -11.962 -6.871  -8.428  1.00 25.36 ? 78   LYS A CD  1 
ATOM   628  C  CE  . LYS A 1 79  ? -13.415 -7.312  -8.368  1.00 29.74 ? 78   LYS A CE  1 
ATOM   629  N  NZ  . LYS A 1 79  ? -13.633 -8.485  -9.258  1.00 32.19 ? 78   LYS A NZ  1 
ATOM   630  N  N   . LYS A 1 80  ? -11.748 -1.532  -8.875  1.00 17.98 ? 79   LYS A N   1 
ATOM   631  C  CA  . LYS A 1 80  ? -12.252 -0.166  -9.018  1.00 18.66 ? 79   LYS A CA  1 
ATOM   632  C  C   . LYS A 1 80  ? -13.346 0.089   -7.995  1.00 18.33 ? 79   LYS A C   1 
ATOM   633  O  O   . LYS A 1 80  ? -14.469 0.524   -8.343  1.00 19.80 ? 79   LYS A O   1 
ATOM   634  C  CB  . LYS A 1 80  ? -12.792 0.091   -10.421 1.00 17.91 ? 79   LYS A CB  1 
ATOM   635  C  CG  . LYS A 1 80  ? -11.756 -0.106  -11.549 1.00 18.29 ? 79   LYS A CG  1 
ATOM   636  C  CD  . LYS A 1 80  ? -12.289 0.315   -12.905 1.00 19.92 ? 79   LYS A CD  1 
ATOM   637  C  CE  . LYS A 1 80  ? -13.238 -0.662  -13.531 1.00 22.72 ? 79   LYS A CE  1 
ATOM   638  N  NZ  . LYS A 1 80  ? -13.592 -0.110  -14.882 1.00 23.50 ? 79   LYS A NZ  1 
ATOM   639  N  N   . GLY A 1 81  ? -13.040 -0.230  -6.748  1.00 18.45 ? 80   GLY A N   1 
ATOM   640  C  CA  . GLY A 1 81  ? -13.975 0.017   -5.631  1.00 19.31 ? 80   GLY A CA  1 
ATOM   641  C  C   . GLY A 1 81  ? -14.882 -1.125  -5.215  1.00 21.17 ? 80   GLY A C   1 
ATOM   642  O  O   . GLY A 1 81  ? -15.424 -1.120  -4.079  1.00 20.83 ? 80   GLY A O   1 
ATOM   643  N  N   . HIS A 1 82  ? -15.078 -2.091  -6.115  1.00 21.13 ? 81   HIS A N   1 
ATOM   644  C  CA  . HIS A 1 82  ? -15.935 -3.262  -5.878  1.00 22.98 ? 81   HIS A CA  1 
ATOM   645  C  C   . HIS A 1 82  ? -15.153 -4.442  -5.357  1.00 22.06 ? 81   HIS A C   1 
ATOM   646  O  O   . HIS A 1 82  ? -15.082 -5.479  -5.997  1.00 22.00 ? 81   HIS A O   1 
ATOM   647  C  CB  . HIS A 1 82  ? -16.599 -3.629  -7.177  1.00 23.81 ? 81   HIS A CB  1 
ATOM   648  C  CG  . HIS A 1 82  ? -17.577 -2.605  -7.637  1.00 28.87 ? 81   HIS A CG  1 
ATOM   649  N  ND1 . HIS A 1 82  ? -18.863 -2.545  -7.146  1.00 34.49 ? 81   HIS A ND1 1 
ATOM   650  C  CD2 . HIS A 1 82  ? -17.459 -1.586  -8.523  1.00 34.12 ? 81   HIS A CD2 1 
ATOM   651  C  CE1 . HIS A 1 82  ? -19.501 -1.538  -7.721  1.00 34.76 ? 81   HIS A CE1 1 
ATOM   652  N  NE2 . HIS A 1 82  ? -18.670 -0.936  -8.555  1.00 33.19 ? 81   HIS A NE2 1 
ATOM   653  N  N   . HIS A 1 83  ? -14.600 -4.276  -4.164  1.00 21.64 ? 82   HIS A N   1 
ATOM   654  C  CA  . HIS A 1 83  ? -13.474 -5.097  -3.728  1.00 22.27 ? 82   HIS A CA  1 
ATOM   655  C  C   . HIS A 1 83  ? -13.788 -5.824  -2.441  1.00 23.41 ? 82   HIS A C   1 
ATOM   656  O  O   . HIS A 1 83  ? -12.901 -6.291  -1.760  1.00 23.13 ? 82   HIS A O   1 
ATOM   657  C  CB  . HIS A 1 83  ? -12.222 -4.199  -3.535  1.00 21.68 ? 82   HIS A CB  1 
ATOM   658  C  CG  . HIS A 1 83  ? -12.487 -2.942  -2.747  1.00 21.08 ? 82   HIS A CG  1 
ATOM   659  N  ND1 . HIS A 1 83  ? -11.942 -1.725  -3.084  1.00 20.63 ? 82   HIS A ND1 1 
ATOM   660  C  CD2 . HIS A 1 83  ? -13.260 -2.711  -1.652  1.00 20.72 ? 82   HIS A CD2 1 
ATOM   661  C  CE1 . HIS A 1 83  ? -12.335 -0.804  -2.225  1.00 21.45 ? 82   HIS A CE1 1 
ATOM   662  N  NE2 . HIS A 1 83  ? -13.151 -1.373  -1.353  1.00 19.35 ? 82   HIS A NE2 1 
ATOM   663  N  N   . GLU A 1 84  ? -15.061 -5.916  -2.089  1.00 26.09 ? 83   GLU A N   1 
ATOM   664  C  CA  . GLU A 1 84  ? -15.405 -6.536  -0.814  1.00 27.90 ? 83   GLU A CA  1 
ATOM   665  C  C   . GLU A 1 84  ? -14.783 -7.943  -0.704  1.00 28.74 ? 83   GLU A C   1 
ATOM   666  O  O   . GLU A 1 84  ? -14.231 -8.305  0.348   1.00 28.58 ? 83   GLU A O   1 
ATOM   667  C  CB  . GLU A 1 84  ? -16.927 -6.523  -0.579  1.00 29.12 ? 83   GLU A CB  1 
ATOM   668  C  CG  . GLU A 1 84  ? -17.342 -6.576  0.911   1.00 32.01 ? 83   GLU A CG  1 
ATOM   669  C  CD  . GLU A 1 84  ? -17.424 -7.988  1.394   1.00 34.94 ? 83   GLU A CD  1 
ATOM   670  O  OE1 . GLU A 1 84  ? -17.608 -8.227  2.612   1.00 37.62 ? 83   GLU A OE1 1 
ATOM   671  O  OE2 . GLU A 1 84  ? -17.321 -8.880  0.531   1.00 39.65 ? 83   GLU A OE2 1 
ATOM   672  N  N   . ALA A 1 85  ? -14.845 -8.710  -1.797  1.00 29.19 ? 84   ALA A N   1 
ATOM   673  C  CA  . ALA A 1 85  ? -14.313 -10.073 -1.817  1.00 30.43 ? 84   ALA A CA  1 
ATOM   674  C  C   . ALA A 1 85  ? -12.805 -10.152 -1.577  1.00 31.09 ? 84   ALA A C   1 
ATOM   675  O  O   . ALA A 1 85  ? -12.344 -11.075 -0.907  1.00 30.79 ? 84   ALA A O   1 
ATOM   676  C  CB  . ALA A 1 85  ? -14.679 -10.784 -3.113  1.00 29.96 ? 84   ALA A CB  1 
ATOM   677  N  N   . GLU A 1 86  ? -12.061 -9.193  -2.139  1.00 31.82 ? 85   GLU A N   1 
ATOM   678  C  CA  . GLU A 1 86  ? -10.588 -9.150  -2.097  1.00 32.78 ? 85   GLU A CA  1 
ATOM   679  C  C   . GLU A 1 86  ? -10.073 -8.455  -0.835  1.00 33.69 ? 85   GLU A C   1 
ATOM   680  O  O   . GLU A 1 86  ? -8.881  -8.518  -0.510  1.00 35.07 ? 85   GLU A O   1 
ATOM   681  C  CB  . GLU A 1 86  ? -10.032 -8.384  -3.311  1.00 32.33 ? 85   GLU A CB  1 
ATOM   682  C  CG  . GLU A 1 86  ? -10.218 -9.032  -4.691  1.00 33.32 ? 85   GLU A CG  1 
ATOM   683  C  CD  . GLU A 1 86  ? -11.611 -8.882  -5.259  1.00 30.78 ? 85   GLU A CD  1 
ATOM   684  O  OE1 . GLU A 1 86  ? -11.872 -9.467  -6.322  1.00 31.57 ? 85   GLU A OE1 1 
ATOM   685  O  OE2 . GLU A 1 86  ? -12.448 -8.177  -4.663  1.00 32.57 ? 85   GLU A OE2 1 
ATOM   686  N  N   . LEU A 1 87  ? -10.967 -7.762  -0.142  1.00 33.78 ? 86   LEU A N   1 
ATOM   687  C  CA  . LEU A 1 87  ? -10.587 -6.944  0.988   1.00 33.99 ? 86   LEU A CA  1 
ATOM   688  C  C   . LEU A 1 87  ? -10.911 -7.614  2.331   1.00 34.46 ? 86   LEU A C   1 
ATOM   689  O  O   . LEU A 1 87  ? -10.138 -7.504  3.286   1.00 33.96 ? 86   LEU A O   1 
ATOM   690  C  CB  . LEU A 1 87  ? -11.250 -5.577  0.835   1.00 34.56 ? 86   LEU A CB  1 
ATOM   691  C  CG  . LEU A 1 87  ? -11.098 -4.519  1.898   1.00 34.21 ? 86   LEU A CG  1 
ATOM   692  C  CD1 . LEU A 1 87  ? -11.186 -3.143  1.268   1.00 33.60 ? 86   LEU A CD1 1 
ATOM   693  C  CD2 . LEU A 1 87  ? -12.198 -4.717  2.879   1.00 35.85 ? 86   LEU A CD2 1 
ATOM   694  N  N   . LYS A 1 88  ? -12.034 -8.325  2.407   1.00 34.53 ? 87   LYS A N   1 
ATOM   695  C  CA  . LYS A 1 88  ? -12.416 -8.962  3.666   1.00 35.46 ? 87   LYS A CA  1 
ATOM   696  C  C   . LYS A 1 88  ? -11.308 -9.925  4.149   1.00 35.64 ? 87   LYS A C   1 
ATOM   697  O  O   . LYS A 1 88  ? -10.870 -9.817  5.286   1.00 35.49 ? 87   LYS A O   1 
ATOM   698  C  CB  . LYS A 1 88  ? -13.799 -9.626  3.598   1.00 35.40 ? 87   LYS A CB  1 
ATOM   699  C  CG  . LYS A 1 88  ? -13.987 -10.786 4.590   1.00 36.47 ? 87   LYS A CG  1 
ATOM   700  C  CD  . LYS A 1 88  ? -15.299 -10.726 5.316   1.00 36.90 ? 87   LYS A CD  1 
ATOM   701  C  CE  . LYS A 1 88  ? -16.421 -11.472 4.613   1.00 37.14 ? 87   LYS A CE  1 
ATOM   702  N  NZ  . LYS A 1 88  ? -17.581 -11.705 5.558   1.00 37.93 ? 87   LYS A NZ  1 
ATOM   703  N  N   . PRO A 1 89  ? -10.849 -10.853 3.284   1.00 36.18 ? 88   PRO A N   1 
ATOM   704  C  CA  . PRO A 1 89  ? -9.691  -11.671 3.666   1.00 36.15 ? 88   PRO A CA  1 
ATOM   705  C  C   . PRO A 1 89  ? -8.500  -10.868 4.196   1.00 35.75 ? 88   PRO A C   1 
ATOM   706  O  O   . PRO A 1 89  ? -8.030  -11.123 5.309   1.00 36.66 ? 88   PRO A O   1 
ATOM   707  C  CB  . PRO A 1 89  ? -9.320  -12.378 2.354   1.00 36.28 ? 88   PRO A CB  1 
ATOM   708  C  CG  . PRO A 1 89  ? -10.613 -12.477 1.623   1.00 37.04 ? 88   PRO A CG  1 
ATOM   709  C  CD  . PRO A 1 89  ? -11.370 -11.230 1.953   1.00 35.89 ? 88   PRO A CD  1 
ATOM   710  N  N   . LEU A 1 90  ? -8.027  -9.909  3.415   1.00 35.21 ? 89   LEU A N   1 
ATOM   711  C  CA  . LEU A 1 90  ? -6.907  -9.071  3.808   1.00 34.30 ? 89   LEU A CA  1 
ATOM   712  C  C   . LEU A 1 90  ? -7.166  -8.394  5.175   1.00 33.95 ? 89   LEU A C   1 
ATOM   713  O  O   . LEU A 1 90  ? -6.261  -8.375  6.033   1.00 33.19 ? 89   LEU A O   1 
ATOM   714  C  CB  . LEU A 1 90  ? -6.613  -8.080  2.680   1.00 35.05 ? 89   LEU A CB  1 
ATOM   715  C  CG  . LEU A 1 90  ? -5.493  -7.040  2.714   1.00 36.38 ? 89   LEU A CG  1 
ATOM   716  C  CD1 . LEU A 1 90  ? -4.503  -7.220  1.546   1.00 38.07 ? 89   LEU A CD1 1 
ATOM   717  C  CD2 . LEU A 1 90  ? -6.101  -5.677  2.647   1.00 37.86 ? 89   LEU A CD2 1 
ATOM   718  N  N   . ALA A 1 91  ? -8.399  -7.917  5.403   1.00 32.40 ? 90   ALA A N   1 
ATOM   719  C  CA  . ALA A 1 91  ? -8.803  -7.343  6.713   1.00 32.43 ? 90   ALA A CA  1 
ATOM   720  C  C   . ALA A 1 91  ? -8.741  -8.294  7.906   1.00 32.63 ? 90   ALA A C   1 
ATOM   721  O  O   . ALA A 1 91  ? -8.022  -8.008  8.870   1.00 31.92 ? 90   ALA A O   1 
ATOM   722  C  CB  . ALA A 1 91  ? -10.190 -6.722  6.633   1.00 32.22 ? 90   ALA A CB  1 
ATOM   723  N  N   . GLN A 1 92  ? -9.512  -9.396  7.873   1.00 32.38 ? 91   GLN A N   1 
ATOM   724  C  CA  . GLN A 1 92  ? -9.570  -10.304 9.046   1.00 33.53 ? 91   GLN A CA  1 
ATOM   725  C  C   . GLN A 1 92  ? -8.160  -10.874 9.351   1.00 32.90 ? 91   GLN A C   1 
ATOM   726  O  O   . GLN A 1 92  ? -7.860  -11.150 10.493  1.00 33.14 ? 91   GLN A O   1 
ATOM   727  C  CB  . GLN A 1 92  ? -10.675 -11.409 8.979   1.00 32.90 ? 91   GLN A CB  1 
ATOM   728  C  CG  . GLN A 1 92  ? -11.000 -12.116 10.387  1.00 32.82 ? 91   GLN A CG  1 
ATOM   729  C  CD  . GLN A 1 92  ? -12.310 -12.976 10.429  1.00 33.65 ? 91   GLN A CD  1 
ATOM   730  O  OE1 . GLN A 1 92  ? -12.864 -13.306 11.529  1.00 29.67 ? 91   GLN A OE1 1 
ATOM   731  N  NE2 . GLN A 1 92  ? -12.806 -13.339 9.243   1.00 32.77 ? 91   GLN A NE2 1 
ATOM   732  N  N   . SER A 1 93  ? -7.305  -10.999 8.337   1.00 33.48 ? 92   SER A N   1 
ATOM   733  C  CA  . SER A 1 93  ? -5.918  -11.471 8.536   1.00 34.05 ? 92   SER A CA  1 
ATOM   734  C  C   . SER A 1 93  ? -5.076  -10.464 9.307   1.00 33.85 ? 92   SER A C   1 
ATOM   735  O  O   . SER A 1 93  ? -4.294  -10.845 10.197  1.00 34.21 ? 92   SER A O   1 
ATOM   736  C  CB  . SER A 1 93  ? -5.252  -11.799 7.203   1.00 34.24 ? 92   SER A CB  1 
ATOM   737  O  OG  . SER A 1 93  ? -4.398  -10.763 6.735   1.00 36.62 ? 92   SER A OG  1 
ATOM   738  N  N   . HIS A 1 94  ? -5.226  -9.186  8.962   1.00 32.58 ? 93   HIS A N   1 
ATOM   739  C  CA  . HIS A 1 94  ? -4.521  -8.120  9.676   1.00 31.57 ? 93   HIS A CA  1 
ATOM   740  C  C   . HIS A 1 94  ? -5.115  -7.826  11.035  1.00 32.51 ? 93   HIS A C   1 
ATOM   741  O  O   . HIS A 1 94  ? -4.388  -7.428  11.948  1.00 31.55 ? 93   HIS A O   1 
ATOM   742  C  CB  . HIS A 1 94  ? -4.480  -6.842  8.863   1.00 31.23 ? 93   HIS A CB  1 
ATOM   743  C  CG  . HIS A 1 94  ? -3.425  -6.865  7.805   1.00 30.84 ? 93   HIS A CG  1 
ATOM   744  N  ND1 . HIS A 1 94  ? -3.536  -7.644  6.676   1.00 32.32 ? 93   HIS A ND1 1 
ATOM   745  C  CD2 . HIS A 1 94  ? -2.227  -6.239  7.721   1.00 30.93 ? 93   HIS A CD2 1 
ATOM   746  C  CE1 . HIS A 1 94  ? -2.458  -7.487  5.929   1.00 30.58 ? 93   HIS A CE1 1 
ATOM   747  N  NE2 . HIS A 1 94  ? -1.646  -6.643  6.543   1.00 34.58 ? 93   HIS A NE2 1 
ATOM   748  N  N   . ALA A 1 95  ? -6.425  -8.015  11.152  1.00 32.80 ? 94   ALA A N   1 
ATOM   749  C  CA  . ALA A 1 95  ? -7.112  -7.750  12.405  1.00 35.00 ? 94   ALA A CA  1 
ATOM   750  C  C   . ALA A 1 95  ? -6.696  -8.783  13.461  1.00 36.63 ? 94   ALA A C   1 
ATOM   751  O  O   . ALA A 1 95  ? -6.198  -8.421  14.542  1.00 37.63 ? 94   ALA A O   1 
ATOM   752  C  CB  . ALA A 1 95  ? -8.623  -7.765  12.195  1.00 34.75 ? 94   ALA A CB  1 
ATOM   753  N  N   . THR A 1 96  ? -6.875  -10.062 13.142  1.00 37.95 ? 95   THR A N   1 
ATOM   754  C  CA  . THR A 1 96  ? -6.627  -11.126 14.118  1.00 39.63 ? 95   THR A CA  1 
ATOM   755  C  C   . THR A 1 96  ? -5.145  -11.224 14.471  1.00 40.80 ? 95   THR A C   1 
ATOM   756  O  O   . THR A 1 96  ? -4.810  -11.602 15.580  1.00 41.74 ? 95   THR A O   1 
ATOM   757  C  CB  . THR A 1 96  ? -7.188  -12.493 13.652  1.00 39.81 ? 95   THR A CB  1 
ATOM   758  O  OG1 . THR A 1 96  ? -6.701  -12.804 12.332  1.00 39.23 ? 95   THR A OG1 1 
ATOM   759  C  CG2 . THR A 1 96  ? -8.720  -12.461 13.653  1.00 40.00 ? 95   THR A CG2 1 
ATOM   760  N  N   . LYS A 1 97  ? -4.280  -10.874 13.520  1.00 42.27 ? 96   LYS A N   1 
ATOM   761  C  CA  . LYS A 1 97  ? -2.838  -10.682 13.752  1.00 43.67 ? 96   LYS A CA  1 
ATOM   762  C  C   . LYS A 1 97  ? -2.218  -9.916  12.579  1.00 44.12 ? 96   LYS A C   1 
ATOM   763  O  O   . LYS A 1 97  ? -1.172  -10.289 12.030  1.00 44.96 ? 96   LYS A O   1 
ATOM   764  C  CB  . LYS A 1 97  ? -2.111  -12.013 13.997  1.00 44.12 ? 96   LYS A CB  1 
ATOM   765  C  CG  . LYS A 1 97  ? -0.658  -11.861 14.488  1.00 45.18 ? 96   LYS A CG  1 
ATOM   766  C  CD  . LYS A 1 97  ? -0.286  -12.911 15.535  1.00 47.60 ? 96   LYS A CD  1 
ATOM   767  C  CE  . LYS A 1 97  ? -0.388  -12.345 16.959  1.00 48.21 ? 96   LYS A CE  1 
ATOM   768  N  NZ  . LYS A 1 97  ? -1.756  -11.856 17.333  1.00 48.20 ? 96   LYS A NZ  1 
ATOM   769  N  N   . LYS A 1 99  ? -2.597  -7.319  14.531  1.00 37.36 ? 98   LYS A N   1 
ATOM   770  C  CA  . LYS A 1 99  ? -3.067  -6.147  15.257  1.00 37.74 ? 98   LYS A CA  1 
ATOM   771  C  C   . LYS A 1 99  ? -2.357  -4.903  14.750  1.00 36.95 ? 98   LYS A C   1 
ATOM   772  O  O   . LYS A 1 99  ? -1.742  -4.147  15.517  1.00 37.53 ? 98   LYS A O   1 
ATOM   773  C  CB  . LYS A 1 99  ? -2.870  -6.319  16.770  1.00 37.72 ? 98   LYS A CB  1 
ATOM   774  C  CG  . LYS A 1 99  ? -3.862  -7.295  17.396  1.00 40.18 ? 98   LYS A CG  1 
ATOM   775  C  CD  . LYS A 1 99  ? -4.092  -6.964  18.857  1.00 42.56 ? 98   LYS A CD  1 
ATOM   776  C  CE  . LYS A 1 99  ? -5.297  -7.697  19.422  1.00 44.21 ? 98   LYS A CE  1 
ATOM   777  N  NZ  . LYS A 1 99  ? -5.928  -6.942  20.566  1.00 45.61 ? 98   LYS A NZ  1 
ATOM   778  N  N   . ILE A 1 100 ? -2.444  -4.722  13.436  1.00 35.80 ? 99   ILE A N   1 
ATOM   779  C  CA  . ILE A 1 100 ? -1.800  -3.634  12.719  1.00 34.32 ? 99   ILE A CA  1 
ATOM   780  C  C   . ILE A 1 100 ? -2.729  -2.458  12.813  1.00 32.53 ? 99   ILE A C   1 
ATOM   781  O  O   . ILE A 1 100 ? -3.845  -2.519  12.263  1.00 32.85 ? 99   ILE A O   1 
ATOM   782  C  CB  . ILE A 1 100 ? -1.604  -4.030  11.214  1.00 34.58 ? 99   ILE A CB  1 
ATOM   783  C  CG1 . ILE A 1 100 ? -0.491  -5.085  11.069  1.00 36.11 ? 99   ILE A CG1 1 
ATOM   784  C  CG2 . ILE A 1 100 ? -1.353  -2.801  10.319  1.00 34.49 ? 99   ILE A CG2 1 
ATOM   785  C  CD1 . ILE A 1 100 ? 0.752   -4.847  11.942  1.00 37.72 ? 99   ILE A CD1 1 
ATOM   786  N  N   . PRO A 1 101 ? -2.302  -1.363  13.501  1.00 30.35 ? 100  PRO A N   1 
ATOM   787  C  CA  . PRO A 1 101 ? -3.329  -0.350  13.525  1.00 29.10 ? 100  PRO A CA  1 
ATOM   788  C  C   . PRO A 1 101 ? -3.604  0.143   12.132  1.00 28.15 ? 100  PRO A C   1 
ATOM   789  O  O   . PRO A 1 101 ? -2.695  0.198   11.289  1.00 26.57 ? 100  PRO A O   1 
ATOM   790  C  CB  . PRO A 1 101 ? -2.743  0.775   14.404  1.00 28.94 ? 100  PRO A CB  1 
ATOM   791  C  CG  . PRO A 1 101 ? -1.302  0.541   14.455  1.00 29.51 ? 100  PRO A CG  1 
ATOM   792  C  CD  . PRO A 1 101 ? -1.062  -0.938  14.178  1.00 29.91 ? 100  PRO A CD  1 
ATOM   793  N  N   . ILE A 1 102 ? -4.867  0.484   11.909  1.00 27.57 ? 101  ILE A N   1 
ATOM   794  C  CA  . ILE A 1 102 ? -5.338  1.163   10.700  1.00 27.47 ? 101  ILE A CA  1 
ATOM   795  C  C   . ILE A 1 102 ? -4.519  2.367   10.275  1.00 26.18 ? 101  ILE A C   1 
ATOM   796  O  O   . ILE A 1 102 ? -4.294  2.556   9.075   1.00 26.57 ? 101  ILE A O   1 
ATOM   797  C  CB  . ILE A 1 102 ? -6.853  1.505   10.811  1.00 28.28 ? 101  ILE A CB  1 
ATOM   798  C  CG1 . ILE A 1 102 ? -7.656  0.483   10.010  1.00 30.58 ? 101  ILE A CG1 1 
ATOM   799  C  CG2 . ILE A 1 102 ? -7.154  2.913   10.262  1.00 30.47 ? 101  ILE A CG2 1 
ATOM   800  C  CD1 . ILE A 1 102 ? -7.414  -0.936  10.468  1.00 30.95 ? 101  ILE A CD1 1 
ATOM   801  N  N   . LYS A 1 103 ? -4.012  3.154   11.237  1.00 24.88 ? 102  LYS A N   1 
ATOM   802  C  CA  . LYS A 1 103 ? -3.144  4.280   10.919  1.00 22.40 ? 102  LYS A CA  1 
ATOM   803  C  C   . LYS A 1 103 ? -1.895  3.911   10.091  1.00 21.33 ? 102  LYS A C   1 
ATOM   804  O  O   . LYS A 1 103 ? -1.378  4.755   9.385   1.00 20.63 ? 102  LYS A O   1 
ATOM   805  C  CB  . LYS A 1 103 ? -2.734  5.089   12.164  1.00 23.68 ? 102  LYS A CB  1 
ATOM   806  C  CG  . LYS A 1 103 ? -1.831  4.392   13.147  1.00 26.21 ? 102  LYS A CG  1 
ATOM   807  C  CD  . LYS A 1 103 ? -1.313  5.372   14.191  1.00 24.90 ? 102  LYS A CD  1 
ATOM   808  C  CE  . LYS A 1 103 ? -0.488  4.636   15.237  1.00 27.35 ? 102  LYS A CE  1 
ATOM   809  N  NZ  . LYS A 1 103 ? 0.247   5.580   16.166  1.00 29.73 ? 102  LYS A NZ  1 
ATOM   810  N  N   . TYR A 1 104 ? -1.367  2.697   10.262  1.00 17.68 ? 103  TYR A N   1 
ATOM   811  C  CA  . TYR A 1 104 ? -0.222  2.273   9.421   1.00 18.29 ? 103  TYR A CA  1 
ATOM   812  C  C   . TYR A 1 104 ? -0.553  2.307   7.953   1.00 16.55 ? 103  TYR A C   1 
ATOM   813  O  O   . TYR A 1 104 ? 0.341   2.500   7.118   1.00 16.72 ? 103  TYR A O   1 
ATOM   814  C  CB  . TYR A 1 104 ? 0.220   0.873   9.826   1.00 19.29 ? 103  TYR A CB  1 
ATOM   815  C  CG  . TYR A 1 104 ? 1.056   0.855   11.105  1.00 20.32 ? 103  TYR A CG  1 
ATOM   816  C  CD1 . TYR A 1 104 ? 1.061   1.930   11.994  1.00 20.41 ? 103  TYR A CD1 1 
ATOM   817  C  CD2 . TYR A 1 104 ? 1.853   -0.267  11.415  1.00 23.26 ? 103  TYR A CD2 1 
ATOM   818  C  CE1 . TYR A 1 104 ? 1.844   1.906   13.166  1.00 21.11 ? 103  TYR A CE1 1 
ATOM   819  C  CE2 . TYR A 1 104 ? 2.620   -0.295  12.576  1.00 23.09 ? 103  TYR A CE2 1 
ATOM   820  C  CZ  . TYR A 1 104 ? 2.617   0.797   13.427  1.00 21.99 ? 103  TYR A CZ  1 
ATOM   821  O  OH  . TYR A 1 104 ? 3.375   0.777   14.584  1.00 25.75 ? 103  TYR A OH  1 
ATOM   822  N  N   . LEU A 1 105 ? -1.824  2.094   7.632   1.00 16.80 ? 104  LEU A N   1 
ATOM   823  C  CA  . LEU A 1 105 ? -2.325  2.209   6.252   1.00 18.13 ? 104  LEU A CA  1 
ATOM   824  C  C   . LEU A 1 105 ? -2.107  3.608   5.685   1.00 16.98 ? 104  LEU A C   1 
ATOM   825  O  O   . LEU A 1 105 ? -1.860  3.761   4.489   1.00 17.08 ? 104  LEU A O   1 
ATOM   826  C  CB  . LEU A 1 105 ? -3.821  1.868   6.188   1.00 18.98 ? 104  LEU A CB  1 
ATOM   827  C  CG  . LEU A 1 105 ? -4.217  0.420   6.003   1.00 21.85 ? 104  LEU A CG  1 
ATOM   828  C  CD1 . LEU A 1 105 ? -3.818  -0.250  7.239   1.00 27.66 ? 104  LEU A CD1 1 
ATOM   829  C  CD2 . LEU A 1 105 ? -5.724  0.216   5.744   1.00 19.57 ? 104  LEU A CD2 1 
ATOM   830  N  N   . GLU A 1 106 ? -2.247  4.635   6.516   1.00 15.71 ? 105  GLU A N   1 
ATOM   831  C  CA  . GLU A 1 106 ? -1.975  6.014   6.068   1.00 15.38 ? 105  GLU A CA  1 
ATOM   832  C  C   . GLU A 1 106 ? -0.496  6.159   5.730   1.00 14.53 ? 105  GLU A C   1 
ATOM   833  O  O   . GLU A 1 106 ? -0.133  6.745   4.696   1.00 14.19 ? 105  GLU A O   1 
ATOM   834  C  CB  . GLU A 1 106 ? -2.424  7.022   7.164   1.00 16.48 ? 105  GLU A CB  1 
ATOM   835  C  CG  . GLU A 1 106 ? -3.894  6.821   7.449   1.00 19.98 ? 105  GLU A CG  1 
ATOM   836  C  CD  . GLU A 1 106 ? -4.448  7.630   8.607   1.00 26.68 ? 105  GLU A CD  1 
ATOM   837  O  OE1 . GLU A 1 106 ? -3.680  8.311   9.329   1.00 31.88 ? 105  GLU A OE1 1 
ATOM   838  O  OE2 . GLU A 1 106 ? -5.676  7.568   8.773   1.00 30.07 ? 105  GLU A OE2 1 
ATOM   839  N  N   . PHE A 1 107 ? 0.372   5.562   6.558   1.00 14.50 ? 106  PHE A N   1 
ATOM   840  C  CA  . PHE A 1 107 ? 1.822   5.662   6.343   1.00 13.46 ? 106  PHE A CA  1 
ATOM   841  C  C   . PHE A 1 107 ? 2.199   4.938   5.042   1.00 13.63 ? 106  PHE A C   1 
ATOM   842  O  O   . PHE A 1 107 ? 2.986   5.450   4.238   1.00 13.98 ? 106  PHE A O   1 
ATOM   843  C  CB  . PHE A 1 107 ? 2.571   4.988   7.479   1.00 14.22 ? 106  PHE A CB  1 
ATOM   844  C  CG  . PHE A 1 107 ? 2.294   5.605   8.839   1.00 14.02 ? 106  PHE A CG  1 
ATOM   845  C  CD1 . PHE A 1 107 ? 1.775   6.888   8.938   1.00 17.71 ? 106  PHE A CD1 1 
ATOM   846  C  CD2 . PHE A 1 107 ? 2.619   4.906   9.995   1.00 15.73 ? 106  PHE A CD2 1 
ATOM   847  C  CE1 . PHE A 1 107 ? 1.545   7.465   10.223  1.00 19.84 ? 106  PHE A CE1 1 
ATOM   848  C  CE2 . PHE A 1 107 ? 2.375   5.446   11.257  1.00 17.55 ? 106  PHE A CE2 1 
ATOM   849  C  CZ  . PHE A 1 107 ? 1.855   6.729   11.362  1.00 18.15 ? 106  PHE A CZ  1 
ATOM   850  N  N   . ILE A 1 108 ? 1.649   3.754   4.864   1.00 13.12 ? 107  ILE A N   1 
ATOM   851  C  CA  A ILE A 1 108 ? 1.887   2.926   3.663   0.50 12.35 ? 107  ILE A CA  1 
ATOM   852  C  CA  B ILE A 1 108 ? 2.015   3.029   3.644   0.50 12.77 ? 107  ILE A CA  1 
ATOM   853  C  C   . ILE A 1 108 ? 1.423   3.703   2.403   1.00 13.48 ? 107  ILE A C   1 
ATOM   854  O  O   . ILE A 1 108 ? 2.083   3.733   1.381   1.00 12.24 ? 107  ILE A O   1 
ATOM   855  C  CB  A ILE A 1 108 ? 1.146   1.556   3.805   0.50 12.86 ? 107  ILE A CB  1 
ATOM   856  C  CB  B ILE A 1 108 ? 1.706   1.544   3.658   0.50 14.28 ? 107  ILE A CB  1 
ATOM   857  C  CG1 A ILE A 1 108 ? 1.864   0.658   4.823   0.50 12.02 ? 107  ILE A CG1 1 
ATOM   858  C  CG1 B ILE A 1 108 ? 2.501   0.879   2.507   0.50 11.24 ? 107  ILE A CG1 1 
ATOM   859  C  CG2 A ILE A 1 108 ? 1.054   0.792   2.424   0.50 10.38 ? 107  ILE A CG2 1 
ATOM   860  C  CG2 B ILE A 1 108 ? 0.208   1.290   3.421   0.50 12.44 ? 107  ILE A CG2 1 
ATOM   861  C  CD1 A ILE A 1 108 ? 0.956   -0.369  5.561   0.50 12.30 ? 107  ILE A CD1 1 
ATOM   862  C  CD1 B ILE A 1 108 ? 2.637   -0.607  2.595   0.50 14.74 ? 107  ILE A CD1 1 
ATOM   863  N  N   . SER A 1 109 ? 0.242   4.323   2.512   1.00 12.45 ? 108  SER A N   1 
ATOM   864  C  CA  . SER A 1 109 ? -0.344  5.061   1.372   1.00 14.74 ? 108  SER A CA  1 
ATOM   865  C  C   . SER A 1 109 ? 0.595   6.226   0.959   1.00 15.31 ? 108  SER A C   1 
ATOM   866  O  O   . SER A 1 109 ? 0.868   6.448   -0.213  1.00 13.24 ? 108  SER A O   1 
ATOM   867  C  CB  . SER A 1 109 ? -1.720  5.589   1.725   1.00 13.63 ? 108  SER A CB  1 
ATOM   868  O  OG  . SER A 1 109 ? -2.574  4.468   1.920   1.00 18.18 ? 108  SER A OG  1 
ATOM   869  N  N   . GLU A 1 110 ? 1.115   6.942   1.957   1.00 15.43 ? 109  GLU A N   1 
ATOM   870  C  CA  . GLU A 1 110 ? 2.086   8.032   1.758   1.00 18.09 ? 109  GLU A CA  1 
ATOM   871  C  C   . GLU A 1 110 ? 3.350   7.546   1.008   1.00 16.53 ? 109  GLU A C   1 
ATOM   872  O  O   . GLU A 1 110 ? 3.807   8.187   0.014   1.00 14.84 ? 109  GLU A O   1 
ATOM   873  C  CB  . GLU A 1 110 ? 2.372   8.531   3.169   1.00 17.81 ? 109  GLU A CB  1 
ATOM   874  C  CG  . GLU A 1 110 ? 3.531   9.409   3.563   1.00 24.40 ? 109  GLU A CG  1 
ATOM   875  C  CD  . GLU A 1 110 ? 3.566   9.509   5.147   1.00 25.09 ? 109  GLU A CD  1 
ATOM   876  O  OE1 . GLU A 1 110 ? 4.648   9.290   5.777   1.00 28.12 ? 109  GLU A OE1 1 
ATOM   877  O  OE2 . GLU A 1 110 ? 2.456   9.738   5.743   1.00 32.18 ? 109  GLU A OE2 1 
ATOM   878  N  N   . ALA A 1 111 ? 3.866   6.403   1.454   1.00 15.13 ? 110  ALA A N   1 
ATOM   879  C  CA  . ALA A 1 111 ? 5.025   5.762   0.799   1.00 15.57 ? 110  ALA A CA  1 
ATOM   880  C  C   . ALA A 1 111 ? 4.748   5.394   -0.639  1.00 14.73 ? 110  ALA A C   1 
ATOM   881  O  O   . ALA A 1 111 ? 5.577   5.661   -1.513  1.00 14.76 ? 110  ALA A O   1 
ATOM   882  C  CB  . ALA A 1 111 ? 5.468   4.520   1.556   1.00 14.03 ? 110  ALA A CB  1 
ATOM   883  N  N   . ILE A 1 112 ? 3.591   4.769   -0.899  1.00 14.78 ? 111  ILE A N   1 
ATOM   884  C  CA  . ILE A 1 112 ? 3.232   4.405   -2.271  1.00 14.35 ? 111  ILE A CA  1 
ATOM   885  C  C   . ILE A 1 112 ? 3.181   5.630   -3.196  1.00 15.55 ? 111  ILE A C   1 
ATOM   886  O  O   . ILE A 1 112 ? 3.772   5.616   -4.298  1.00 16.49 ? 111  ILE A O   1 
ATOM   887  C  CB  . ILE A 1 112 ? 1.848   3.652   -2.301  1.00 13.06 ? 111  ILE A CB  1 
ATOM   888  C  CG1 . ILE A 1 112 ? 1.980   2.279   -1.680  1.00 11.22 ? 111  ILE A CG1 1 
ATOM   889  C  CG2 . ILE A 1 112 ? 1.243   3.572   -3.768  1.00 13.56 ? 111  ILE A CG2 1 
ATOM   890  C  CD1 . ILE A 1 112 ? 0.577   1.673   -1.233  1.00 14.20 ? 111  ILE A CD1 1 
ATOM   891  N  N   . ILE A 1 113 ? 2.444   6.661   -2.783  1.00 16.34 ? 112  ILE A N   1 
ATOM   892  C  CA  . ILE A 1 113 ? 2.393   7.912   -3.563  1.00 17.82 ? 112  ILE A CA  1 
ATOM   893  C  C   . ILE A 1 113 ? 3.804   8.473   -3.812  1.00 17.15 ? 112  ILE A C   1 
ATOM   894  O  O   . ILE A 1 113 ? 4.144   8.835   -4.952  1.00 16.21 ? 112  ILE A O   1 
ATOM   895  C  CB  . ILE A 1 113 ? 1.496   9.002   -2.890  1.00 19.16 ? 112  ILE A CB  1 
ATOM   896  C  CG1 . ILE A 1 113 ? 0.046   8.510   -2.705  1.00 21.54 ? 112  ILE A CG1 1 
ATOM   897  C  CG2 . ILE A 1 113 ? 1.572   10.337  -3.641  1.00 20.98 ? 112  ILE A CG2 1 
ATOM   898  C  CD1 . ILE A 1 113 ? -0.716  8.370   -3.956  1.00 24.88 ? 112  ILE A CD1 1 
ATOM   899  N  N   . HIS A 1 114 ? 4.630   8.549   -2.759  1.00 16.24 ? 113  HIS A N   1 
ATOM   900  C  CA  . HIS A 1 114 ? 5.971   9.107   -2.906  1.00 16.30 ? 113  HIS A CA  1 
ATOM   901  C  C   . HIS A 1 114 ? 6.758   8.343   -3.991  1.00 16.44 ? 113  HIS A C   1 
ATOM   902  O  O   . HIS A 1 114 ? 7.314   8.949   -4.919  1.00 16.77 ? 113  HIS A O   1 
ATOM   903  C  CB  . HIS A 1 114 ? 6.787   9.087   -1.588  1.00 16.09 ? 113  HIS A CB  1 
ATOM   904  C  CG  . HIS A 1 114 ? 8.166   9.673   -1.733  1.00 19.05 ? 113  HIS A CG  1 
ATOM   905  N  ND1 . HIS A 1 114 ? 8.394   11.028  -1.742  1.00 23.54 ? 113  HIS A ND1 1 
ATOM   906  C  CD2 . HIS A 1 114 ? 9.371   9.091   -1.937  1.00 20.53 ? 113  HIS A CD2 1 
ATOM   907  C  CE1 . HIS A 1 114 ? 9.682   11.261  -1.925  1.00 22.70 ? 113  HIS A CE1 1 
ATOM   908  N  NE2 . HIS A 1 114 ? 10.292  10.100  -2.052  1.00 24.16 ? 113  HIS A NE2 1 
ATOM   909  N  N   . VAL A 1 115 ? 6.816   7.030   -3.855  1.00 14.88 ? 114  VAL A N   1 
ATOM   910  C  CA  . VAL A 1 115 ? 7.597   6.166   -4.785  1.00 15.03 ? 114  VAL A CA  1 
ATOM   911  C  C   . VAL A 1 115 ? 7.063   6.211   -6.224  1.00 15.18 ? 114  VAL A C   1 
ATOM   912  O  O   . VAL A 1 115 ? 7.851   6.304   -7.185  1.00 14.70 ? 114  VAL A O   1 
ATOM   913  C  CB  . VAL A 1 115 ? 7.618   4.710   -4.292  1.00 15.37 ? 114  VAL A CB  1 
ATOM   914  C  CG1 . VAL A 1 115 ? 8.245   3.787   -5.328  1.00 15.95 ? 114  VAL A CG1 1 
ATOM   915  C  CG2 . VAL A 1 115 ? 8.428   4.614   -2.964  1.00 15.41 ? 114  VAL A CG2 1 
ATOM   916  N  N   . LEU A 1 116 ? 5.751   6.159   -6.397  1.00 15.91 ? 115  LEU A N   1 
ATOM   917  C  CA  . LEU A 1 116 ? 5.181   6.304   -7.747  1.00 17.30 ? 115  LEU A CA  1 
ATOM   918  C  C   . LEU A 1 116 ? 5.556   7.620   -8.406  1.00 18.99 ? 115  LEU A C   1 
ATOM   919  O  O   . LEU A 1 116 ? 5.849   7.647   -9.615  1.00 20.24 ? 115  LEU A O   1 
ATOM   920  C  CB  . LEU A 1 116 ? 3.656   6.192   -7.690  1.00 16.26 ? 115  LEU A CB  1 
ATOM   921  C  CG  . LEU A 1 116 ? 3.072   4.832   -7.361  1.00 17.91 ? 115  LEU A CG  1 
ATOM   922  C  CD1 . LEU A 1 116 ? 1.546   4.871   -7.514  1.00 17.48 ? 115  LEU A CD1 1 
ATOM   923  C  CD2 . LEU A 1 116 ? 3.623   3.749   -8.248  1.00 19.03 ? 115  LEU A CD2 1 
ATOM   924  N  N   . HIS A 1 117 ? 5.554   8.710   -7.640  1.00 19.47 ? 116  HIS A N   1 
ATOM   925  C  CA  . HIS A 1 117 ? 5.980   10.004  -8.189  1.00 21.23 ? 116  HIS A CA  1 
ATOM   926  C  C   . HIS A 1 117 ? 7.469   10.016  -8.516  1.00 21.89 ? 116  HIS A C   1 
ATOM   927  O  O   . HIS A 1 117 ? 7.859   10.530  -9.574  1.00 22.09 ? 116  HIS A O   1 
ATOM   928  C  CB  . HIS A 1 117 ? 5.715   11.149  -7.220  1.00 22.09 ? 116  HIS A CB  1 
ATOM   929  C  CG  . HIS A 1 117 ? 6.160   12.476  -7.760  1.00 26.01 ? 116  HIS A CG  1 
ATOM   930  N  ND1 . HIS A 1 117 ? 7.329   13.094  -7.359  1.00 30.68 ? 116  HIS A ND1 1 
ATOM   931  C  CD2 . HIS A 1 117 ? 5.646   13.249  -8.749  1.00 26.81 ? 116  HIS A CD2 1 
ATOM   932  C  CE1 . HIS A 1 117 ? 7.482   14.224  -8.034  1.00 30.03 ? 116  HIS A CE1 1 
ATOM   933  N  NE2 . HIS A 1 117 ? 6.468   14.344  -8.877  1.00 29.03 ? 116  HIS A NE2 1 
ATOM   934  N  N   . SER A 1 118 ? 8.286   9.506   -7.587  1.00 22.12 ? 117  SER A N   1 
ATOM   935  C  CA  . SER A 1 118 ? 9.737   9.429   -7.767  1.00 22.90 ? 117  SER A CA  1 
ATOM   936  C  C   . SER A 1 118 ? 10.101  8.621   -9.009  1.00 22.71 ? 117  SER A C   1 
ATOM   937  O  O   . SER A 1 118 ? 10.957  9.046   -9.820  1.00 22.83 ? 117  SER A O   1 
ATOM   938  C  CB  . SER A 1 118 ? 10.389  8.819   -6.519  1.00 23.90 ? 117  SER A CB  1 
ATOM   939  O  OG  . SER A 1 118 ? 11.781  8.635   -6.724  1.00 27.40 ? 117  SER A OG  1 
ATOM   940  N  N   . ARG A 1 119 ? 9.441   7.480   -9.185  1.00 21.12 ? 118  ARG A N   1 
ATOM   941  C  CA  . ARG A 1 119 ? 9.751   6.572   -10.279 1.00 22.67 ? 118  ARG A CA  1 
ATOM   942  C  C   . ARG A 1 119 ? 9.098   6.898   -11.622 1.00 22.57 ? 118  ARG A C   1 
ATOM   943  O  O   . ARG A 1 119 ? 9.613   6.478   -12.662 1.00 23.75 ? 118  ARG A O   1 
ATOM   944  C  CB  . ARG A 1 119 ? 9.453   5.116   -9.876  1.00 21.47 ? 118  ARG A CB  1 
ATOM   945  C  CG  . ARG A 1 119 ? 10.409  4.583   -8.829  1.00 22.89 ? 118  ARG A CG  1 
ATOM   946  C  CD  . ARG A 1 119 ? 10.060  3.161   -8.331  1.00 24.00 ? 118  ARG A CD  1 
ATOM   947  N  NE  . ARG A 1 119 ? 10.326  2.161   -9.354  1.00 28.23 ? 118  ARG A NE  1 
ATOM   948  C  CZ  . ARG A 1 119 ? 11.077  1.068   -9.228  1.00 25.50 ? 118  ARG A CZ  1 
ATOM   949  N  NH1 . ARG A 1 119 ? 11.704  0.762   -8.099  1.00 23.60 ? 118  ARG A NH1 1 
ATOM   950  N  NH2 . ARG A 1 119 ? 11.214  0.284   -10.289 1.00 26.27 ? 118  ARG A NH2 1 
ATOM   951  N  N   . HIS A 1 120 ? 7.977   7.616   -11.601 1.00 22.82 ? 119  HIS A N   1 
ATOM   952  C  CA  . HIS A 1 120 ? 7.181   7.901   -12.810 1.00 24.22 ? 119  HIS A CA  1 
ATOM   953  C  C   . HIS A 1 120 ? 6.689   9.351   -12.856 1.00 25.46 ? 119  HIS A C   1 
ATOM   954  O  O   . HIS A 1 120 ? 5.499   9.583   -12.963 1.00 25.76 ? 119  HIS A O   1 
ATOM   955  C  CB  . HIS A 1 120 ? 5.989   6.937   -12.889 1.00 23.55 ? 119  HIS A CB  1 
ATOM   956  C  CG  . HIS A 1 120 ? 6.368   5.505   -12.667 1.00 23.47 ? 119  HIS A CG  1 
ATOM   957  N  ND1 . HIS A 1 120 ? 7.069   4.761   -13.596 1.00 19.08 ? 119  HIS A ND1 1 
ATOM   958  C  CD2 . HIS A 1 120 ? 6.154   4.686   -11.606 1.00 19.59 ? 119  HIS A CD2 1 
ATOM   959  C  CE1 . HIS A 1 120 ? 7.267   3.544   -13.121 1.00 21.79 ? 119  HIS A CE1 1 
ATOM   960  N  NE2 . HIS A 1 120 ? 6.721   3.471   -11.914 1.00 21.56 ? 119  HIS A NE2 1 
ATOM   961  N  N   . PRO A 1 121 ? 7.605   10.317  -12.782 1.00 27.51 ? 120  PRO A N   1 
ATOM   962  C  CA  . PRO A 1 121 ? 7.200   11.727  -12.619 1.00 30.09 ? 120  PRO A CA  1 
ATOM   963  C  C   . PRO A 1 121 ? 6.508   12.283  -13.860 1.00 31.92 ? 120  PRO A C   1 
ATOM   964  O  O   . PRO A 1 121 ? 5.607   13.119  -13.743 1.00 33.07 ? 120  PRO A O   1 
ATOM   965  C  CB  . PRO A 1 121 ? 8.530   12.444  -12.365 1.00 29.51 ? 120  PRO A CB  1 
ATOM   966  C  CG  . PRO A 1 121 ? 9.535   11.618  -13.108 1.00 29.53 ? 120  PRO A CG  1 
ATOM   967  C  CD  . PRO A 1 121 ? 9.069   10.180  -12.856 1.00 28.14 ? 120  PRO A CD  1 
ATOM   968  N  N   . GLY A 1 122 ? 6.898   11.771  -15.029 1.00 33.57 ? 121  GLY A N   1 
ATOM   969  C  CA  . GLY A 1 122 ? 6.332   12.193  -16.310 1.00 34.84 ? 121  GLY A CA  1 
ATOM   970  C  C   . GLY A 1 122 ? 4.889   11.814  -16.569 1.00 35.28 ? 121  GLY A C   1 
ATOM   971  O  O   . GLY A 1 122 ? 4.225   12.454  -17.394 1.00 36.33 ? 121  GLY A O   1 
ATOM   972  N  N   . ASP A 1 123 ? 4.396   10.769  -15.906 1.00 34.91 ? 122  ASP A N   1 
ATOM   973  C  CA  . ASP A 1 123 ? 2.967   10.466  -15.972 1.00 34.21 ? 122  ASP A CA  1 
ATOM   974  C  C   . ASP A 1 123 ? 2.189   10.629  -14.647 1.00 32.25 ? 122  ASP A C   1 
ATOM   975  O  O   . ASP A 1 123 ? 1.007   10.994  -14.663 1.00 32.87 ? 122  ASP A O   1 
ATOM   976  C  CB  . ASP A 1 123 ? 2.683   9.109   -16.649 1.00 35.55 ? 122  ASP A CB  1 
ATOM   977  C  CG  . ASP A 1 123 ? 2.548   7.957   -15.661 1.00 38.62 ? 122  ASP A CG  1 
ATOM   978  O  OD1 . ASP A 1 123 ? 3.582   7.527   -15.134 1.00 40.63 ? 122  ASP A OD1 1 
ATOM   979  O  OD2 . ASP A 1 123 ? 1.411   7.461   -15.425 1.00 42.96 ? 122  ASP A OD2 1 
ATOM   980  N  N   . PHE A 1 124 ? 2.841   10.383  -13.515 1.00 29.20 ? 123  PHE A N   1 
ATOM   981  C  CA  . PHE A 1 124 ? 2.169   10.449  -12.214 1.00 24.84 ? 123  PHE A CA  1 
ATOM   982  C  C   . PHE A 1 124 ? 2.110   11.916  -11.736 1.00 23.80 ? 123  PHE A C   1 
ATOM   983  O  O   . PHE A 1 124 ? 2.755   12.309  -10.786 1.00 22.79 ? 123  PHE A O   1 
ATOM   984  C  CB  . PHE A 1 124 ? 2.886   9.498   -11.225 1.00 24.48 ? 123  PHE A CB  1 
ATOM   985  C  CG  . PHE A 1 124 ? 2.078   9.153   -9.992  1.00 21.62 ? 123  PHE A CG  1 
ATOM   986  C  CD1 . PHE A 1 124 ? 0.950   8.378   -10.084 1.00 20.69 ? 123  PHE A CD1 1 
ATOM   987  C  CD2 . PHE A 1 124 ? 2.477   9.598   -8.738  1.00 22.05 ? 123  PHE A CD2 1 
ATOM   988  C  CE1 . PHE A 1 124 ? 0.193   8.056   -8.936  1.00 22.24 ? 123  PHE A CE1 1 
ATOM   989  C  CE2 . PHE A 1 124 ? 1.721   9.278   -7.570  1.00 20.23 ? 123  PHE A CE2 1 
ATOM   990  C  CZ  . PHE A 1 124 ? 0.598   8.504   -7.679  1.00 19.39 ? 123  PHE A CZ  1 
ATOM   991  N  N   . GLY A 1 125 ? 1.324   12.738  -12.421 1.00 22.69 ? 124  GLY A N   1 
ATOM   992  C  CA  . GLY A 1 125 ? 1.193   14.161  -12.051 1.00 21.31 ? 124  GLY A CA  1 
ATOM   993  C  C   . GLY A 1 125 ? 0.100   14.397  -11.044 1.00 20.59 ? 124  GLY A C   1 
ATOM   994  O  O   . GLY A 1 125 ? -0.353  13.447  -10.402 1.00 19.44 ? 124  GLY A O   1 
ATOM   995  N  N   . ALA A 1 126 ? -0.393  15.643  -10.970 1.00 19.35 ? 125  ALA A N   1 
ATOM   996  C  CA  . ALA A 1 126 ? -1.402  16.009  -9.991  1.00 18.95 ? 125  ALA A CA  1 
ATOM   997  C  C   . ALA A 1 126 ? -2.677  15.168  -10.099 1.00 18.43 ? 125  ALA A C   1 
ATOM   998  O  O   . ALA A 1 126 ? -3.242  14.798  -9.074  1.00 17.76 ? 125  ALA A O   1 
ATOM   999  C  CB  . ALA A 1 126 ? -1.746  17.512  -10.048 1.00 18.78 ? 125  ALA A CB  1 
ATOM   1000 N  N   . ASP A 1 127 ? -3.120  14.864  -11.326 1.00 17.45 ? 126  ASP A N   1 
ATOM   1001 C  CA  . ASP A 1 127 ? -4.386  14.144  -11.522 1.00 17.37 ? 126  ASP A CA  1 
ATOM   1002 C  C   . ASP A 1 127 ? -4.230  12.684  -11.082 1.00 16.98 ? 126  ASP A C   1 
ATOM   1003 O  O   . ASP A 1 127 ? -5.061  12.159  -10.328 1.00 17.56 ? 126  ASP A O   1 
ATOM   1004 C  CB  . ASP A 1 127 ? -4.817  14.220  -13.011 1.00 17.76 ? 126  ASP A CB  1 
ATOM   1005 C  CG  . ASP A 1 127 ? -5.211  15.627  -13.442 1.00 18.40 ? 126  ASP A CG  1 
ATOM   1006 O  OD1 . ASP A 1 127 ? -5.059  16.573  -12.630 1.00 19.53 ? 126  ASP A OD1 1 
ATOM   1007 O  OD2 . ASP A 1 127 ? -5.724  15.789  -14.575 1.00 17.03 ? 126  ASP A OD2 1 
ATOM   1008 N  N   . ALA A 1 128 ? -3.158  12.041  -11.532 1.00 17.53 ? 127  ALA A N   1 
ATOM   1009 C  CA  . ALA A 1 128 ? -2.930  10.636  -11.188 1.00 18.33 ? 127  ALA A CA  1 
ATOM   1010 C  C   . ALA A 1 128 ? -2.632  10.465  -9.687  1.00 18.81 ? 127  ALA A C   1 
ATOM   1011 O  O   . ALA A 1 128 ? -3.131  9.514   -9.042  1.00 18.39 ? 127  ALA A O   1 
ATOM   1012 C  CB  . ALA A 1 128 ? -1.832  10.033  -12.079 1.00 18.70 ? 127  ALA A CB  1 
ATOM   1013 N  N   . GLN A 1 129 ? -1.883  11.401  -9.097  1.00 18.49 ? 128  GLN A N   1 
ATOM   1014 C  CA  A GLN A 1 129 ? -1.681  11.393  -7.645  0.50 18.54 ? 128  GLN A CA  1 
ATOM   1015 C  CA  B GLN A 1 129 ? -1.680  11.394  -7.640  0.50 18.69 ? 128  GLN A CA  1 
ATOM   1016 C  C   . GLN A 1 129 ? -2.984  11.605  -6.879  1.00 19.19 ? 128  GLN A C   1 
ATOM   1017 O  O   . GLN A 1 129 ? -3.255  10.902  -5.889  1.00 19.23 ? 128  GLN A O   1 
ATOM   1018 C  CB  A GLN A 1 129 ? -0.628  12.423  -7.236  0.50 19.00 ? 128  GLN A CB  1 
ATOM   1019 C  CB  B GLN A 1 129 ? -0.643  12.434  -7.211  0.50 19.15 ? 128  GLN A CB  1 
ATOM   1020 C  CG  A GLN A 1 129 ? 0.716   12.145  -7.859  0.50 17.82 ? 128  GLN A CG  1 
ATOM   1021 C  CG  B GLN A 1 129 ? -0.498  12.596  -5.685  0.50 18.56 ? 128  GLN A CG  1 
ATOM   1022 C  CD  A GLN A 1 129 ? 1.812   13.078  -7.399  0.50 18.58 ? 128  GLN A CD  1 
ATOM   1023 C  CD  B GLN A 1 129 ? 0.608   13.550  -5.313  0.50 18.90 ? 128  GLN A CD  1 
ATOM   1024 O  OE1 A GLN A 1 129 ? 2.219   13.039  -6.232  0.50 20.16 ? 128  GLN A OE1 1 
ATOM   1025 O  OE1 B GLN A 1 129 ? 1.307   14.057  -6.184  0.50 21.16 ? 128  GLN A OE1 1 
ATOM   1026 N  NE2 A GLN A 1 129 ? 2.306   13.918  -8.315  0.50 15.84 ? 128  GLN A NE2 1 
ATOM   1027 N  NE2 B GLN A 1 129 ? 0.780   13.802  -4.009  0.50 17.19 ? 128  GLN A NE2 1 
ATOM   1028 N  N   . GLY A 1 130 ? -3.796  12.571  -7.327  1.00 18.90 ? 129  GLY A N   1 
ATOM   1029 C  CA  . GLY A 1 130 ? -5.148  12.774  -6.745  1.00 19.44 ? 129  GLY A CA  1 
ATOM   1030 C  C   . GLY A 1 130 ? -6.030  11.526  -6.811  1.00 18.61 ? 129  GLY A C   1 
ATOM   1031 O  O   . GLY A 1 130 ? -6.641  11.142  -5.828  1.00 19.25 ? 129  GLY A O   1 
ATOM   1032 N  N   . ALA A 1 131 ? -6.060  10.892  -7.977  1.00 18.43 ? 130  ALA A N   1 
ATOM   1033 C  CA  . ALA A 1 131 ? -6.757  9.624   -8.178  1.00 17.97 ? 130  ALA A CA  1 
ATOM   1034 C  C   . ALA A 1 131 ? -6.225  8.525   -7.258  1.00 17.43 ? 130  ALA A C   1 
ATOM   1035 O  O   . ALA A 1 131 ? -7.009  7.865   -6.556  1.00 16.26 ? 130  ALA A O   1 
ATOM   1036 C  CB  . ALA A 1 131 ? -6.616  9.220   -9.633  1.00 19.06 ? 130  ALA A CB  1 
ATOM   1037 N  N   . MET A 1 132 ? -4.909  8.340   -7.235  1.00 16.91 ? 131  MET A N   1 
ATOM   1038 C  CA  . MET A 1 132 ? -4.358  7.288   -6.367  1.00 17.10 ? 131  MET A CA  1 
ATOM   1039 C  C   . MET A 1 132 ? -4.692  7.606   -4.905  1.00 17.44 ? 131  MET A C   1 
ATOM   1040 O  O   . MET A 1 132 ? -4.995  6.711   -4.149  1.00 16.42 ? 131  MET A O   1 
ATOM   1041 C  CB  . MET A 1 132 ? -2.858  7.113   -6.565  1.00 17.62 ? 131  MET A CB  1 
ATOM   1042 C  CG  . MET A 1 132 ? -2.225  5.959   -5.771  1.00 17.47 ? 131  MET A CG  1 
ATOM   1043 S  SD  . MET A 1 132 ? -2.881  4.363   -6.233  1.00 18.83 ? 131  MET A SD  1 
ATOM   1044 C  CE  . MET A 1 132 ? -2.165  4.091   -7.827  1.00 19.47 ? 131  MET A CE  1 
ATOM   1045 N  N   . ASN A 1 133 ? -4.644  8.874   -4.511  1.00 17.01 ? 132  ASN A N   1 
ATOM   1046 C  CA  A ASN A 1 133 ? -4.942  9.200   -3.136  0.50 17.71 ? 132  ASN A CA  1 
ATOM   1047 C  CA  B ASN A 1 133 ? -4.971  9.239   -3.140  0.50 18.01 ? 132  ASN A CA  1 
ATOM   1048 C  C   . ASN A 1 133 ? -6.370  8.802   -2.771  1.00 17.95 ? 132  ASN A C   1 
ATOM   1049 O  O   . ASN A 1 133 ? -6.605  8.227   -1.688  1.00 18.55 ? 132  ASN A O   1 
ATOM   1050 C  CB  A ASN A 1 133 ? -4.622  10.674  -2.850  0.50 18.20 ? 132  ASN A CB  1 
ATOM   1051 C  CB  B ASN A 1 133 ? -4.872  10.747  -2.930  0.50 18.50 ? 132  ASN A CB  1 
ATOM   1052 C  CG  A ASN A 1 133 ? -3.145  10.886  -2.474  0.50 18.07 ? 132  ASN A CG  1 
ATOM   1053 C  CG  B ASN A 1 133 ? -5.133  11.134  -1.496  0.50 20.24 ? 132  ASN A CG  1 
ATOM   1054 O  OD1 A ASN A 1 133 ? -2.428  11.705  -3.070  0.50 20.50 ? 132  ASN A OD1 1 
ATOM   1055 O  OD1 B ASN A 1 133 ? -4.480  10.632  -0.573  0.50 23.11 ? 132  ASN A OD1 1 
ATOM   1056 N  ND2 A ASN A 1 133 ? -2.697  10.153  -1.476  0.50 19.21 ? 132  ASN A ND2 1 
ATOM   1057 N  ND2 B ASN A 1 133 ? -6.094  12.012  -1.293  0.50 23.35 ? 132  ASN A ND2 1 
ATOM   1058 N  N   . LYS A 1 134 ? -7.300  9.056   -3.681  1.00 18.16 ? 133  LYS A N   1 
ATOM   1059 C  CA  . LYS A 1 134 ? -8.704  8.726   -3.466  1.00 18.18 ? 133  LYS A CA  1 
ATOM   1060 C  C   . LYS A 1 134 ? -8.890  7.225   -3.375  1.00 17.20 ? 133  LYS A C   1 
ATOM   1061 O  O   . LYS A 1 134 ? -9.608  6.755   -2.506  1.00 16.50 ? 133  LYS A O   1 
ATOM   1062 C  CB  . LYS A 1 134 ? -9.562  9.254   -4.610  1.00 17.33 ? 133  LYS A CB  1 
ATOM   1063 C  CG  . LYS A 1 134 ? -9.680  10.765  -4.692  1.00 20.39 ? 133  LYS A CG  1 
ATOM   1064 C  CD  . LYS A 1 134 ? -10.517 11.069  -5.932  1.00 23.57 ? 133  LYS A CD  1 
ATOM   1065 C  CE  . LYS A 1 134 ? -11.448 12.196  -5.718  1.00 29.80 ? 133  LYS A CE  1 
ATOM   1066 N  NZ  . LYS A 1 134 ? -12.558 12.130  -6.749  1.00 31.24 ? 133  LYS A NZ  1 
ATOM   1067 N  N   . ALA A 1 135 ? -8.248  6.494   -4.293  1.00 16.76 ? 134  ALA A N   1 
ATOM   1068 C  CA  . ALA A 1 135 ? -8.345  5.039   -4.338  1.00 16.34 ? 134  ALA A CA  1 
ATOM   1069 C  C   . ALA A 1 135 ? -7.815  4.451   -3.037  1.00 15.87 ? 134  ALA A C   1 
ATOM   1070 O  O   . ALA A 1 135 ? -8.419  3.528   -2.491  1.00 15.85 ? 134  ALA A O   1 
ATOM   1071 C  CB  . ALA A 1 135 ? -7.547  4.498   -5.562  1.00 15.77 ? 134  ALA A CB  1 
ATOM   1072 N  N   . LEU A 1 136 ? -6.702  4.991   -2.519  1.00 15.40 ? 135  LEU A N   1 
ATOM   1073 C  CA  . LEU A 1 136 ? -6.106  4.400   -1.319  1.00 15.11 ? 135  LEU A CA  1 
ATOM   1074 C  C   . LEU A 1 136 ? -6.907  4.816   -0.105  1.00 15.98 ? 135  LEU A C   1 
ATOM   1075 O  O   . LEU A 1 136 ? -6.977  4.076   0.859   1.00 16.63 ? 135  LEU A O   1 
ATOM   1076 C  CB  . LEU A 1 136 ? -4.640  4.795   -1.123  1.00 15.76 ? 135  LEU A CB  1 
ATOM   1077 C  CG  . LEU A 1 136 ? -3.690  4.218   -2.189  1.00 13.29 ? 135  LEU A CG  1 
ATOM   1078 C  CD1 . LEU A 1 136 ? -2.317  4.844   -2.101  1.00 16.01 ? 135  LEU A CD1 1 
ATOM   1079 C  CD2 . LEU A 1 136 ? -3.635  2.670   -2.124  1.00 14.53 ? 135  LEU A CD2 1 
ATOM   1080 N  N   . GLU A 1 137 ? -7.525  5.995   -0.175  1.00 15.84 ? 136  GLU A N   1 
ATOM   1081 C  CA  . GLU A 1 137 ? -8.407  6.431   0.900   1.00 18.03 ? 136  GLU A CA  1 
ATOM   1082 C  C   . GLU A 1 137 ? -9.650  5.571   1.002   1.00 16.66 ? 136  GLU A C   1 
ATOM   1083 O  O   . GLU A 1 137 ? -10.075 5.229   2.127   1.00 18.40 ? 136  GLU A O   1 
ATOM   1084 C  CB  . GLU A 1 137 ? -8.762  7.899   0.717   1.00 17.09 ? 136  GLU A CB  1 
ATOM   1085 C  CG  . GLU A 1 137 ? -9.633  8.483   1.844   1.00 20.94 ? 136  GLU A CG  1 
ATOM   1086 C  CD  . GLU A 1 137 ? -10.084 9.911   1.547   1.00 23.93 ? 136  GLU A CD  1 
ATOM   1087 O  OE1 . GLU A 1 137 ? -9.310  10.657  0.913   1.00 27.98 ? 136  GLU A OE1 1 
ATOM   1088 O  OE2 . GLU A 1 137 ? -11.243 10.291  1.925   1.00 30.70 ? 136  GLU A OE2 1 
ATOM   1089 N  N   . LEU A 1 138 ? -10.266 5.264   -0.144  1.00 17.82 ? 137  LEU A N   1 
ATOM   1090 C  CA  . LEU A 1 138 ? -11.411 4.344   -0.211  1.00 18.66 ? 137  LEU A CA  1 
ATOM   1091 C  C   . LEU A 1 138 ? -11.021 2.992   0.404   1.00 19.20 ? 137  LEU A C   1 
ATOM   1092 O  O   . LEU A 1 138 ? -11.724 2.452   1.241   1.00 18.19 ? 137  LEU A O   1 
ATOM   1093 C  CB  . LEU A 1 138 ? -11.907 4.192   -1.670  1.00 18.84 ? 137  LEU A CB  1 
ATOM   1094 C  CG  . LEU A 1 138 ? -12.982 3.124   -1.964  1.00 18.79 ? 137  LEU A CG  1 
ATOM   1095 C  CD1 . LEU A 1 138 ? -14.303 3.531   -1.319  1.00 22.53 ? 137  LEU A CD1 1 
ATOM   1096 C  CD2 . LEU A 1 138 ? -13.148 2.936   -3.497  1.00 19.57 ? 137  LEU A CD2 1 
ATOM   1097 N  N   . PHE A 1 139 ? -9.860  2.489   0.001   1.00 18.68 ? 138  PHE A N   1 
ATOM   1098 C  CA  . PHE A 1 139 ? -9.291  1.253   0.551   1.00 18.92 ? 138  PHE A CA  1 
ATOM   1099 C  C   . PHE A 1 139 ? -9.197  1.287   2.095   1.00 18.78 ? 138  PHE A C   1 
ATOM   1100 O  O   . PHE A 1 139 ? -9.694  0.389   2.777   1.00 18.18 ? 138  PHE A O   1 
ATOM   1101 C  CB  . PHE A 1 139 ? -7.940  1.004   -0.131  1.00 19.36 ? 138  PHE A CB  1 
ATOM   1102 C  CG  . PHE A 1 139 ? -7.088  -0.057  0.523   1.00 22.06 ? 138  PHE A CG  1 
ATOM   1103 C  CD1 . PHE A 1 139 ? -7.517  -1.387  0.585   1.00 21.56 ? 138  PHE A CD1 1 
ATOM   1104 C  CD2 . PHE A 1 139 ? -5.848  0.287   1.057   1.00 23.10 ? 138  PHE A CD2 1 
ATOM   1105 C  CE1 . PHE A 1 139 ? -6.697  -2.389  1.169   1.00 24.88 ? 138  PHE A CE1 1 
ATOM   1106 C  CE2 . PHE A 1 139 ? -5.019  -0.687  1.641   1.00 25.27 ? 138  PHE A CE2 1 
ATOM   1107 C  CZ  . PHE A 1 139 ? -5.440  -2.028  1.697   1.00 26.55 ? 138  PHE A CZ  1 
ATOM   1108 N  N   . ARG A 1 140 ? -8.587  2.339   2.634   1.00 18.96 ? 139  ARG A N   1 
ATOM   1109 C  CA  . ARG A 1 140 ? -8.475  2.521   4.082   1.00 19.73 ? 139  ARG A CA  1 
ATOM   1110 C  C   . ARG A 1 140 ? -9.822  2.585   4.785   1.00 19.76 ? 139  ARG A C   1 
ATOM   1111 O  O   . ARG A 1 140 ? -10.008 1.970   5.833   1.00 18.63 ? 139  ARG A O   1 
ATOM   1112 C  CB  . ARG A 1 140 ? -7.670  3.791   4.401   1.00 20.29 ? 139  ARG A CB  1 
ATOM   1113 C  CG  . ARG A 1 140 ? -6.192  3.638   4.084   1.00 20.53 ? 139  ARG A CG  1 
ATOM   1114 C  CD  . ARG A 1 140 ? -5.319  4.740   4.696   1.00 22.20 ? 139  ARG A CD  1 
ATOM   1115 N  NE  . ARG A 1 140 ? -5.811  6.114   4.472   1.00 22.35 ? 139  ARG A NE  1 
ATOM   1116 C  CZ  . ARG A 1 140 ? -5.600  6.838   3.378   1.00 21.85 ? 139  ARG A CZ  1 
ATOM   1117 N  NH1 . ARG A 1 140 ? -4.881  6.367   2.354   1.00 21.07 ? 139  ARG A NH1 1 
ATOM   1118 N  NH2 . ARG A 1 140 ? -6.115  8.043   3.316   1.00 20.05 ? 139  ARG A NH2 1 
ATOM   1119 N  N   . LYS A 1 141 ? -10.768 3.314   4.204   1.00 19.52 ? 140  LYS A N   1 
ATOM   1120 C  CA  . LYS A 1 141 ? -12.073 3.503   4.829   1.00 21.19 ? 140  LYS A CA  1 
ATOM   1121 C  C   . LYS A 1 141 ? -12.829 2.172   4.909   1.00 20.06 ? 140  LYS A C   1 
ATOM   1122 O  O   . LYS A 1 141 ? -13.519 1.859   5.903   1.00 18.02 ? 140  LYS A O   1 
ATOM   1123 C  CB  . LYS A 1 141 ? -12.859 4.545   4.037   1.00 21.53 ? 140  LYS A CB  1 
ATOM   1124 C  CG  . LYS A 1 141 ? -14.380 4.415   4.112   1.00 27.39 ? 140  LYS A CG  1 
ATOM   1125 C  CD  . LYS A 1 141 ? -15.021 5.075   2.866   1.00 33.45 ? 140  LYS A CD  1 
ATOM   1126 C  CE  . LYS A 1 141 ? -16.458 4.568   2.624   1.00 36.21 ? 140  LYS A CE  1 
ATOM   1127 N  NZ  . LYS A 1 141 ? -16.454 3.213   2.003   1.00 39.00 ? 140  LYS A NZ  1 
ATOM   1128 N  N   . ASP A 1 142 ? -12.677 1.382   3.847   1.00 19.49 ? 141  ASP A N   1 
ATOM   1129 C  CA  . ASP A 1 142 ? -13.374 0.121   3.717   1.00 20.04 ? 141  ASP A CA  1 
ATOM   1130 C  C   . ASP A 1 142 ? -12.724 -0.941  4.603   1.00 20.01 ? 141  ASP A C   1 
ATOM   1131 O  O   . ASP A 1 142 ? -13.431 -1.737  5.215   1.00 19.72 ? 141  ASP A O   1 
ATOM   1132 C  CB  . ASP A 1 142 ? -13.415 -0.342  2.246   1.00 19.98 ? 141  ASP A CB  1 
ATOM   1133 C  CG  . ASP A 1 142 ? -14.499 0.360   1.427   1.00 21.96 ? 141  ASP A CG  1 
ATOM   1134 O  OD1 . ASP A 1 142 ? -15.328 1.133   1.976   1.00 24.80 ? 141  ASP A OD1 1 
ATOM   1135 O  OD2 . ASP A 1 142 ? -14.529 0.140   0.198   1.00 24.87 ? 141  ASP A OD2 1 
ATOM   1136 N  N   . ILE A 1 143 ? -11.397 -0.929  4.708   1.00 20.15 ? 142  ILE A N   1 
ATOM   1137 C  CA  . ILE A 1 143 ? -10.698 -1.776  5.680   1.00 21.29 ? 142  ILE A CA  1 
ATOM   1138 C  C   . ILE A 1 143 ? -11.194 -1.440  7.098   1.00 22.07 ? 142  ILE A C   1 
ATOM   1139 O  O   . ILE A 1 143 ? -11.515 -2.336  7.894   1.00 20.94 ? 142  ILE A O   1 
ATOM   1140 C  CB  . ILE A 1 143 ? -9.146  -1.602  5.619   1.00 21.97 ? 142  ILE A CB  1 
ATOM   1141 C  CG1 . ILE A 1 143 ? -8.542  -2.413  4.479   1.00 22.33 ? 142  ILE A CG1 1 
ATOM   1142 C  CG2 . ILE A 1 143 ? -8.489  -2.059  6.953   1.00 21.59 ? 142  ILE A CG2 1 
ATOM   1143 C  CD1 . ILE A 1 143 ? -8.648  -3.910  4.710   1.00 25.15 ? 142  ILE A CD1 1 
ATOM   1144 N  N   . ALA A 1 144 ? -11.323 -0.150  7.389   1.00 22.70 ? 143  ALA A N   1 
ATOM   1145 C  CA  . ALA A 1 144 ? -11.714 0.267   8.742   1.00 23.56 ? 143  ALA A CA  1 
ATOM   1146 C  C   . ALA A 1 144 ? -13.151 -0.140  9.047   1.00 24.31 ? 143  ALA A C   1 
ATOM   1147 O  O   . ALA A 1 144 ? -13.444 -0.583  10.144  1.00 24.31 ? 143  ALA A O   1 
ATOM   1148 C  CB  . ALA A 1 144 ? -11.518 1.750   8.933   1.00 23.72 ? 143  ALA A CB  1 
ATOM   1149 N  N   . ALA A 1 145 ? -14.027 -0.053  8.049   1.00 25.20 ? 144  ALA A N   1 
ATOM   1150 C  CA  . ALA A 1 145 ? -15.381 -0.577  8.169   1.00 26.74 ? 144  ALA A CA  1 
ATOM   1151 C  C   . ALA A 1 145 ? -15.401 -2.084  8.456   1.00 27.86 ? 144  ALA A C   1 
ATOM   1152 O  O   . ALA A 1 145 ? -16.205 -2.541  9.296   1.00 28.70 ? 144  ALA A O   1 
ATOM   1153 C  CB  . ALA A 1 145 ? -16.172 -0.245  6.935   1.00 26.78 ? 144  ALA A CB  1 
ATOM   1154 N  N   . LYS A 1 146 ? -14.513 -2.833  7.785   1.00 28.83 ? 145  LYS A N   1 
ATOM   1155 C  CA  . LYS A 1 146 ? -14.358 -4.277  7.980   1.00 30.09 ? 145  LYS A CA  1 
ATOM   1156 C  C   . LYS A 1 146 ? -13.878 -4.599  9.380   1.00 30.97 ? 145  LYS A C   1 
ATOM   1157 O  O   . LYS A 1 146 ? -14.492 -5.420  10.064  1.00 31.66 ? 145  LYS A O   1 
ATOM   1158 C  CB  . LYS A 1 146 ? -13.402 -4.915  6.951   1.00 30.95 ? 145  LYS A CB  1 
ATOM   1159 C  CG  . LYS A 1 146 ? -14.029 -5.355  5.629   1.00 32.18 ? 145  LYS A CG  1 
ATOM   1160 C  CD  . LYS A 1 146 ? -15.155 -6.365  5.804   1.00 35.80 ? 145  LYS A CD  1 
ATOM   1161 C  CE  . LYS A 1 146 ? -15.972 -6.485  4.519   1.00 37.09 ? 145  LYS A CE  1 
ATOM   1162 N  NZ  . LYS A 1 146 ? -17.287 -7.189  4.773   1.00 36.61 ? 145  LYS A NZ  1 
ATOM   1163 N  N   . TYR A 1 147 ? -12.795 -3.954  9.817   1.00 31.35 ? 146  TYR A N   1 
ATOM   1164 C  CA  . TYR A 1 147 ? -12.310 -4.102  11.190  1.00 32.61 ? 146  TYR A CA  1 
ATOM   1165 C  C   . TYR A 1 147 ? -13.383 -3.884  12.242  1.00 34.24 ? 146  TYR A C   1 
ATOM   1166 O  O   . TYR A 1 147 ? -13.422 -4.624  13.233  1.00 34.44 ? 146  TYR A O   1 
ATOM   1167 C  CB  . TYR A 1 147 ? -11.236 -3.088  11.494  1.00 32.28 ? 146  TYR A CB  1 
ATOM   1168 C  CG  . TYR A 1 147 ? -9.833  -3.558  11.286  1.00 32.14 ? 146  TYR A CG  1 
ATOM   1169 C  CD1 . TYR A 1 147 ? -9.388  -3.956  10.031  1.00 30.40 ? 146  TYR A CD1 1 
ATOM   1170 C  CD2 . TYR A 1 147 ? -8.927  -3.561  12.344  1.00 32.96 ? 146  TYR A CD2 1 
ATOM   1171 C  CE1 . TYR A 1 147 ? -8.075  -4.360  9.845   1.00 29.96 ? 146  TYR A CE1 1 
ATOM   1172 C  CE2 . TYR A 1 147 ? -7.629  -3.962  12.172  1.00 34.53 ? 146  TYR A CE2 1 
ATOM   1173 C  CZ  . TYR A 1 147 ? -7.206  -4.362  10.911  1.00 31.64 ? 146  TYR A CZ  1 
ATOM   1174 O  OH  . TYR A 1 147 ? -5.894  -4.743  10.748  1.00 34.14 ? 146  TYR A OH  1 
ATOM   1175 N  N   . LYS A 1 148 ? -14.204 -2.844  12.050  1.00 36.05 ? 147  LYS A N   1 
ATOM   1176 C  CA  . LYS A 1 148 ? -15.231 -2.447  13.039  1.00 38.11 ? 147  LYS A CA  1 
ATOM   1177 C  C   . LYS A 1 148 ? -16.180 -3.589  13.317  1.00 39.08 ? 147  LYS A C   1 
ATOM   1178 O  O   . LYS A 1 148 ? -16.541 -3.839  14.473  1.00 39.49 ? 147  LYS A O   1 
ATOM   1179 C  CB  . LYS A 1 148 ? -16.026 -1.217  12.594  1.00 38.30 ? 147  LYS A CB  1 
ATOM   1180 C  CG  . LYS A 1 148 ? -15.264 0.112   12.722  1.00 40.77 ? 147  LYS A CG  1 
ATOM   1181 C  CD  . LYS A 1 148 ? -15.111 0.592   14.166  1.00 42.16 ? 147  LYS A CD  1 
ATOM   1182 C  CE  . LYS A 1 148 ? -16.365 1.318   14.685  1.00 43.45 ? 147  LYS A CE  1 
ATOM   1183 N  NZ  . LYS A 1 148 ? -17.430 0.389   15.181  1.00 43.84 ? 147  LYS A NZ  1 
ATOM   1184 N  N   . GLU A 1 149 ? -16.561 -4.285  12.248  1.00 39.86 ? 148  GLU A N   1 
ATOM   1185 C  CA  . GLU A 1 149 ? -17.369 -5.493  12.339  1.00 40.77 ? 148  GLU A CA  1 
ATOM   1186 C  C   . GLU A 1 149 ? -16.754 -6.608  13.195  1.00 40.99 ? 148  GLU A C   1 
ATOM   1187 O  O   . GLU A 1 149 ? -17.479 -7.319  13.872  1.00 42.31 ? 148  GLU A O   1 
ATOM   1188 C  CB  . GLU A 1 149 ? -17.681 -6.006  10.937  1.00 40.60 ? 148  GLU A CB  1 
ATOM   1189 C  CG  . GLU A 1 149 ? -18.320 -4.940  10.088  1.00 41.70 ? 148  GLU A CG  1 
ATOM   1190 C  CD  . GLU A 1 149 ? -18.877 -5.470  8.786   1.00 44.58 ? 148  GLU A CD  1 
ATOM   1191 O  OE1 . GLU A 1 149 ? -20.115 -5.620  8.703   1.00 44.63 ? 148  GLU A OE1 1 
ATOM   1192 O  OE2 . GLU A 1 149 ? -18.087 -5.735  7.846   1.00 45.81 ? 148  GLU A OE2 1 
ATOM   1193 N  N   . LEU A 1 150 ? -15.437 -6.772  13.177  1.00 40.87 ? 149  LEU A N   1 
ATOM   1194 C  CA  . LEU A 1 150 ? -14.815 -7.845  13.956  1.00 40.29 ? 149  LEU A CA  1 
ATOM   1195 C  C   . LEU A 1 150 ? -14.503 -7.430  15.393  1.00 39.93 ? 149  LEU A C   1 
ATOM   1196 O  O   . LEU A 1 150 ? -14.031 -8.243  16.187  1.00 39.42 ? 149  LEU A O   1 
ATOM   1197 C  CB  . LEU A 1 150 ? -13.554 -8.349  13.267  1.00 40.89 ? 149  LEU A CB  1 
ATOM   1198 N  N   . GLY A 1 151 ? -14.751 -6.165  15.712  1.00 39.63 ? 150  GLY A N   1 
ATOM   1199 C  CA  . GLY A 1 151 ? -14.460 -5.634  17.041  1.00 39.69 ? 150  GLY A CA  1 
ATOM   1200 C  C   . GLY A 1 151 ? -13.145 -4.879  17.142  1.00 39.89 ? 150  GLY A C   1 
ATOM   1201 O  O   . GLY A 1 151 ? -12.877 -4.233  18.157  1.00 39.42 ? 150  GLY A O   1 
ATOM   1202 N  N   . TYR A 1 152 ? -12.315 -4.967  16.101  1.00 40.08 ? 151  TYR A N   1 
ATOM   1203 C  CA  . TYR A 1 152 ? -11.075 -4.223  16.072  1.00 40.33 ? 151  TYR A CA  1 
ATOM   1204 C  C   . TYR A 1 152 ? -11.413 -2.734  15.841  1.00 41.10 ? 151  TYR A C   1 
ATOM   1205 O  O   . TYR A 1 152 ? -12.119 -2.393  14.886  1.00 41.30 ? 151  TYR A O   1 
ATOM   1206 C  CB  . TYR A 1 152 ? -10.136 -4.777  15.002  1.00 40.37 ? 151  TYR A CB  1 
ATOM   1207 N  N   . GLN A 1 153 ? -10.886 -1.832  16.666  1.00 41.78 ? 152  GLN A N   1 
ATOM   1208 C  CA  . GLN A 1 153 ? -9.649  -2.020  17.435  1.00 42.84 ? 152  GLN A CA  1 
ATOM   1209 C  C   . GLN A 1 153 ? -8.491  -2.123  16.436  1.00 42.97 ? 152  GLN A C   1 
ATOM   1210 O  O   . GLN A 1 153 ? -7.653  -3.034  16.506  1.00 42.78 ? 152  GLN A O   1 
ATOM   1211 C  CB  . GLN A 1 153 ? -9.711  -3.220  18.414  1.00 42.76 ? 152  GLN A CB  1 
ATOM   1212 N  N   . GLY A 1 154 ? -8.512  -1.184  15.481  1.00 42.95 ? 153  GLY A N   1 
ATOM   1213 C  CA  . GLY A 1 154 ? -7.384  -0.887  14.619  1.00 43.20 ? 153  GLY A CA  1 
ATOM   1214 C  C   . GLY A 1 154 ? -7.301  0.610   14.406  1.00 43.26 ? 153  GLY A C   1 
ATOM   1215 O  O   . GLY A 1 154 ? -6.225  1.206   14.469  1.00 43.90 ? 153  GLY A O   1 
HETATM 1216 P  P   . PO4 B 2 .   ? 13.408  10.170  -3.622  1.00 53.25 ? 2001 PO4 A P   1 
HETATM 1217 O  O1  . PO4 B 2 .   ? 13.608  8.861   -4.352  1.00 52.77 ? 2001 PO4 A O1  1 
HETATM 1218 O  O2  . PO4 B 2 .   ? 12.716  9.935   -2.301  1.00 54.69 ? 2001 PO4 A O2  1 
HETATM 1219 O  O3  . PO4 B 2 .   ? 14.736  10.815  -3.298  1.00 54.72 ? 2001 PO4 A O3  1 
HETATM 1220 O  O4  . PO4 B 2 .   ? 12.606  11.091  -4.512  1.00 54.23 ? 2001 PO4 A O4  1 
HETATM 1221 P  P   . PO4 C 2 .   ? 7.781   5.041   -16.792 1.00 51.18 ? 2002 PO4 A P   1 
HETATM 1222 O  O1  . PO4 C 2 .   ? 7.484   3.705   -16.146 1.00 52.56 ? 2002 PO4 A O1  1 
HETATM 1223 O  O2  . PO4 C 2 .   ? 7.388   6.205   -15.914 1.00 49.33 ? 2002 PO4 A O2  1 
HETATM 1224 O  O3  . PO4 C 2 .   ? 9.264   5.134   -17.047 1.00 53.45 ? 2002 PO4 A O3  1 
HETATM 1225 O  O4  . PO4 C 2 .   ? 7.001   5.072   -18.086 1.00 51.86 ? 2002 PO4 A O4  1 
HETATM 1226 P  P   . PO4 D 2 .   ? -20.643 -0.970  -3.454  0.80 48.80 ? 2003 PO4 A P   1 
HETATM 1227 O  O1  . PO4 D 2 .   ? -21.920 -1.429  -4.125  0.80 46.65 ? 2003 PO4 A O1  1 
HETATM 1228 O  O2  . PO4 D 2 .   ? -20.954 -0.601  -2.010  0.80 45.98 ? 2003 PO4 A O2  1 
HETATM 1229 O  O3  . PO4 D 2 .   ? -19.638 -2.109  -3.522  0.80 49.70 ? 2003 PO4 A O3  1 
HETATM 1230 O  O4  . PO4 D 2 .   ? -20.038 0.216   -4.185  0.80 47.02 ? 2003 PO4 A O4  1 
HETATM 1231 C  C13 . RHX E 3 .   ? 1.250   -7.573  8.255   1.00 39.54 ? 1001 RHX A C13 1 
HETATM 1232 C  C12 . RHX E 3 .   ? 2.659   -7.808  8.848   1.00 39.23 ? 1001 RHX A C12 1 
HETATM 1233 C  C11 . RHX E 3 .   ? 2.726   -6.249  7.194   1.00 35.71 ? 1001 RHX A C11 1 
HETATM 1234 C  C9  . RHX E 3 .   ? -1.514  -4.317  3.953   1.00 36.67 ? 1001 RHX A C9  1 
HETATM 1235 C  C1  . RHX E 3 .   ? 1.977   -4.813  5.598   1.00 31.24 ? 1001 RHX A C1  1 
HETATM 1236 C  C2  . RHX E 3 .   ? 2.034   -3.785  4.595   1.00 33.72 ? 1001 RHX A C2  1 
HETATM 1237 C  C3  . RHX E 3 .   ? 3.270   -3.205  4.294   1.00 33.03 ? 1001 RHX A C3  1 
HETATM 1238 C  C8  . RHX E 3 .   ? -1.317  -3.162  2.935   1.00 36.30 ? 1001 RHX A C8  1 
HETATM 1239 C  C7  . RHX E 3 .   ? 0.639   -3.621  4.084   1.00 34.86 ? 1001 RHX A C7  1 
HETATM 1240 C  C4  . RHX E 3 .   ? 4.412   -3.626  5.008   1.00 32.19 ? 1001 RHX A C4  1 
HETATM 1241 C  C5  . RHX E 3 .   ? 4.352   -4.624  5.980   1.00 32.74 ? 1001 RHX A C5  1 
HETATM 1242 C  C6  . RHX E 3 .   ? 3.105   -5.196  6.239   1.00 34.83 ? 1001 RHX A C6  1 
HETATM 1243 RH RH1 . RHX E 3 .   ? 0.325   -5.581  5.993   1.00 27.97 ? 1001 RHX A RH1 1 
HETATM 1244 O  O2  . RHX E 3 .   ? 3.558   -7.049  8.046   1.00 38.57 ? 1001 RHX A O2  1 
HETATM 1245 C  C21 . RHX E 3 .   ? 0.776   -8.922  7.820   1.00 40.86 ? 1001 RHX A C21 1 
HETATM 1246 C  C62 . RHX E 3 .   ? -0.475  -9.372  8.258   1.00 40.97 ? 1001 RHX A C62 1 
HETATM 1247 C  C61 . RHX E 3 .   ? -0.955  -10.628 7.890   1.00 42.46 ? 1001 RHX A C61 1 
HETATM 1248 C  C60 . RHX E 3 .   ? -0.174  -11.465 7.086   1.00 42.21 ? 1001 RHX A C60 1 
HETATM 1249 C  C59 . RHX E 3 .   ? 1.086   -11.028 6.654   1.00 42.69 ? 1001 RHX A C59 1 
HETATM 1250 C  C58 . RHX E 3 .   ? 1.565   -9.766  7.025   1.00 42.16 ? 1001 RHX A C58 1 
HETATM 1251 N  N2  . RHX E 3 .   ? 1.493   -6.524  7.228   1.00 37.12 ? 1001 RHX A N2  1 
HETATM 1252 N  N1  . RHX E 3 .   ? -0.200  -4.423  4.575   1.00 34.12 ? 1001 RHX A N1  1 
HETATM 1253 O  O1  . RHX E 3 .   ? 0.039   -2.745  3.107   1.00 38.03 ? 1001 RHX A O1  1 
HETATM 1254 C  C17 . RHX E 3 .   ? -2.541  -4.018  4.996   1.00 39.36 ? 1001 RHX A C17 1 
HETATM 1255 C  C51 . RHX E 3 .   ? -3.800  -4.620  4.918   1.00 40.00 ? 1001 RHX A C51 1 
HETATM 1256 C  C50 . RHX E 3 .   ? -4.777  -4.378  5.885   1.00 40.01 ? 1001 RHX A C50 1 
HETATM 1257 C  C49 . RHX E 3 .   ? -4.492  -3.535  6.959   1.00 39.20 ? 1001 RHX A C49 1 
HETATM 1258 C  C48 . RHX E 3 .   ? -3.231  -2.931  7.055   1.00 40.67 ? 1001 RHX A C48 1 
HETATM 1259 C  C47 . RHX E 3 .   ? -2.260  -3.165  6.076   1.00 41.03 ? 1001 RHX A C47 1 
HETATM 1260 O  O   . HOH F 4 .   ? 14.956  -5.880  -0.020  1.00 17.69 ? 2004 HOH A O   1 
HETATM 1261 O  O   . HOH F 4 .   ? 12.633  4.047   -0.773  1.00 18.14 ? 2005 HOH A O   1 
HETATM 1262 O  O   . HOH F 4 .   ? 9.183   -5.956  -2.812  1.00 19.40 ? 2006 HOH A O   1 
HETATM 1263 O  O   . HOH F 4 .   ? 9.739   8.139   14.085  1.00 23.16 ? 2007 HOH A O   1 
HETATM 1264 O  O   . HOH F 4 .   ? -10.670 -0.757  -5.302  1.00 16.03 ? 2008 HOH A O   1 
HETATM 1265 O  O   . HOH F 4 .   ? 11.759  5.159   -5.728  1.00 23.06 ? 2009 HOH A O   1 
HETATM 1266 O  O   . HOH F 4 .   ? -4.676  8.329   0.356   1.00 23.87 ? 2010 HOH A O   1 
HETATM 1267 O  O   . HOH F 4 .   ? 3.303   10.754  -0.335  1.00 26.38 ? 2011 HOH A O   1 
HETATM 1268 O  O   . HOH F 4 .   ? 14.234  -13.900 8.684   1.00 19.92 ? 2012 HOH A O   1 
HETATM 1269 O  O   . HOH F 4 .   ? 8.315   11.569  -4.824  1.00 25.38 ? 2013 HOH A O   1 
HETATM 1270 O  O   . HOH F 4 .   ? -2.030  -3.967  -15.052 1.00 29.27 ? 2014 HOH A O   1 
HETATM 1271 O  O   . HOH F 4 .   ? 0.706   2.048   -18.041 1.00 23.74 ? 2015 HOH A O   1 
HETATM 1272 O  O   . HOH F 4 .   ? 7.986   10.734  8.510   1.00 25.33 ? 2016 HOH A O   1 
HETATM 1273 O  O   . HOH F 4 .   ? -1.740  7.476   -14.731 1.00 30.39 ? 2017 HOH A O   1 
HETATM 1274 O  O   . HOH F 4 .   ? 8.101   0.278   -13.941 1.00 26.71 ? 2018 HOH A O   1 
HETATM 1275 O  O   . HOH F 4 .   ? 12.795  8.470   0.079   1.00 28.90 ? 2019 HOH A O   1 
HETATM 1276 O  O   . HOH F 4 .   ? -8.311  14.208  -14.456 1.00 29.19 ? 2020 HOH A O   1 
HETATM 1277 O  O   . HOH F 4 .   ? -15.588 -2.146  -15.351 1.00 37.45 ? 2021 HOH A O   1 
HETATM 1278 O  O   . HOH F 4 .   ? 11.949  0.566   15.051  1.00 36.38 ? 2022 HOH A O   1 
HETATM 1279 O  O   . HOH F 4 .   ? -10.118 1.432   -3.421  1.00 27.03 ? 2023 HOH A O   1 
HETATM 1280 O  O   . HOH F 4 .   ? -1.663  5.809   17.857  1.00 31.52 ? 2024 HOH A O   1 
HETATM 1281 O  O   . HOH F 4 .   ? 6.091   8.591   2.406   1.00 31.14 ? 2025 HOH A O   1 
HETATM 1282 O  O   . HOH F 4 .   ? -16.049 0.968   -10.545 1.00 27.88 ? 2026 HOH A O   1 
HETATM 1283 O  O   . HOH F 4 .   ? -0.447  -6.027  -9.073  1.00 33.44 ? 2027 HOH A O   1 
HETATM 1284 O  O   . HOH F 4 .   ? -3.396  -1.974  -14.005 1.00 25.76 ? 2028 HOH A O   1 
HETATM 1285 O  O   . HOH F 4 .   ? -19.799 1.122   -7.097  1.00 43.81 ? 2029 HOH A O   1 
HETATM 1286 O  O   . HOH F 4 .   ? -20.789 -7.565  7.007   1.00 44.50 ? 2030 HOH A O   1 
HETATM 1287 O  O   . HOH F 4 .   ? 5.019   -12.120 2.271   1.00 25.51 ? 2031 HOH A O   1 
HETATM 1288 O  O   . HOH F 4 .   ? -6.049  2.679   17.484  1.00 25.44 ? 2032 HOH A O   1 
HETATM 1289 O  O   . HOH F 4 .   ? -15.517 -2.776  3.915   1.00 32.69 ? 2033 HOH A O   1 
HETATM 1290 O  O   . HOH F 4 .   ? 22.563  2.043   4.253   1.00 54.66 ? 2034 HOH A O   1 
HETATM 1291 O  O   . HOH F 4 .   ? 14.143  2.567   10.066  1.00 39.08 ? 2035 HOH A O   1 
HETATM 1292 O  O   . HOH F 4 .   ? 23.998  -4.569  5.152   1.00 31.56 ? 2036 HOH A O   1 
HETATM 1293 O  O   . HOH F 4 .   ? -7.912  8.479   -17.530 1.00 23.21 ? 2037 HOH A O   1 
HETATM 1294 O  O   . HOH F 4 .   ? -10.141 -3.169  -14.166 1.00 31.88 ? 2038 HOH A O   1 
HETATM 1295 O  O   . HOH F 4 .   ? -0.457  -7.645  2.319   1.00 37.18 ? 2039 HOH A O   1 
HETATM 1296 O  O   . HOH F 4 .   ? -15.253 -3.671  -10.734 1.00 28.42 ? 2040 HOH A O   1 
HETATM 1297 O  O   . HOH F 4 .   ? -17.765 -5.301  -3.604  1.00 37.15 ? 2041 HOH A O   1 
HETATM 1298 O  O   . HOH F 4 .   ? -3.137  15.859  -6.708  1.00 31.85 ? 2042 HOH A O   1 
HETATM 1299 O  O   . HOH F 4 .   ? 8.599   9.691   -16.068 1.00 43.56 ? 2043 HOH A O   1 
HETATM 1300 O  O   . HOH F 4 .   ? -15.438 4.925   -6.495  1.00 36.35 ? 2044 HOH A O   1 
HETATM 1301 O  O   . HOH F 4 .   ? 9.926   1.976   -12.501 1.00 24.81 ? 2045 HOH A O   1 
HETATM 1302 O  O   . HOH F 4 .   ? 20.375  -7.383  10.194  1.00 42.30 ? 2046 HOH A O   1 
HETATM 1303 O  O   . HOH F 4 .   ? -9.795  11.931  -15.315 1.00 38.47 ? 2047 HOH A O   1 
HETATM 1304 O  O   . HOH F 4 .   ? -11.285 -1.232  -15.945 1.00 40.29 ? 2048 HOH A O   1 
HETATM 1305 O  O   . HOH F 4 .   ? 3.138   1.979   -19.185 1.00 42.91 ? 2049 HOH A O   1 
HETATM 1306 O  O   . HOH F 4 .   ? 14.127  -1.203  -8.732  1.00 35.14 ? 2050 HOH A O   1 
HETATM 1307 O  O   . HOH F 4 .   ? 3.284   2.969   16.054  1.00 36.07 ? 2051 HOH A O   1 
HETATM 1308 O  O   . HOH F 4 .   ? 21.482  -5.298  -2.201  1.00 39.06 ? 2052 HOH A O   1 
HETATM 1309 O  O   . HOH F 4 .   ? -7.140  16.460  -10.489 1.00 38.90 ? 2053 HOH A O   1 
HETATM 1310 O  O   . HOH F 4 .   ? -7.796  13.271  -9.642  1.00 33.18 ? 2054 HOH A O   1 
HETATM 1311 O  O   . HOH F 4 .   ? -16.195 -14.939 3.268   1.00 32.37 ? 2055 HOH A O   1 
HETATM 1312 O  O   . HOH F 4 .   ? -1.849  -5.524  0.079   1.00 42.20 ? 2056 HOH A O   1 
HETATM 1313 O  O   . HOH F 4 .   ? -0.705  9.986   8.572   1.00 33.45 ? 2057 HOH A O   1 
HETATM 1314 O  O   . HOH F 4 .   ? -1.364  9.518   1.193   1.00 34.43 ? 2058 HOH A O   1 
HETATM 1315 O  O   . HOH F 4 .   ? 13.048  10.915  -9.082  1.00 43.79 ? 2059 HOH A O   1 
HETATM 1316 O  O   . HOH F 4 .   ? 13.441  6.355   -7.973  1.00 38.79 ? 2060 HOH A O   1 
HETATM 1317 O  O   . HOH F 4 .   ? -15.730 2.717   -12.988 1.00 40.18 ? 2061 HOH A O   1 
HETATM 1318 O  O   . HOH F 4 .   ? -16.940 2.953   -18.937 1.00 33.12 ? 2062 HOH A O   1 
HETATM 1319 O  O   . HOH F 4 .   ? -12.713 3.665   -19.422 1.00 40.81 ? 2063 HOH A O   1 
HETATM 1320 O  O   . HOH F 4 .   ? -3.360  7.703   -18.534 1.00 44.69 ? 2064 HOH A O   1 
HETATM 1321 O  O   . HOH F 4 .   ? 6.516   0.626   -17.665 1.00 41.25 ? 2065 HOH A O   1 
HETATM 1322 O  O   . HOH F 4 .   ? 7.525   -11.490 5.454   1.00 42.42 ? 2066 HOH A O   1 
HETATM 1323 O  O   . HOH F 4 .   ? 15.804  6.062   1.452   1.00 38.01 ? 2067 HOH A O   1 
HETATM 1324 O  O   . HOH F 4 .   ? 22.712  -7.724  4.520   1.00 36.00 ? 2068 HOH A O   1 
HETATM 1325 O  O   . HOH F 4 .   ? -2.174  -7.872  -8.338  1.00 27.91 ? 2069 HOH A O   1 
HETATM 1326 O  O   . HOH F 4 .   ? -15.379 -3.946  1.459   1.00 52.83 ? 2070 HOH A O   1 
HETATM 1327 O  O   . HOH F 4 .   ? -15.955 -10.323 -6.328  1.00 39.25 ? 2071 HOH A O   1 
HETATM 1328 O  O   . HOH F 4 .   ? -5.893  10.478  1.654   1.00 39.96 ? 2072 HOH A O   1 
HETATM 1329 O  O   . HOH F 4 .   ? -16.964 -5.739  -10.149 1.00 50.29 ? 2073 HOH A O   1 
HETATM 1330 O  O   . HOH F 4 .   ? 12.742  4.731   -15.875 1.00 40.88 ? 2074 HOH A O   1 
HETATM 1331 O  O   . HOH F 4 .   ? 11.322  3.963   -13.291 1.00 46.72 ? 2075 HOH A O   1 
HETATM 1332 O  O   . HOH F 4 .   ? -20.826 -5.608  4.145   1.00 39.84 ? 2076 HOH A O   1 
HETATM 1333 O  O   . HOH F 4 .   ? 13.268  5.941   1.255   1.00 19.82 ? 2077 HOH A O   1 
HETATM 1334 O  O   . HOH F 4 .   ? -8.558  -8.156  -9.065  1.00 24.84 ? 2078 HOH A O   1 
HETATM 1335 O  O   . HOH F 4 .   ? 11.523  -6.819  -10.946 1.00 23.98 ? 2079 HOH A O   1 
HETATM 1336 O  O   . HOH F 4 .   ? -4.053  -8.222  -10.346 1.00 31.92 ? 2080 HOH A O   1 
HETATM 1337 O  O   . HOH F 4 .   ? -6.071  -8.848  -3.007  1.00 24.95 ? 2081 HOH A O   1 
HETATM 1338 O  O   . HOH F 4 .   ? 19.850  -7.648  4.632   1.00 29.91 ? 2082 HOH A O   1 
HETATM 1339 O  O   . HOH F 4 .   ? -4.808  -5.866  -15.600 1.00 34.68 ? 2083 HOH A O   1 
HETATM 1340 O  O   . HOH F 4 .   ? 20.887  4.369   5.371   1.00 43.45 ? 2084 HOH A O   1 
HETATM 1341 O  O   . HOH F 4 .   ? 22.336  -3.603  0.285   1.00 39.17 ? 2085 HOH A O   1 
HETATM 1342 O  O   . HOH F 4 .   ? 11.526  6.345   -2.611  1.00 28.73 ? 2086 HOH A O   1 
HETATM 1343 O  O   . HOH F 4 .   ? 2.920   6.171   -20.542 1.00 42.29 ? 2087 HOH A O   1 
HETATM 1344 O  O   . HOH F 4 .   ? -19.522 -4.413  -5.664  1.00 55.14 ? 2088 HOH A O   1 
HETATM 1345 O  O   . HOH F 4 .   ? 14.004  1.400   13.400  1.00 37.64 ? 2089 HOH A O   1 
HETATM 1346 O  O   . HOH F 4 .   ? -14.998 3.318   7.185   1.00 29.95 ? 2090 HOH A O   1 
HETATM 1347 O  O   . HOH F 4 .   ? 9.833   -13.925 3.928   1.00 44.17 ? 2091 HOH A O   1 
HETATM 1348 O  O   . HOH F 4 .   ? 0.688   -7.329  4.282   1.00 24.28 ? 2092 HOH A O   1 
HETATM 1349 O  O   . HOH F 4 .   ? 0.238   -3.604  7.282   1.00 25.27 ? 2093 HOH A O   1 
HETATM 1350 O  O   . HOH F 4 .   ? 17.267  7.564   6.646   1.00 46.66 ? 2094 HOH A O   1 
HETATM 1351 O  O   . HOH F 4 .   ? 24.151  -5.119  2.698   1.00 39.68 ? 2095 HOH A O   1 
HETATM 1352 O  O   . HOH F 4 .   ? -16.574 -1.678  -11.957 1.00 36.61 ? 2096 HOH A O   1 
HETATM 1353 O  O   . HOH F 4 .   ? -15.087 -8.404  -5.042  1.00 44.88 ? 2097 HOH A O   1 
HETATM 1354 O  O   . HOH F 4 .   ? -17.571 1.064   -14.902 1.00 42.70 ? 2098 HOH A O   1 
HETATM 1355 O  O   . HOH F 4 .   ? -5.904  7.222   -18.344 1.00 32.42 ? 2099 HOH A O   1 
HETATM 1356 O  O   . HOH F 4 .   ? -5.527  4.855   -19.454 1.00 34.34 ? 2100 HOH A O   1 
HETATM 1357 O  O   . HOH F 4 .   ? 14.551  6.911   9.356   1.00 30.93 ? 2101 HOH A O   1 
HETATM 1358 O  O   . HOH F 4 .   ? -19.190 -4.127  1.785   1.00 62.90 ? 2102 HOH A O   1 
HETATM 1359 O  O   . HOH F 4 .   ? -6.244  -9.018  -10.318 1.00 31.96 ? 2103 HOH A O   1 
HETATM 1360 O  O   . HOH F 4 .   ? -5.572  -3.086  -15.142 1.00 38.73 ? 2104 HOH A O   1 
HETATM 1361 O  O   . HOH F 4 .   ? -8.110  -7.060  -14.245 1.00 37.77 ? 2105 HOH A O   1 
HETATM 1362 O  O   . HOH F 4 .   ? 17.650  -8.063  -7.800  1.00 49.51 ? 2106 HOH A O   1 
HETATM 1363 O  O   . HOH F 4 .   ? -16.009 2.086   9.800   1.00 39.43 ? 2107 HOH A O   1 
HETATM 1364 O  O   . HOH F 4 .   ? 7.398   -7.191  -12.060 1.00 18.15 ? 2108 HOH A O   1 
HETATM 1365 O  O   . HOH F 4 .   ? -16.623 -13.911 5.552   1.00 22.81 ? 2109 HOH A O   1 
HETATM 1366 O  O   . HOH F 4 .   ? 23.593  -8.030  6.988   1.00 28.24 ? 2110 HOH A O   1 
HETATM 1367 O  O   . HOH F 4 .   ? -3.285  3.204   -21.800 1.00 47.98 ? 2111 HOH A O   1 
HETATM 1368 O  O   . HOH F 4 .   ? -5.048  3.513   13.864  1.00 24.50 ? 2112 HOH A O   1 
HETATM 1369 O  O   . HOH F 4 .   ? 5.576   6.759   4.763   1.00 18.48 ? 2113 HOH A O   1 
HETATM 1370 O  O   . HOH F 4 .   ? -12.606 14.805  -6.182  1.00 49.03 ? 2114 HOH A O   1 
HETATM 1371 O  O   . HOH F 4 .   ? 5.286   15.313  -17.528 1.00 35.97 ? 2115 HOH A O   1 
HETATM 1372 O  O   . HOH F 4 .   ? -17.519 -17.044 2.375   1.00 29.34 ? 2116 HOH A O   1 
# 
loop_
_pdbx_poly_seq_scheme.asym_id 
_pdbx_poly_seq_scheme.entity_id 
_pdbx_poly_seq_scheme.seq_id 
_pdbx_poly_seq_scheme.mon_id 
_pdbx_poly_seq_scheme.ndb_seq_num 
_pdbx_poly_seq_scheme.pdb_seq_num 
_pdbx_poly_seq_scheme.auth_seq_num 
_pdbx_poly_seq_scheme.pdb_mon_id 
_pdbx_poly_seq_scheme.auth_mon_id 
_pdbx_poly_seq_scheme.pdb_strand_id 
_pdbx_poly_seq_scheme.pdb_ins_code 
_pdbx_poly_seq_scheme.hetero 
A 1 1   MET 1   0   0   MET MET A . n 
A 1 2   VAL 2   1   1   VAL VAL A . n 
A 1 3   LEU 3   2   2   LEU LEU A . n 
A 1 4   SER 4   3   3   SER SER A . n 
A 1 5   GLU 5   4   4   GLU GLU A . n 
A 1 6   GLY 6   5   5   GLY GLY A . n 
A 1 7   GLU 7   6   6   GLU GLU A . n 
A 1 8   TRP 8   7   7   TRP TRP A . n 
A 1 9   GLN 9   8   8   GLN GLN A . n 
A 1 10  LEU 10  9   9   LEU LEU A . n 
A 1 11  VAL 11  10  10  VAL VAL A . n 
A 1 12  LEU 12  11  11  LEU LEU A . n 
A 1 13  HIS 13  12  12  HIS HIS A . n 
A 1 14  VAL 14  13  13  VAL VAL A . n 
A 1 15  TRP 15  14  14  TRP TRP A . n 
A 1 16  ALA 16  15  15  ALA ALA A . n 
A 1 17  LYS 17  16  16  LYS LYS A . n 
A 1 18  VAL 18  17  17  VAL VAL A . n 
A 1 19  GLU 19  18  18  GLU GLU A . n 
A 1 20  ALA 20  19  19  ALA ALA A . n 
A 1 21  ASP 21  20  20  ASP ASP A . n 
A 1 22  VAL 22  21  21  VAL VAL A . n 
A 1 23  ALA 23  22  22  ALA ALA A . n 
A 1 24  GLY 24  23  23  GLY GLY A . n 
A 1 25  HIS 25  24  24  HIS HIS A . n 
A 1 26  GLY 26  25  25  GLY GLY A . n 
A 1 27  GLN 27  26  26  GLN GLN A . n 
A 1 28  ASP 28  27  27  ASP ASP A . n 
A 1 29  ILE 29  28  28  ILE ILE A . n 
A 1 30  LEU 30  29  29  LEU LEU A . n 
A 1 31  ILE 31  30  30  ILE ILE A . n 
A 1 32  ARG 32  31  31  ARG ARG A . n 
A 1 33  LEU 33  32  32  LEU LEU A . n 
A 1 34  PHE 34  33  33  PHE PHE A . n 
A 1 35  LYS 35  34  34  LYS LYS A . n 
A 1 36  SER 36  35  35  SER SER A . n 
A 1 37  HIS 37  36  36  HIS HIS A . n 
A 1 38  PRO 38  37  37  PRO PRO A . n 
A 1 39  GLU 39  38  38  GLU GLU A . n 
A 1 40  THR 40  39  39  THR THR A . n 
A 1 41  LEU 41  40  40  LEU LEU A . n 
A 1 42  GLU 42  41  41  GLU GLU A . n 
A 1 43  LYS 43  42  42  LYS LYS A . n 
A 1 44  PHE 44  43  43  PHE PHE A . n 
A 1 45  ASP 45  44  44  ASP ASP A . n 
A 1 46  ARG 46  45  45  ARG ARG A . n 
A 1 47  PHE 47  46  46  PHE PHE A . n 
A 1 48  LYS 48  47  47  LYS LYS A . n 
A 1 49  HIS 49  48  48  HIS HIS A . n 
A 1 50  LEU 50  49  49  LEU LEU A . n 
A 1 51  LYS 51  50  50  LYS LYS A . n 
A 1 52  THR 52  51  51  THR THR A . n 
A 1 53  GLU 53  52  52  GLU GLU A . n 
A 1 54  ALA 54  53  53  ALA ALA A . n 
A 1 55  GLU 55  54  54  GLU GLU A . n 
A 1 56  MET 56  55  55  MET MET A . n 
A 1 57  LYS 57  56  56  LYS LYS A . n 
A 1 58  ALA 58  57  57  ALA ALA A . n 
A 1 59  SER 59  58  58  SER SER A . n 
A 1 60  GLU 60  59  59  GLU GLU A . n 
A 1 61  ASP 61  60  60  ASP ASP A . n 
A 1 62  LEU 62  61  61  LEU LEU A . n 
A 1 63  LYS 63  62  62  LYS LYS A . n 
A 1 64  LYS 64  63  63  LYS LYS A . n 
A 1 65  HIS 65  64  64  HIS HIS A . n 
A 1 66  GLY 66  65  65  GLY GLY A . n 
A 1 67  VAL 67  66  66  VAL VAL A . n 
A 1 68  THR 68  67  67  THR THR A . n 
A 1 69  VAL 69  68  68  VAL VAL A . n 
A 1 70  LEU 70  69  69  LEU LEU A . n 
A 1 71  THR 71  70  70  THR THR A . n 
A 1 72  GLY 72  71  71  GLY GLY A . n 
A 1 73  LEU 73  72  72  LEU LEU A . n 
A 1 74  GLY 74  73  73  GLY GLY A . n 
A 1 75  ALA 75  74  74  ALA ALA A . n 
A 1 76  ILE 76  75  75  ILE ILE A . n 
A 1 77  LEU 77  76  76  LEU LEU A . n 
A 1 78  LYS 78  77  77  LYS LYS A . n 
A 1 79  LYS 79  78  78  LYS LYS A . n 
A 1 80  LYS 80  79  79  LYS LYS A . n 
A 1 81  GLY 81  80  80  GLY GLY A . n 
A 1 82  HIS 82  81  81  HIS HIS A . n 
A 1 83  HIS 83  82  82  HIS HIS A . n 
A 1 84  GLU 84  83  83  GLU GLU A . n 
A 1 85  ALA 85  84  84  ALA ALA A . n 
A 1 86  GLU 86  85  85  GLU GLU A . n 
A 1 87  LEU 87  86  86  LEU LEU A . n 
A 1 88  LYS 88  87  87  LYS LYS A . n 
A 1 89  PRO 89  88  88  PRO PRO A . n 
A 1 90  LEU 90  89  89  LEU LEU A . n 
A 1 91  ALA 91  90  90  ALA ALA A . n 
A 1 92  GLN 92  91  91  GLN GLN A . n 
A 1 93  SER 93  92  92  SER SER A . n 
A 1 94  HIS 94  93  93  HIS HIS A . n 
A 1 95  ALA 95  94  94  ALA ALA A . n 
A 1 96  THR 96  95  95  THR THR A . n 
A 1 97  LYS 97  96  96  LYS LYS A . n 
A 1 98  HIS 98  97  ?   ?   ?   A . n 
A 1 99  LYS 99  98  98  LYS LYS A . n 
A 1 100 ILE 100 99  99  ILE ILE A . n 
A 1 101 PRO 101 100 100 PRO PRO A . n 
A 1 102 ILE 102 101 101 ILE ILE A . n 
A 1 103 LYS 103 102 102 LYS LYS A . n 
A 1 104 TYR 104 103 103 TYR TYR A . n 
A 1 105 LEU 105 104 104 LEU LEU A . n 
A 1 106 GLU 106 105 105 GLU GLU A . n 
A 1 107 PHE 107 106 106 PHE PHE A . n 
A 1 108 ILE 108 107 107 ILE ILE A . n 
A 1 109 SER 109 108 108 SER SER A . n 
A 1 110 GLU 110 109 109 GLU GLU A . n 
A 1 111 ALA 111 110 110 ALA ALA A . n 
A 1 112 ILE 112 111 111 ILE ILE A . n 
A 1 113 ILE 113 112 112 ILE ILE A . n 
A 1 114 HIS 114 113 113 HIS HIS A . n 
A 1 115 VAL 115 114 114 VAL VAL A . n 
A 1 116 LEU 116 115 115 LEU LEU A . n 
A 1 117 HIS 117 116 116 HIS HIS A . n 
A 1 118 SER 118 117 117 SER SER A . n 
A 1 119 ARG 119 118 118 ARG ARG A . n 
A 1 120 HIS 120 119 119 HIS HIS A . n 
A 1 121 PRO 121 120 120 PRO PRO A . n 
A 1 122 GLY 122 121 121 GLY GLY A . n 
A 1 123 ASP 123 122 122 ASP ASP A . n 
A 1 124 PHE 124 123 123 PHE PHE A . n 
A 1 125 GLY 125 124 124 GLY GLY A . n 
A 1 126 ALA 126 125 125 ALA ALA A . n 
A 1 127 ASP 127 126 126 ASP ASP A . n 
A 1 128 ALA 128 127 127 ALA ALA A . n 
A 1 129 GLN 129 128 128 GLN GLN A . n 
A 1 130 GLY 130 129 129 GLY GLY A . n 
A 1 131 ALA 131 130 130 ALA ALA A . n 
A 1 132 MET 132 131 131 MET MET A . n 
A 1 133 ASN 133 132 132 ASN ASN A . n 
A 1 134 LYS 134 133 133 LYS LYS A . n 
A 1 135 ALA 135 134 134 ALA ALA A . n 
A 1 136 LEU 136 135 135 LEU LEU A . n 
A 1 137 GLU 137 136 136 GLU GLU A . n 
A 1 138 LEU 138 137 137 LEU LEU A . n 
A 1 139 PHE 139 138 138 PHE PHE A . n 
A 1 140 ARG 140 139 139 ARG ARG A . n 
A 1 141 LYS 141 140 140 LYS LYS A . n 
A 1 142 ASP 142 141 141 ASP ASP A . n 
A 1 143 ILE 143 142 142 ILE ILE A . n 
A 1 144 ALA 144 143 143 ALA ALA A . n 
A 1 145 ALA 145 144 144 ALA ALA A . n 
A 1 146 LYS 146 145 145 LYS LYS A . n 
A 1 147 TYR 147 146 146 TYR TYR A . n 
A 1 148 LYS 148 147 147 LYS LYS A . n 
A 1 149 GLU 149 148 148 GLU GLU A . n 
A 1 150 LEU 150 149 149 LEU ALA A . n 
A 1 151 GLY 151 150 150 GLY GLY A . n 
A 1 152 TYR 152 151 151 TYR ALA A . n 
A 1 153 GLN 153 152 152 GLN ALA A . n 
A 1 154 GLY 154 153 153 GLY GLY A . n 
# 
loop_
_pdbx_nonpoly_scheme.asym_id 
_pdbx_nonpoly_scheme.entity_id 
_pdbx_nonpoly_scheme.mon_id 
_pdbx_nonpoly_scheme.ndb_seq_num 
_pdbx_nonpoly_scheme.pdb_seq_num 
_pdbx_nonpoly_scheme.auth_seq_num 
_pdbx_nonpoly_scheme.pdb_mon_id 
_pdbx_nonpoly_scheme.auth_mon_id 
_pdbx_nonpoly_scheme.pdb_strand_id 
_pdbx_nonpoly_scheme.pdb_ins_code 
B 2 PO4 1   2001 1   PO4 PO4 A . 
C 2 PO4 1   2002 2   PO4 PO4 A . 
D 2 PO4 1   2003 3   PO4 PO4 A . 
E 3 RHX 1   1001 1   RHX RHP A . 
F 4 HOH 1   2004 1   HOH HOH A . 
F 4 HOH 2   2005 2   HOH HOH A . 
F 4 HOH 3   2006 3   HOH HOH A . 
F 4 HOH 4   2007 4   HOH HOH A . 
F 4 HOH 5   2008 5   HOH HOH A . 
F 4 HOH 6   2009 6   HOH HOH A . 
F 4 HOH 7   2010 7   HOH HOH A . 
F 4 HOH 8   2011 8   HOH HOH A . 
F 4 HOH 9   2012 9   HOH HOH A . 
F 4 HOH 10  2013 10  HOH HOH A . 
F 4 HOH 11  2014 11  HOH HOH A . 
F 4 HOH 12  2015 12  HOH HOH A . 
F 4 HOH 13  2016 13  HOH HOH A . 
F 4 HOH 14  2017 14  HOH HOH A . 
F 4 HOH 15  2018 15  HOH HOH A . 
F 4 HOH 16  2019 16  HOH HOH A . 
F 4 HOH 17  2020 17  HOH HOH A . 
F 4 HOH 18  2021 18  HOH HOH A . 
F 4 HOH 19  2022 19  HOH HOH A . 
F 4 HOH 20  2023 20  HOH HOH A . 
F 4 HOH 21  2024 21  HOH HOH A . 
F 4 HOH 22  2025 22  HOH HOH A . 
F 4 HOH 23  2026 23  HOH HOH A . 
F 4 HOH 24  2027 24  HOH HOH A . 
F 4 HOH 25  2028 25  HOH HOH A . 
F 4 HOH 26  2029 26  HOH HOH A . 
F 4 HOH 27  2030 27  HOH HOH A . 
F 4 HOH 28  2031 28  HOH HOH A . 
F 4 HOH 29  2032 29  HOH HOH A . 
F 4 HOH 30  2033 30  HOH HOH A . 
F 4 HOH 31  2034 31  HOH HOH A . 
F 4 HOH 32  2035 32  HOH HOH A . 
F 4 HOH 33  2036 33  HOH HOH A . 
F 4 HOH 34  2037 34  HOH HOH A . 
F 4 HOH 35  2038 35  HOH HOH A . 
F 4 HOH 36  2039 36  HOH HOH A . 
F 4 HOH 37  2040 37  HOH HOH A . 
F 4 HOH 38  2041 38  HOH HOH A . 
F 4 HOH 39  2042 39  HOH HOH A . 
F 4 HOH 40  2043 40  HOH HOH A . 
F 4 HOH 41  2044 41  HOH HOH A . 
F 4 HOH 42  2045 42  HOH HOH A . 
F 4 HOH 43  2046 43  HOH HOH A . 
F 4 HOH 44  2047 44  HOH HOH A . 
F 4 HOH 45  2048 45  HOH HOH A . 
F 4 HOH 46  2049 46  HOH HOH A . 
F 4 HOH 47  2050 47  HOH HOH A . 
F 4 HOH 48  2051 48  HOH HOH A . 
F 4 HOH 49  2052 49  HOH HOH A . 
F 4 HOH 50  2053 50  HOH HOH A . 
F 4 HOH 51  2054 51  HOH HOH A . 
F 4 HOH 52  2055 52  HOH HOH A . 
F 4 HOH 53  2056 53  HOH HOH A . 
F 4 HOH 54  2057 54  HOH HOH A . 
F 4 HOH 55  2058 55  HOH HOH A . 
F 4 HOH 56  2059 56  HOH HOH A . 
F 4 HOH 57  2060 57  HOH HOH A . 
F 4 HOH 58  2061 58  HOH HOH A . 
F 4 HOH 59  2062 59  HOH HOH A . 
F 4 HOH 60  2063 60  HOH HOH A . 
F 4 HOH 61  2064 61  HOH HOH A . 
F 4 HOH 62  2065 62  HOH HOH A . 
F 4 HOH 63  2066 63  HOH HOH A . 
F 4 HOH 64  2067 64  HOH HOH A . 
F 4 HOH 65  2068 65  HOH HOH A . 
F 4 HOH 66  2069 66  HOH HOH A . 
F 4 HOH 67  2070 67  HOH HOH A . 
F 4 HOH 68  2071 68  HOH HOH A . 
F 4 HOH 69  2072 69  HOH HOH A . 
F 4 HOH 70  2073 70  HOH HOH A . 
F 4 HOH 71  2074 71  HOH HOH A . 
F 4 HOH 72  2075 72  HOH HOH A . 
F 4 HOH 73  2076 73  HOH HOH A . 
F 4 HOH 74  2077 74  HOH HOH A . 
F 4 HOH 75  2078 75  HOH HOH A . 
F 4 HOH 76  2079 76  HOH HOH A . 
F 4 HOH 77  2080 77  HOH HOH A . 
F 4 HOH 78  2081 78  HOH HOH A . 
F 4 HOH 79  2082 79  HOH HOH A . 
F 4 HOH 80  2083 80  HOH HOH A . 
F 4 HOH 81  2084 81  HOH HOH A . 
F 4 HOH 82  2085 82  HOH HOH A . 
F 4 HOH 83  2086 83  HOH HOH A . 
F 4 HOH 84  2087 84  HOH HOH A . 
F 4 HOH 85  2088 85  HOH HOH A . 
F 4 HOH 86  2089 86  HOH HOH A . 
F 4 HOH 87  2090 87  HOH HOH A . 
F 4 HOH 88  2091 88  HOH HOH A . 
F 4 HOH 89  2092 89  HOH HOH A . 
F 4 HOH 90  2093 90  HOH HOH A . 
F 4 HOH 91  2094 91  HOH HOH A . 
F 4 HOH 92  2095 92  HOH HOH A . 
F 4 HOH 93  2096 93  HOH HOH A . 
F 4 HOH 94  2097 94  HOH HOH A . 
F 4 HOH 95  2098 95  HOH HOH A . 
F 4 HOH 96  2099 96  HOH HOH A . 
F 4 HOH 97  2100 97  HOH HOH A . 
F 4 HOH 98  2101 98  HOH HOH A . 
F 4 HOH 99  2102 99  HOH HOH A . 
F 4 HOH 100 2103 100 HOH HOH A . 
F 4 HOH 101 2104 101 HOH HOH A . 
F 4 HOH 102 2105 102 HOH HOH A . 
F 4 HOH 103 2106 103 HOH HOH A . 
F 4 HOH 104 2107 104 HOH HOH A . 
F 4 HOH 105 2108 105 HOH HOH A . 
F 4 HOH 106 2109 106 HOH HOH A . 
F 4 HOH 107 2110 107 HOH HOH A . 
F 4 HOH 108 2111 108 HOH HOH A . 
F 4 HOH 109 2112 109 HOH HOH A . 
F 4 HOH 110 2113 110 HOH HOH A . 
F 4 HOH 111 2114 111 HOH HOH A . 
F 4 HOH 112 2115 112 HOH HOH A . 
F 4 HOH 113 2116 113 HOH HOH A . 
# 
_pdbx_struct_assembly.id                   1 
_pdbx_struct_assembly.details              author_defined_assembly 
_pdbx_struct_assembly.method_details       ? 
_pdbx_struct_assembly.oligomeric_details   monomeric 
_pdbx_struct_assembly.oligomeric_count     1 
# 
_pdbx_struct_assembly_gen.assembly_id       1 
_pdbx_struct_assembly_gen.oper_expression   1 
_pdbx_struct_assembly_gen.asym_id_list      A,B,C,D,E,F 
# 
_pdbx_struct_oper_list.id                   1 
_pdbx_struct_oper_list.type                 'identity operation' 
_pdbx_struct_oper_list.name                 1_555 
_pdbx_struct_oper_list.symmetry_operation   x,y,z 
_pdbx_struct_oper_list.matrix[1][1]         1.0000000000 
_pdbx_struct_oper_list.matrix[1][2]         0.0000000000 
_pdbx_struct_oper_list.matrix[1][3]         0.0000000000 
_pdbx_struct_oper_list.vector[1]            0.0000000000 
_pdbx_struct_oper_list.matrix[2][1]         0.0000000000 
_pdbx_struct_oper_list.matrix[2][2]         1.0000000000 
_pdbx_struct_oper_list.matrix[2][3]         0.0000000000 
_pdbx_struct_oper_list.vector[2]            0.0000000000 
_pdbx_struct_oper_list.matrix[3][1]         0.0000000000 
_pdbx_struct_oper_list.matrix[3][2]         0.0000000000 
_pdbx_struct_oper_list.matrix[3][3]         1.0000000000 
_pdbx_struct_oper_list.vector[3]            0.0000000000 
# 
loop_
_pdbx_audit_revision_history.ordinal 
_pdbx_audit_revision_history.data_content_type 
_pdbx_audit_revision_history.major_revision 
_pdbx_audit_revision_history.minor_revision 
_pdbx_audit_revision_history.revision_date 
1 'Structure model' 1 0 2007-10-02 
2 'Structure model' 1 1 2011-07-13 
3 'Structure model' 1 2 2021-11-10 
4 'Structure model' 1 3 2023-10-25 
# 
_pdbx_audit_revision_details.ordinal             1 
_pdbx_audit_revision_details.revision_ordinal    1 
_pdbx_audit_revision_details.data_content_type   'Structure model' 
_pdbx_audit_revision_details.provider            repository 
_pdbx_audit_revision_details.type                'Initial release' 
_pdbx_audit_revision_details.description         ? 
_pdbx_audit_revision_details.details             ? 
# 
loop_
_pdbx_audit_revision_group.ordinal 
_pdbx_audit_revision_group.revision_ordinal 
_pdbx_audit_revision_group.data_content_type 
_pdbx_audit_revision_group.group 
1 2 'Structure model' 'Version format compliance' 
2 3 'Structure model' 'Database references'       
3 3 'Structure model' 'Derived calculations'      
4 4 'Structure model' 'Data collection'           
5 4 'Structure model' 'Refinement description'    
# 
loop_
_pdbx_audit_revision_category.ordinal 
_pdbx_audit_revision_category.revision_ordinal 
_pdbx_audit_revision_category.data_content_type 
_pdbx_audit_revision_category.category 
1 3 'Structure model' database_2                    
2 3 'Structure model' struct_ref_seq_dif            
3 3 'Structure model' struct_site                   
4 4 'Structure model' chem_comp_atom                
5 4 'Structure model' chem_comp_bond                
6 4 'Structure model' pdbx_initial_refinement_model 
# 
loop_
_pdbx_audit_revision_item.ordinal 
_pdbx_audit_revision_item.revision_ordinal 
_pdbx_audit_revision_item.data_content_type 
_pdbx_audit_revision_item.item 
1 3 'Structure model' '_database_2.pdbx_DOI'                
2 3 'Structure model' '_database_2.pdbx_database_accession' 
3 3 'Structure model' '_struct_ref_seq_dif.details'         
4 3 'Structure model' '_struct_site.pdbx_auth_asym_id'      
5 3 'Structure model' '_struct_site.pdbx_auth_comp_id'      
6 3 'Structure model' '_struct_site.pdbx_auth_seq_id'       
# 
loop_
_software.name 
_software.classification 
_software.version 
_software.citation_id 
_software.pdbx_ordinal 
REFMAC    refinement       5.2.0005 ? 1 
DENZO     'data reduction' .        ? 2 
SCALEPACK 'data scaling'   .        ? 3 
MOLREP    phasing          .        ? 4 
# 
_pdbx_database_remark.id     650 
_pdbx_database_remark.text   
;HELIX
Determination method: Author determined
;
# 
_pdbx_validate_symm_contact.id                1 
_pdbx_validate_symm_contact.PDB_model_num     1 
_pdbx_validate_symm_contact.auth_atom_id_1    NH1 
_pdbx_validate_symm_contact.auth_asym_id_1    A 
_pdbx_validate_symm_contact.auth_comp_id_1    ARG 
_pdbx_validate_symm_contact.auth_seq_id_1     45 
_pdbx_validate_symm_contact.PDB_ins_code_1    ? 
_pdbx_validate_symm_contact.label_alt_id_1    ? 
_pdbx_validate_symm_contact.site_symmetry_1   1_555 
_pdbx_validate_symm_contact.auth_atom_id_2    O 
_pdbx_validate_symm_contact.auth_asym_id_2    A 
_pdbx_validate_symm_contact.auth_comp_id_2    PRO 
_pdbx_validate_symm_contact.auth_seq_id_2     120 
_pdbx_validate_symm_contact.PDB_ins_code_2    ? 
_pdbx_validate_symm_contact.label_alt_id_2    ? 
_pdbx_validate_symm_contact.site_symmetry_2   2_554 
_pdbx_validate_symm_contact.dist              2.16 
# 
_pdbx_validate_torsion.id              1 
_pdbx_validate_torsion.PDB_model_num   1 
_pdbx_validate_torsion.auth_comp_id    ASP 
_pdbx_validate_torsion.auth_asym_id    A 
_pdbx_validate_torsion.auth_seq_id     20 
_pdbx_validate_torsion.PDB_ins_code    ? 
_pdbx_validate_torsion.label_alt_id    ? 
_pdbx_validate_torsion.phi             -156.40 
_pdbx_validate_torsion.psi             74.04 
# 
loop_
_pdbx_unobs_or_zero_occ_atoms.id 
_pdbx_unobs_or_zero_occ_atoms.PDB_model_num 
_pdbx_unobs_or_zero_occ_atoms.polymer_flag 
_pdbx_unobs_or_zero_occ_atoms.occupancy_flag 
_pdbx_unobs_or_zero_occ_atoms.auth_asym_id 
_pdbx_unobs_or_zero_occ_atoms.auth_comp_id 
_pdbx_unobs_or_zero_occ_atoms.auth_seq_id 
_pdbx_unobs_or_zero_occ_atoms.PDB_ins_code 
_pdbx_unobs_or_zero_occ_atoms.auth_atom_id 
_pdbx_unobs_or_zero_occ_atoms.label_alt_id 
_pdbx_unobs_or_zero_occ_atoms.label_asym_id 
_pdbx_unobs_or_zero_occ_atoms.label_comp_id 
_pdbx_unobs_or_zero_occ_atoms.label_seq_id 
_pdbx_unobs_or_zero_occ_atoms.label_atom_id 
1  1 Y 1 A LEU 149 ? CG  ? A LEU 150 CG  
2  1 Y 1 A LEU 149 ? CD1 ? A LEU 150 CD1 
3  1 Y 1 A LEU 149 ? CD2 ? A LEU 150 CD2 
4  1 Y 1 A TYR 151 ? CG  ? A TYR 152 CG  
5  1 Y 1 A TYR 151 ? CD1 ? A TYR 152 CD1 
6  1 Y 1 A TYR 151 ? CD2 ? A TYR 152 CD2 
7  1 Y 1 A TYR 151 ? CE1 ? A TYR 152 CE1 
8  1 Y 1 A TYR 151 ? CE2 ? A TYR 152 CE2 
9  1 Y 1 A TYR 151 ? CZ  ? A TYR 152 CZ  
10 1 Y 1 A TYR 151 ? OH  ? A TYR 152 OH  
11 1 Y 1 A GLN 152 ? CG  ? A GLN 153 CG  
12 1 Y 1 A GLN 152 ? CD  ? A GLN 153 CD  
13 1 Y 1 A GLN 152 ? OE1 ? A GLN 153 OE1 
14 1 Y 1 A GLN 152 ? NE2 ? A GLN 153 NE2 
# 
_pdbx_unobs_or_zero_occ_residues.id               1 
_pdbx_unobs_or_zero_occ_residues.PDB_model_num    1 
_pdbx_unobs_or_zero_occ_residues.polymer_flag     Y 
_pdbx_unobs_or_zero_occ_residues.occupancy_flag   1 
_pdbx_unobs_or_zero_occ_residues.auth_asym_id     A 
_pdbx_unobs_or_zero_occ_residues.auth_comp_id     HIS 
_pdbx_unobs_or_zero_occ_residues.auth_seq_id      97 
_pdbx_unobs_or_zero_occ_residues.PDB_ins_code     ? 
_pdbx_unobs_or_zero_occ_residues.label_asym_id    A 
_pdbx_unobs_or_zero_occ_residues.label_comp_id    HIS 
_pdbx_unobs_or_zero_occ_residues.label_seq_id     98 
# 
loop_
_chem_comp_atom.comp_id 
_chem_comp_atom.atom_id 
_chem_comp_atom.type_symbol 
_chem_comp_atom.pdbx_aromatic_flag 
_chem_comp_atom.pdbx_stereo_config 
_chem_comp_atom.pdbx_ordinal 
ALA N    N  N N 1   
ALA CA   C  N S 2   
ALA C    C  N N 3   
ALA O    O  N N 4   
ALA CB   C  N N 5   
ALA OXT  O  N N 6   
ALA H    H  N N 7   
ALA H2   H  N N 8   
ALA HA   H  N N 9   
ALA HB1  H  N N 10  
ALA HB2  H  N N 11  
ALA HB3  H  N N 12  
ALA HXT  H  N N 13  
ARG N    N  N N 14  
ARG CA   C  N S 15  
ARG C    C  N N 16  
ARG O    O  N N 17  
ARG CB   C  N N 18  
ARG CG   C  N N 19  
ARG CD   C  N N 20  
ARG NE   N  N N 21  
ARG CZ   C  N N 22  
ARG NH1  N  N N 23  
ARG NH2  N  N N 24  
ARG OXT  O  N N 25  
ARG H    H  N N 26  
ARG H2   H  N N 27  
ARG HA   H  N N 28  
ARG HB2  H  N N 29  
ARG HB3  H  N N 30  
ARG HG2  H  N N 31  
ARG HG3  H  N N 32  
ARG HD2  H  N N 33  
ARG HD3  H  N N 34  
ARG HE   H  N N 35  
ARG HH11 H  N N 36  
ARG HH12 H  N N 37  
ARG HH21 H  N N 38  
ARG HH22 H  N N 39  
ARG HXT  H  N N 40  
ASN N    N  N N 41  
ASN CA   C  N S 42  
ASN C    C  N N 43  
ASN O    O  N N 44  
ASN CB   C  N N 45  
ASN CG   C  N N 46  
ASN OD1  O  N N 47  
ASN ND2  N  N N 48  
ASN OXT  O  N N 49  
ASN H    H  N N 50  
ASN H2   H  N N 51  
ASN HA   H  N N 52  
ASN HB2  H  N N 53  
ASN HB3  H  N N 54  
ASN HD21 H  N N 55  
ASN HD22 H  N N 56  
ASN HXT  H  N N 57  
ASP N    N  N N 58  
ASP CA   C  N S 59  
ASP C    C  N N 60  
ASP O    O  N N 61  
ASP CB   C  N N 62  
ASP CG   C  N N 63  
ASP OD1  O  N N 64  
ASP OD2  O  N N 65  
ASP OXT  O  N N 66  
ASP H    H  N N 67  
ASP H2   H  N N 68  
ASP HA   H  N N 69  
ASP HB2  H  N N 70  
ASP HB3  H  N N 71  
ASP HD2  H  N N 72  
ASP HXT  H  N N 73  
GLN N    N  N N 74  
GLN CA   C  N S 75  
GLN C    C  N N 76  
GLN O    O  N N 77  
GLN CB   C  N N 78  
GLN CG   C  N N 79  
GLN CD   C  N N 80  
GLN OE1  O  N N 81  
GLN NE2  N  N N 82  
GLN OXT  O  N N 83  
GLN H    H  N N 84  
GLN H2   H  N N 85  
GLN HA   H  N N 86  
GLN HB2  H  N N 87  
GLN HB3  H  N N 88  
GLN HG2  H  N N 89  
GLN HG3  H  N N 90  
GLN HE21 H  N N 91  
GLN HE22 H  N N 92  
GLN HXT  H  N N 93  
GLU N    N  N N 94  
GLU CA   C  N S 95  
GLU C    C  N N 96  
GLU O    O  N N 97  
GLU CB   C  N N 98  
GLU CG   C  N N 99  
GLU CD   C  N N 100 
GLU OE1  O  N N 101 
GLU OE2  O  N N 102 
GLU OXT  O  N N 103 
GLU H    H  N N 104 
GLU H2   H  N N 105 
GLU HA   H  N N 106 
GLU HB2  H  N N 107 
GLU HB3  H  N N 108 
GLU HG2  H  N N 109 
GLU HG3  H  N N 110 
GLU HE2  H  N N 111 
GLU HXT  H  N N 112 
GLY N    N  N N 113 
GLY CA   C  N N 114 
GLY C    C  N N 115 
GLY O    O  N N 116 
GLY OXT  O  N N 117 
GLY H    H  N N 118 
GLY H2   H  N N 119 
GLY HA2  H  N N 120 
GLY HA3  H  N N 121 
GLY HXT  H  N N 122 
HIS N    N  N N 123 
HIS CA   C  N S 124 
HIS C    C  N N 125 
HIS O    O  N N 126 
HIS CB   C  N N 127 
HIS CG   C  Y N 128 
HIS ND1  N  Y N 129 
HIS CD2  C  Y N 130 
HIS CE1  C  Y N 131 
HIS NE2  N  Y N 132 
HIS OXT  O  N N 133 
HIS H    H  N N 134 
HIS H2   H  N N 135 
HIS HA   H  N N 136 
HIS HB2  H  N N 137 
HIS HB3  H  N N 138 
HIS HD1  H  N N 139 
HIS HD2  H  N N 140 
HIS HE1  H  N N 141 
HIS HE2  H  N N 142 
HIS HXT  H  N N 143 
HOH O    O  N N 144 
HOH H1   H  N N 145 
HOH H2   H  N N 146 
ILE N    N  N N 147 
ILE CA   C  N S 148 
ILE C    C  N N 149 
ILE O    O  N N 150 
ILE CB   C  N S 151 
ILE CG1  C  N N 152 
ILE CG2  C  N N 153 
ILE CD1  C  N N 154 
ILE OXT  O  N N 155 
ILE H    H  N N 156 
ILE H2   H  N N 157 
ILE HA   H  N N 158 
ILE HB   H  N N 159 
ILE HG12 H  N N 160 
ILE HG13 H  N N 161 
ILE HG21 H  N N 162 
ILE HG22 H  N N 163 
ILE HG23 H  N N 164 
ILE HD11 H  N N 165 
ILE HD12 H  N N 166 
ILE HD13 H  N N 167 
ILE HXT  H  N N 168 
LEU N    N  N N 169 
LEU CA   C  N S 170 
LEU C    C  N N 171 
LEU O    O  N N 172 
LEU CB   C  N N 173 
LEU CG   C  N N 174 
LEU CD1  C  N N 175 
LEU CD2  C  N N 176 
LEU OXT  O  N N 177 
LEU H    H  N N 178 
LEU H2   H  N N 179 
LEU HA   H  N N 180 
LEU HB2  H  N N 181 
LEU HB3  H  N N 182 
LEU HG   H  N N 183 
LEU HD11 H  N N 184 
LEU HD12 H  N N 185 
LEU HD13 H  N N 186 
LEU HD21 H  N N 187 
LEU HD22 H  N N 188 
LEU HD23 H  N N 189 
LEU HXT  H  N N 190 
LYS N    N  N N 191 
LYS CA   C  N S 192 
LYS C    C  N N 193 
LYS O    O  N N 194 
LYS CB   C  N N 195 
LYS CG   C  N N 196 
LYS CD   C  N N 197 
LYS CE   C  N N 198 
LYS NZ   N  N N 199 
LYS OXT  O  N N 200 
LYS H    H  N N 201 
LYS H2   H  N N 202 
LYS HA   H  N N 203 
LYS HB2  H  N N 204 
LYS HB3  H  N N 205 
LYS HG2  H  N N 206 
LYS HG3  H  N N 207 
LYS HD2  H  N N 208 
LYS HD3  H  N N 209 
LYS HE2  H  N N 210 
LYS HE3  H  N N 211 
LYS HZ1  H  N N 212 
LYS HZ2  H  N N 213 
LYS HZ3  H  N N 214 
LYS HXT  H  N N 215 
MET N    N  N N 216 
MET CA   C  N S 217 
MET C    C  N N 218 
MET O    O  N N 219 
MET CB   C  N N 220 
MET CG   C  N N 221 
MET SD   S  N N 222 
MET CE   C  N N 223 
MET OXT  O  N N 224 
MET H    H  N N 225 
MET H2   H  N N 226 
MET HA   H  N N 227 
MET HB2  H  N N 228 
MET HB3  H  N N 229 
MET HG2  H  N N 230 
MET HG3  H  N N 231 
MET HE1  H  N N 232 
MET HE2  H  N N 233 
MET HE3  H  N N 234 
MET HXT  H  N N 235 
PHE N    N  N N 236 
PHE CA   C  N S 237 
PHE C    C  N N 238 
PHE O    O  N N 239 
PHE CB   C  N N 240 
PHE CG   C  Y N 241 
PHE CD1  C  Y N 242 
PHE CD2  C  Y N 243 
PHE CE1  C  Y N 244 
PHE CE2  C  Y N 245 
PHE CZ   C  Y N 246 
PHE OXT  O  N N 247 
PHE H    H  N N 248 
PHE H2   H  N N 249 
PHE HA   H  N N 250 
PHE HB2  H  N N 251 
PHE HB3  H  N N 252 
PHE HD1  H  N N 253 
PHE HD2  H  N N 254 
PHE HE1  H  N N 255 
PHE HE2  H  N N 256 
PHE HZ   H  N N 257 
PHE HXT  H  N N 258 
PO4 P    P  N N 259 
PO4 O1   O  N N 260 
PO4 O2   O  N N 261 
PO4 O3   O  N N 262 
PO4 O4   O  N N 263 
PRO N    N  N N 264 
PRO CA   C  N S 265 
PRO C    C  N N 266 
PRO O    O  N N 267 
PRO CB   C  N N 268 
PRO CG   C  N N 269 
PRO CD   C  N N 270 
PRO OXT  O  N N 271 
PRO H    H  N N 272 
PRO HA   H  N N 273 
PRO HB2  H  N N 274 
PRO HB3  H  N N 275 
PRO HG2  H  N N 276 
PRO HG3  H  N N 277 
PRO HD2  H  N N 278 
PRO HD3  H  N N 279 
PRO HXT  H  N N 280 
RHX C13  C  N S 281 
RHX C12  C  N N 282 
RHX C11  C  N N 283 
RHX C9   C  N S 284 
RHX C1   C  Y N 285 
RHX C2   C  Y N 286 
RHX C3   C  Y N 287 
RHX C8   C  N N 288 
RHX C7   C  N N 289 
RHX C4   C  Y N 290 
RHX C5   C  Y N 291 
RHX C6   C  Y N 292 
RHX RH1  RH N N 293 
RHX O2   O  N N 294 
RHX C21  C  Y N 295 
RHX C62  C  Y N 296 
RHX C61  C  Y N 297 
RHX C60  C  Y N 298 
RHX C59  C  Y N 299 
RHX C58  C  Y N 300 
RHX N2   N  N N 301 
RHX N1   N  N N 302 
RHX O1   O  N N 303 
RHX C17  C  Y N 304 
RHX C51  C  Y N 305 
RHX C50  C  Y N 306 
RHX C49  C  Y N 307 
RHX C48  C  Y N 308 
RHX C47  C  Y N 309 
RHX H13  H  N N 310 
RHX H121 H  N N 311 
RHX H122 H  N N 312 
RHX H9   H  N N 313 
RHX H3   H  N N 314 
RHX H81  H  N N 315 
RHX H82  H  N N 316 
RHX H4   H  N N 317 
RHX H5   H  N N 318 
RHX H62  H  N N 319 
RHX H61  H  N N 320 
RHX H60  H  N N 321 
RHX H59  H  N N 322 
RHX H58  H  N N 323 
RHX H51  H  N N 324 
RHX H50  H  N N 325 
RHX H49  H  N N 326 
RHX H48  H  N N 327 
RHX H47  H  N N 328 
SER N    N  N N 329 
SER CA   C  N S 330 
SER C    C  N N 331 
SER O    O  N N 332 
SER CB   C  N N 333 
SER OG   O  N N 334 
SER OXT  O  N N 335 
SER H    H  N N 336 
SER H2   H  N N 337 
SER HA   H  N N 338 
SER HB2  H  N N 339 
SER HB3  H  N N 340 
SER HG   H  N N 341 
SER HXT  H  N N 342 
THR N    N  N N 343 
THR CA   C  N S 344 
THR C    C  N N 345 
THR O    O  N N 346 
THR CB   C  N R 347 
THR OG1  O  N N 348 
THR CG2  C  N N 349 
THR OXT  O  N N 350 
THR H    H  N N 351 
THR H2   H  N N 352 
THR HA   H  N N 353 
THR HB   H  N N 354 
THR HG1  H  N N 355 
THR HG21 H  N N 356 
THR HG22 H  N N 357 
THR HG23 H  N N 358 
THR HXT  H  N N 359 
TRP N    N  N N 360 
TRP CA   C  N S 361 
TRP C    C  N N 362 
TRP O    O  N N 363 
TRP CB   C  N N 364 
TRP CG   C  Y N 365 
TRP CD1  C  Y N 366 
TRP CD2  C  Y N 367 
TRP NE1  N  Y N 368 
TRP CE2  C  Y N 369 
TRP CE3  C  Y N 370 
TRP CZ2  C  Y N 371 
TRP CZ3  C  Y N 372 
TRP CH2  C  Y N 373 
TRP OXT  O  N N 374 
TRP H    H  N N 375 
TRP H2   H  N N 376 
TRP HA   H  N N 377 
TRP HB2  H  N N 378 
TRP HB3  H  N N 379 
TRP HD1  H  N N 380 
TRP HE1  H  N N 381 
TRP HE3  H  N N 382 
TRP HZ2  H  N N 383 
TRP HZ3  H  N N 384 
TRP HH2  H  N N 385 
TRP HXT  H  N N 386 
TYR N    N  N N 387 
TYR CA   C  N S 388 
TYR C    C  N N 389 
TYR O    O  N N 390 
TYR CB   C  N N 391 
TYR CG   C  Y N 392 
TYR CD1  C  Y N 393 
TYR CD2  C  Y N 394 
TYR CE1  C  Y N 395 
TYR CE2  C  Y N 396 
TYR CZ   C  Y N 397 
TYR OH   O  N N 398 
TYR OXT  O  N N 399 
TYR H    H  N N 400 
TYR H2   H  N N 401 
TYR HA   H  N N 402 
TYR HB2  H  N N 403 
TYR HB3  H  N N 404 
TYR HD1  H  N N 405 
TYR HD2  H  N N 406 
TYR HE1  H  N N 407 
TYR HE2  H  N N 408 
TYR HH   H  N N 409 
TYR HXT  H  N N 410 
VAL N    N  N N 411 
VAL CA   C  N S 412 
VAL C    C  N N 413 
VAL O    O  N N 414 
VAL CB   C  N N 415 
VAL CG1  C  N N 416 
VAL CG2  C  N N 417 
VAL OXT  O  N N 418 
VAL H    H  N N 419 
VAL H2   H  N N 420 
VAL HA   H  N N 421 
VAL HB   H  N N 422 
VAL HG11 H  N N 423 
VAL HG12 H  N N 424 
VAL HG13 H  N N 425 
VAL HG21 H  N N 426 
VAL HG22 H  N N 427 
VAL HG23 H  N N 428 
VAL HXT  H  N N 429 
# 
loop_
_chem_comp_bond.comp_id 
_chem_comp_bond.atom_id_1 
_chem_comp_bond.atom_id_2 
_chem_comp_bond.value_order 
_chem_comp_bond.pdbx_aromatic_flag 
_chem_comp_bond.pdbx_stereo_config 
_chem_comp_bond.pdbx_ordinal 
ALA N   CA   sing N N 1   
ALA N   H    sing N N 2   
ALA N   H2   sing N N 3   
ALA CA  C    sing N N 4   
ALA CA  CB   sing N N 5   
ALA CA  HA   sing N N 6   
ALA C   O    doub N N 7   
ALA C   OXT  sing N N 8   
ALA CB  HB1  sing N N 9   
ALA CB  HB2  sing N N 10  
ALA CB  HB3  sing N N 11  
ALA OXT HXT  sing N N 12  
ARG N   CA   sing N N 13  
ARG N   H    sing N N 14  
ARG N   H2   sing N N 15  
ARG CA  C    sing N N 16  
ARG CA  CB   sing N N 17  
ARG CA  HA   sing N N 18  
ARG C   O    doub N N 19  
ARG C   OXT  sing N N 20  
ARG CB  CG   sing N N 21  
ARG CB  HB2  sing N N 22  
ARG CB  HB3  sing N N 23  
ARG CG  CD   sing N N 24  
ARG CG  HG2  sing N N 25  
ARG CG  HG3  sing N N 26  
ARG CD  NE   sing N N 27  
ARG CD  HD2  sing N N 28  
ARG CD  HD3  sing N N 29  
ARG NE  CZ   sing N N 30  
ARG NE  HE   sing N N 31  
ARG CZ  NH1  sing N N 32  
ARG CZ  NH2  doub N N 33  
ARG NH1 HH11 sing N N 34  
ARG NH1 HH12 sing N N 35  
ARG NH2 HH21 sing N N 36  
ARG NH2 HH22 sing N N 37  
ARG OXT HXT  sing N N 38  
ASN N   CA   sing N N 39  
ASN N   H    sing N N 40  
ASN N   H2   sing N N 41  
ASN CA  C    sing N N 42  
ASN CA  CB   sing N N 43  
ASN CA  HA   sing N N 44  
ASN C   O    doub N N 45  
ASN C   OXT  sing N N 46  
ASN CB  CG   sing N N 47  
ASN CB  HB2  sing N N 48  
ASN CB  HB3  sing N N 49  
ASN CG  OD1  doub N N 50  
ASN CG  ND2  sing N N 51  
ASN ND2 HD21 sing N N 52  
ASN ND2 HD22 sing N N 53  
ASN OXT HXT  sing N N 54  
ASP N   CA   sing N N 55  
ASP N   H    sing N N 56  
ASP N   H2   sing N N 57  
ASP CA  C    sing N N 58  
ASP CA  CB   sing N N 59  
ASP CA  HA   sing N N 60  
ASP C   O    doub N N 61  
ASP C   OXT  sing N N 62  
ASP CB  CG   sing N N 63  
ASP CB  HB2  sing N N 64  
ASP CB  HB3  sing N N 65  
ASP CG  OD1  doub N N 66  
ASP CG  OD2  sing N N 67  
ASP OD2 HD2  sing N N 68  
ASP OXT HXT  sing N N 69  
GLN N   CA   sing N N 70  
GLN N   H    sing N N 71  
GLN N   H2   sing N N 72  
GLN CA  C    sing N N 73  
GLN CA  CB   sing N N 74  
GLN CA  HA   sing N N 75  
GLN C   O    doub N N 76  
GLN C   OXT  sing N N 77  
GLN CB  CG   sing N N 78  
GLN CB  HB2  sing N N 79  
GLN CB  HB3  sing N N 80  
GLN CG  CD   sing N N 81  
GLN CG  HG2  sing N N 82  
GLN CG  HG3  sing N N 83  
GLN CD  OE1  doub N N 84  
GLN CD  NE2  sing N N 85  
GLN NE2 HE21 sing N N 86  
GLN NE2 HE22 sing N N 87  
GLN OXT HXT  sing N N 88  
GLU N   CA   sing N N 89  
GLU N   H    sing N N 90  
GLU N   H2   sing N N 91  
GLU CA  C    sing N N 92  
GLU CA  CB   sing N N 93  
GLU CA  HA   sing N N 94  
GLU C   O    doub N N 95  
GLU C   OXT  sing N N 96  
GLU CB  CG   sing N N 97  
GLU CB  HB2  sing N N 98  
GLU CB  HB3  sing N N 99  
GLU CG  CD   sing N N 100 
GLU CG  HG2  sing N N 101 
GLU CG  HG3  sing N N 102 
GLU CD  OE1  doub N N 103 
GLU CD  OE2  sing N N 104 
GLU OE2 HE2  sing N N 105 
GLU OXT HXT  sing N N 106 
GLY N   CA   sing N N 107 
GLY N   H    sing N N 108 
GLY N   H2   sing N N 109 
GLY CA  C    sing N N 110 
GLY CA  HA2  sing N N 111 
GLY CA  HA3  sing N N 112 
GLY C   O    doub N N 113 
GLY C   OXT  sing N N 114 
GLY OXT HXT  sing N N 115 
HIS N   CA   sing N N 116 
HIS N   H    sing N N 117 
HIS N   H2   sing N N 118 
HIS CA  C    sing N N 119 
HIS CA  CB   sing N N 120 
HIS CA  HA   sing N N 121 
HIS C   O    doub N N 122 
HIS C   OXT  sing N N 123 
HIS CB  CG   sing N N 124 
HIS CB  HB2  sing N N 125 
HIS CB  HB3  sing N N 126 
HIS CG  ND1  sing Y N 127 
HIS CG  CD2  doub Y N 128 
HIS ND1 CE1  doub Y N 129 
HIS ND1 HD1  sing N N 130 
HIS CD2 NE2  sing Y N 131 
HIS CD2 HD2  sing N N 132 
HIS CE1 NE2  sing Y N 133 
HIS CE1 HE1  sing N N 134 
HIS NE2 HE2  sing N N 135 
HIS OXT HXT  sing N N 136 
HOH O   H1   sing N N 137 
HOH O   H2   sing N N 138 
ILE N   CA   sing N N 139 
ILE N   H    sing N N 140 
ILE N   H2   sing N N 141 
ILE CA  C    sing N N 142 
ILE CA  CB   sing N N 143 
ILE CA  HA   sing N N 144 
ILE C   O    doub N N 145 
ILE C   OXT  sing N N 146 
ILE CB  CG1  sing N N 147 
ILE CB  CG2  sing N N 148 
ILE CB  HB   sing N N 149 
ILE CG1 CD1  sing N N 150 
ILE CG1 HG12 sing N N 151 
ILE CG1 HG13 sing N N 152 
ILE CG2 HG21 sing N N 153 
ILE CG2 HG22 sing N N 154 
ILE CG2 HG23 sing N N 155 
ILE CD1 HD11 sing N N 156 
ILE CD1 HD12 sing N N 157 
ILE CD1 HD13 sing N N 158 
ILE OXT HXT  sing N N 159 
LEU N   CA   sing N N 160 
LEU N   H    sing N N 161 
LEU N   H2   sing N N 162 
LEU CA  C    sing N N 163 
LEU CA  CB   sing N N 164 
LEU CA  HA   sing N N 165 
LEU C   O    doub N N 166 
LEU C   OXT  sing N N 167 
LEU CB  CG   sing N N 168 
LEU CB  HB2  sing N N 169 
LEU CB  HB3  sing N N 170 
LEU CG  CD1  sing N N 171 
LEU CG  CD2  sing N N 172 
LEU CG  HG   sing N N 173 
LEU CD1 HD11 sing N N 174 
LEU CD1 HD12 sing N N 175 
LEU CD1 HD13 sing N N 176 
LEU CD2 HD21 sing N N 177 
LEU CD2 HD22 sing N N 178 
LEU CD2 HD23 sing N N 179 
LEU OXT HXT  sing N N 180 
LYS N   CA   sing N N 181 
LYS N   H    sing N N 182 
LYS N   H2   sing N N 183 
LYS CA  C    sing N N 184 
LYS CA  CB   sing N N 185 
LYS CA  HA   sing N N 186 
LYS C   O    doub N N 187 
LYS C   OXT  sing N N 188 
LYS CB  CG   sing N N 189 
LYS CB  HB2  sing N N 190 
LYS CB  HB3  sing N N 191 
LYS CG  CD   sing N N 192 
LYS CG  HG2  sing N N 193 
LYS CG  HG3  sing N N 194 
LYS CD  CE   sing N N 195 
LYS CD  HD2  sing N N 196 
LYS CD  HD3  sing N N 197 
LYS CE  NZ   sing N N 198 
LYS CE  HE2  sing N N 199 
LYS CE  HE3  sing N N 200 
LYS NZ  HZ1  sing N N 201 
LYS NZ  HZ2  sing N N 202 
LYS NZ  HZ3  sing N N 203 
LYS OXT HXT  sing N N 204 
MET N   CA   sing N N 205 
MET N   H    sing N N 206 
MET N   H2   sing N N 207 
MET CA  C    sing N N 208 
MET CA  CB   sing N N 209 
MET CA  HA   sing N N 210 
MET C   O    doub N N 211 
MET C   OXT  sing N N 212 
MET CB  CG   sing N N 213 
MET CB  HB2  sing N N 214 
MET CB  HB3  sing N N 215 
MET CG  SD   sing N N 216 
MET CG  HG2  sing N N 217 
MET CG  HG3  sing N N 218 
MET SD  CE   sing N N 219 
MET CE  HE1  sing N N 220 
MET CE  HE2  sing N N 221 
MET CE  HE3  sing N N 222 
MET OXT HXT  sing N N 223 
PHE N   CA   sing N N 224 
PHE N   H    sing N N 225 
PHE N   H2   sing N N 226 
PHE CA  C    sing N N 227 
PHE CA  CB   sing N N 228 
PHE CA  HA   sing N N 229 
PHE C   O    doub N N 230 
PHE C   OXT  sing N N 231 
PHE CB  CG   sing N N 232 
PHE CB  HB2  sing N N 233 
PHE CB  HB3  sing N N 234 
PHE CG  CD1  doub Y N 235 
PHE CG  CD2  sing Y N 236 
PHE CD1 CE1  sing Y N 237 
PHE CD1 HD1  sing N N 238 
PHE CD2 CE2  doub Y N 239 
PHE CD2 HD2  sing N N 240 
PHE CE1 CZ   doub Y N 241 
PHE CE1 HE1  sing N N 242 
PHE CE2 CZ   sing Y N 243 
PHE CE2 HE2  sing N N 244 
PHE CZ  HZ   sing N N 245 
PHE OXT HXT  sing N N 246 
PO4 P   O1   doub N N 247 
PO4 P   O2   sing N N 248 
PO4 P   O3   sing N N 249 
PO4 P   O4   sing N N 250 
PRO N   CA   sing N N 251 
PRO N   CD   sing N N 252 
PRO N   H    sing N N 253 
PRO CA  C    sing N N 254 
PRO CA  CB   sing N N 255 
PRO CA  HA   sing N N 256 
PRO C   O    doub N N 257 
PRO C   OXT  sing N N 258 
PRO CB  CG   sing N N 259 
PRO CB  HB2  sing N N 260 
PRO CB  HB3  sing N N 261 
PRO CG  CD   sing N N 262 
PRO CG  HG2  sing N N 263 
PRO CG  HG3  sing N N 264 
PRO CD  HD2  sing N N 265 
PRO CD  HD3  sing N N 266 
PRO OXT HXT  sing N N 267 
RHX C13 C12  sing N N 268 
RHX C13 C21  sing N N 269 
RHX C13 N2   sing N N 270 
RHX C13 H13  sing N N 271 
RHX C12 O2   sing N N 272 
RHX C12 H121 sing N N 273 
RHX C12 H122 sing N N 274 
RHX C11 O2   sing N N 275 
RHX C11 N2   doub N N 276 
RHX C11 C6   sing N N 277 
RHX C9  N1   sing N N 278 
RHX C9  C17  sing N N 279 
RHX C9  C8   sing N N 280 
RHX C9  H9   sing N N 281 
RHX C1  C6   doub Y N 282 
RHX C1  RH1  sing N N 283 
RHX C1  C2   sing Y N 284 
RHX C2  C3   doub Y N 285 
RHX C2  C7   sing N N 286 
RHX C3  C4   sing Y N 287 
RHX C3  H3   sing N N 288 
RHX C8  O1   sing N N 289 
RHX C8  H81  sing N N 290 
RHX C8  H82  sing N N 291 
RHX C7  N1   doub N N 292 
RHX C7  O1   sing N N 293 
RHX C4  C5   doub Y N 294 
RHX C4  H4   sing N N 295 
RHX C5  C6   sing Y N 296 
RHX C5  H5   sing N N 297 
RHX RH1 N2   sing N N 298 
RHX RH1 N1   sing N N 299 
RHX C21 C58  doub Y N 300 
RHX C21 C62  sing Y N 301 
RHX C62 C61  doub Y N 302 
RHX C62 H62  sing N N 303 
RHX C61 C60  sing Y N 304 
RHX C61 H61  sing N N 305 
RHX C60 C59  doub Y N 306 
RHX C60 H60  sing N N 307 
RHX C59 C58  sing Y N 308 
RHX C59 H59  sing N N 309 
RHX C58 H58  sing N N 310 
RHX C17 C51  sing Y N 311 
RHX C17 C47  doub Y N 312 
RHX C51 C50  doub Y N 313 
RHX C51 H51  sing N N 314 
RHX C50 C49  sing Y N 315 
RHX C50 H50  sing N N 316 
RHX C49 C48  doub Y N 317 
RHX C49 H49  sing N N 318 
RHX C48 C47  sing Y N 319 
RHX C48 H48  sing N N 320 
RHX C47 H47  sing N N 321 
SER N   CA   sing N N 322 
SER N   H    sing N N 323 
SER N   H2   sing N N 324 
SER CA  C    sing N N 325 
SER CA  CB   sing N N 326 
SER CA  HA   sing N N 327 
SER C   O    doub N N 328 
SER C   OXT  sing N N 329 
SER CB  OG   sing N N 330 
SER CB  HB2  sing N N 331 
SER CB  HB3  sing N N 332 
SER OG  HG   sing N N 333 
SER OXT HXT  sing N N 334 
THR N   CA   sing N N 335 
THR N   H    sing N N 336 
THR N   H2   sing N N 337 
THR CA  C    sing N N 338 
THR CA  CB   sing N N 339 
THR CA  HA   sing N N 340 
THR C   O    doub N N 341 
THR C   OXT  sing N N 342 
THR CB  OG1  sing N N 343 
THR CB  CG2  sing N N 344 
THR CB  HB   sing N N 345 
THR OG1 HG1  sing N N 346 
THR CG2 HG21 sing N N 347 
THR CG2 HG22 sing N N 348 
THR CG2 HG23 sing N N 349 
THR OXT HXT  sing N N 350 
TRP N   CA   sing N N 351 
TRP N   H    sing N N 352 
TRP N   H2   sing N N 353 
TRP CA  C    sing N N 354 
TRP CA  CB   sing N N 355 
TRP CA  HA   sing N N 356 
TRP C   O    doub N N 357 
TRP C   OXT  sing N N 358 
TRP CB  CG   sing N N 359 
TRP CB  HB2  sing N N 360 
TRP CB  HB3  sing N N 361 
TRP CG  CD1  doub Y N 362 
TRP CG  CD2  sing Y N 363 
TRP CD1 NE1  sing Y N 364 
TRP CD1 HD1  sing N N 365 
TRP CD2 CE2  doub Y N 366 
TRP CD2 CE3  sing Y N 367 
TRP NE1 CE2  sing Y N 368 
TRP NE1 HE1  sing N N 369 
TRP CE2 CZ2  sing Y N 370 
TRP CE3 CZ3  doub Y N 371 
TRP CE3 HE3  sing N N 372 
TRP CZ2 CH2  doub Y N 373 
TRP CZ2 HZ2  sing N N 374 
TRP CZ3 CH2  sing Y N 375 
TRP CZ3 HZ3  sing N N 376 
TRP CH2 HH2  sing N N 377 
TRP OXT HXT  sing N N 378 
TYR N   CA   sing N N 379 
TYR N   H    sing N N 380 
TYR N   H2   sing N N 381 
TYR CA  C    sing N N 382 
TYR CA  CB   sing N N 383 
TYR CA  HA   sing N N 384 
TYR C   O    doub N N 385 
TYR C   OXT  sing N N 386 
TYR CB  CG   sing N N 387 
TYR CB  HB2  sing N N 388 
TYR CB  HB3  sing N N 389 
TYR CG  CD1  doub Y N 390 
TYR CG  CD2  sing Y N 391 
TYR CD1 CE1  sing Y N 392 
TYR CD1 HD1  sing N N 393 
TYR CD2 CE2  doub Y N 394 
TYR CD2 HD2  sing N N 395 
TYR CE1 CZ   doub Y N 396 
TYR CE1 HE1  sing N N 397 
TYR CE2 CZ   sing Y N 398 
TYR CE2 HE2  sing N N 399 
TYR CZ  OH   sing N N 400 
TYR OH  HH   sing N N 401 
TYR OXT HXT  sing N N 402 
VAL N   CA   sing N N 403 
VAL N   H    sing N N 404 
VAL N   H2   sing N N 405 
VAL CA  C    sing N N 406 
VAL CA  CB   sing N N 407 
VAL CA  HA   sing N N 408 
VAL C   O    doub N N 409 
VAL C   OXT  sing N N 410 
VAL CB  CG1  sing N N 411 
VAL CB  CG2  sing N N 412 
VAL CB  HB   sing N N 413 
VAL CG1 HG11 sing N N 414 
VAL CG1 HG12 sing N N 415 
VAL CG1 HG13 sing N N 416 
VAL CG2 HG21 sing N N 417 
VAL CG2 HG22 sing N N 418 
VAL CG2 HG23 sing N N 419 
VAL OXT HXT  sing N N 420 
# 
loop_
_pdbx_entity_nonpoly.entity_id 
_pdbx_entity_nonpoly.name 
_pdbx_entity_nonpoly.comp_id 
2 'PHOSPHATE ION'                                     PO4 
3 '[2,6-BIS(4-PHENYL)-1,3-OXAZOLIN-2-YL]RHODIUM(III)' RHX 
4 water                                               HOH 
# 
_pdbx_initial_refinement_model.id               1 
_pdbx_initial_refinement_model.entity_id_list   ? 
_pdbx_initial_refinement_model.type             'experimental model' 
_pdbx_initial_refinement_model.source_name      PDB 
_pdbx_initial_refinement_model.accession_code   1VFJ 
_pdbx_initial_refinement_model.details          ? 
# 
